data_3M3O
# 
_entry.id   3M3O 
# 
_audit_conform.dict_name       mmcif_pdbx.dic 
_audit_conform.dict_version    5.380 
_audit_conform.dict_location   http://mmcif.pdb.org/dictionaries/ascii/mmcif_pdbx.dic 
# 
loop_
_database_2.database_id 
_database_2.database_code 
_database_2.pdbx_database_accession 
_database_2.pdbx_DOI 
PDB   3M3O         pdb_00003m3o 10.2210/pdb3m3o/pdb 
RCSB  RCSB058067   ?            ?                   
WWPDB D_1000058067 ?            ?                   
# 
loop_
_pdbx_database_related.db_name 
_pdbx_database_related.db_id 
_pdbx_database_related.details 
_pdbx_database_related.content_type 
PDB 3AFK 'AAL complexed with Thomsen-Friedenreich antigen'               unspecified 
PDB 3M3C 'AAL complexed with  p-Nitrophenyl TF disaccharide'             unspecified 
PDB 3M3E 'AAL nutant E66A complexed with  p-Nitrophenyl TF disaccharide' unspecified 
PDB 3M3Q 'AAL complexed with Ganglosides GM1 pentasaccharide'            unspecified 
# 
_pdbx_database_status.entry_id                        3M3O 
_pdbx_database_status.deposit_site                    RCSB 
_pdbx_database_status.process_site                    PDBJ 
_pdbx_database_status.recvd_initial_deposition_date   2010-03-09 
_pdbx_database_status.status_code                     REL 
_pdbx_database_status.status_code_sf                  REL 
_pdbx_database_status.status_code_mr                  ? 
_pdbx_database_status.SG_entry                        ? 
_pdbx_database_status.status_code_cs                  ? 
_pdbx_database_status.pdb_format_compatible           Y 
_pdbx_database_status.status_code_nmr_data            ? 
_pdbx_database_status.methods_development_category    ? 
# 
loop_
_audit_author.name 
_audit_author.pdbx_ordinal 
'Feng, L.' 1 
'Li, D.'   2 
'Wang, D.' 3 
# 
_citation.id                        primary 
_citation.title                     
'Structural insights into the recognition mechanism between an antitumor galectin AAL and the Thomsen-Friedenreich antigen' 
_citation.journal_abbrev            'Faseb J.' 
_citation.journal_volume            24 
_citation.page_first                3861 
_citation.page_last                 3868 
_citation.year                      2010 
_citation.journal_id_ASTM           FAJOEC 
_citation.country                   US 
_citation.journal_id_ISSN           0892-6638 
_citation.journal_id_CSD            2074 
_citation.book_publisher            ? 
_citation.pdbx_database_id_PubMed   20530247 
_citation.pdbx_database_id_DOI      10.1096/fj.10-159111 
# 
loop_
_citation_author.citation_id 
_citation_author.name 
_citation_author.ordinal 
_citation_author.identifier_ORCID 
primary 'Feng, L.'   1 ? 
primary 'Sun, H.'    2 ? 
primary 'Zhang, Y.'  3 ? 
primary 'Li, D.F.'   4 ? 
primary 'Wang, D.C.' 5 ? 
# 
_cell.entry_id           3M3O 
_cell.length_a           42.560 
_cell.length_b           42.560 
_cell.length_c           125.300 
_cell.angle_alpha        90.000 
_cell.angle_beta         90.000 
_cell.angle_gamma        120.000 
_cell.pdbx_unique_axis   ? 
_cell.Z_PDB              6 
_cell.length_a_esd       ? 
_cell.length_b_esd       ? 
_cell.length_c_esd       ? 
_cell.angle_alpha_esd    ? 
_cell.angle_beta_esd     ? 
_cell.angle_gamma_esd    ? 
# 
_symmetry.entry_id                         3M3O 
_symmetry.space_group_name_H-M             'P 32 2 1' 
_symmetry.Int_Tables_number                154 
_symmetry.pdbx_full_space_group_name_H-M   ? 
_symmetry.cell_setting                     ? 
_symmetry.space_group_name_Hall            ? 
# 
loop_
_entity.id 
_entity.type 
_entity.src_method 
_entity.pdbx_description 
_entity.formula_weight 
_entity.pdbx_number_of_molecules 
_entity.pdbx_ec 
_entity.pdbx_mutation 
_entity.pdbx_fragment 
_entity.details 
1 polymer     man 'Anti-tumor lectin'                                                        16891.684 1  3.1.21.- R85A ? ? 
2 branched    man 'beta-D-galactopyranose-(1-3)-2-acetamido-2-deoxy-alpha-D-galactopyranose' 383.349   1  ?        ?    ? ? 
3 non-polymer syn P-NITROPHENOL                                                              139.109   1  ?        ?    ? ? 
4 non-polymer syn '2-[BIS-(2-HYDROXY-ETHYL)-AMINO]-2-HYDROXYMETHYL-PROPANE-1,3-DIOL'         209.240   1  ?        ?    ? ? 
5 water       nat water                                                                      18.015    55 ?        ?    ? ? 
# 
loop_
_entity_name_com.entity_id 
_entity_name_com.name 
1 AAL                            
2 'Thomsen-Friedenreich antigen' 
# 
_entity_poly.entity_id                      1 
_entity_poly.type                           'polypeptide(L)' 
_entity_poly.nstd_linkage                   no 
_entity_poly.nstd_monomer                   no 
_entity_poly.pdbx_seq_one_letter_code       
;QGVNIYNISAGTSVDLAAPVTTGDIVTFFSSALNLNAGAGNPNNTTLNLFAENGAYLLHIAFRLQENVIIFNSRQPDGPW
LVEQAVSDVANQFAGIDGKAMVTVFDHGDKYQVVINEKTVIQYTKQISGLTSSLSYNATEETSIFSTVVEAVTYTGLA
;
_entity_poly.pdbx_seq_one_letter_code_can   
;QGVNIYNISAGTSVDLAAPVTTGDIVTFFSSALNLNAGAGNPNNTTLNLFAENGAYLLHIAFRLQENVIIFNSRQPDGPW
LVEQAVSDVANQFAGIDGKAMVTVFDHGDKYQVVINEKTVIQYTKQISGLTSSLSYNATEETSIFSTVVEAVTYTGLA
;
_entity_poly.pdbx_strand_id                 A 
_entity_poly.pdbx_target_identifier         ? 
# 
loop_
_entity_poly_seq.entity_id 
_entity_poly_seq.num 
_entity_poly_seq.mon_id 
_entity_poly_seq.hetero 
1 1   GLN n 
1 2   GLY n 
1 3   VAL n 
1 4   ASN n 
1 5   ILE n 
1 6   TYR n 
1 7   ASN n 
1 8   ILE n 
1 9   SER n 
1 10  ALA n 
1 11  GLY n 
1 12  THR n 
1 13  SER n 
1 14  VAL n 
1 15  ASP n 
1 16  LEU n 
1 17  ALA n 
1 18  ALA n 
1 19  PRO n 
1 20  VAL n 
1 21  THR n 
1 22  THR n 
1 23  GLY n 
1 24  ASP n 
1 25  ILE n 
1 26  VAL n 
1 27  THR n 
1 28  PHE n 
1 29  PHE n 
1 30  SER n 
1 31  SER n 
1 32  ALA n 
1 33  LEU n 
1 34  ASN n 
1 35  LEU n 
1 36  ASN n 
1 37  ALA n 
1 38  GLY n 
1 39  ALA n 
1 40  GLY n 
1 41  ASN n 
1 42  PRO n 
1 43  ASN n 
1 44  ASN n 
1 45  THR n 
1 46  THR n 
1 47  LEU n 
1 48  ASN n 
1 49  LEU n 
1 50  PHE n 
1 51  ALA n 
1 52  GLU n 
1 53  ASN n 
1 54  GLY n 
1 55  ALA n 
1 56  TYR n 
1 57  LEU n 
1 58  LEU n 
1 59  HIS n 
1 60  ILE n 
1 61  ALA n 
1 62  PHE n 
1 63  ARG n 
1 64  LEU n 
1 65  GLN n 
1 66  GLU n 
1 67  ASN n 
1 68  VAL n 
1 69  ILE n 
1 70  ILE n 
1 71  PHE n 
1 72  ASN n 
1 73  SER n 
1 74  ARG n 
1 75  GLN n 
1 76  PRO n 
1 77  ASP n 
1 78  GLY n 
1 79  PRO n 
1 80  TRP n 
1 81  LEU n 
1 82  VAL n 
1 83  GLU n 
1 84  GLN n 
1 85  ALA n 
1 86  VAL n 
1 87  SER n 
1 88  ASP n 
1 89  VAL n 
1 90  ALA n 
1 91  ASN n 
1 92  GLN n 
1 93  PHE n 
1 94  ALA n 
1 95  GLY n 
1 96  ILE n 
1 97  ASP n 
1 98  GLY n 
1 99  LYS n 
1 100 ALA n 
1 101 MET n 
1 102 VAL n 
1 103 THR n 
1 104 VAL n 
1 105 PHE n 
1 106 ASP n 
1 107 HIS n 
1 108 GLY n 
1 109 ASP n 
1 110 LYS n 
1 111 TYR n 
1 112 GLN n 
1 113 VAL n 
1 114 VAL n 
1 115 ILE n 
1 116 ASN n 
1 117 GLU n 
1 118 LYS n 
1 119 THR n 
1 120 VAL n 
1 121 ILE n 
1 122 GLN n 
1 123 TYR n 
1 124 THR n 
1 125 LYS n 
1 126 GLN n 
1 127 ILE n 
1 128 SER n 
1 129 GLY n 
1 130 LEU n 
1 131 THR n 
1 132 SER n 
1 133 SER n 
1 134 LEU n 
1 135 SER n 
1 136 TYR n 
1 137 ASN n 
1 138 ALA n 
1 139 THR n 
1 140 GLU n 
1 141 GLU n 
1 142 THR n 
1 143 SER n 
1 144 ILE n 
1 145 PHE n 
1 146 SER n 
1 147 THR n 
1 148 VAL n 
1 149 VAL n 
1 150 GLU n 
1 151 ALA n 
1 152 VAL n 
1 153 THR n 
1 154 TYR n 
1 155 THR n 
1 156 GLY n 
1 157 LEU n 
1 158 ALA n 
# 
_entity_src_gen.entity_id                          1 
_entity_src_gen.pdbx_src_id                        1 
_entity_src_gen.pdbx_alt_source_flag               sample 
_entity_src_gen.pdbx_seq_type                      ? 
_entity_src_gen.pdbx_beg_seq_num                   ? 
_entity_src_gen.pdbx_end_seq_num                   ? 
_entity_src_gen.gene_src_common_name               'Black poplar mushroom' 
_entity_src_gen.gene_src_genus                     ? 
_entity_src_gen.pdbx_gene_src_gene                 AAL 
_entity_src_gen.gene_src_species                   ? 
_entity_src_gen.gene_src_strain                    ? 
_entity_src_gen.gene_src_tissue                    ? 
_entity_src_gen.gene_src_tissue_fraction           ? 
_entity_src_gen.gene_src_details                   ? 
_entity_src_gen.pdbx_gene_src_fragment             ? 
_entity_src_gen.pdbx_gene_src_scientific_name      'Agrocybe aegerita' 
_entity_src_gen.pdbx_gene_src_ncbi_taxonomy_id     5400 
_entity_src_gen.pdbx_gene_src_variant              ? 
_entity_src_gen.pdbx_gene_src_cell_line            ? 
_entity_src_gen.pdbx_gene_src_atcc                 ? 
_entity_src_gen.pdbx_gene_src_organ                ? 
_entity_src_gen.pdbx_gene_src_organelle            ? 
_entity_src_gen.pdbx_gene_src_cell                 ? 
_entity_src_gen.pdbx_gene_src_cellular_location    ? 
_entity_src_gen.host_org_common_name               ? 
_entity_src_gen.pdbx_host_org_scientific_name      'Escherichia coli' 
_entity_src_gen.pdbx_host_org_ncbi_taxonomy_id     562 
_entity_src_gen.host_org_genus                     ? 
_entity_src_gen.pdbx_host_org_gene                 ? 
_entity_src_gen.pdbx_host_org_organ                ? 
_entity_src_gen.host_org_species                   ? 
_entity_src_gen.pdbx_host_org_tissue               ? 
_entity_src_gen.pdbx_host_org_tissue_fraction      ? 
_entity_src_gen.pdbx_host_org_strain               'BL21(DE3)' 
_entity_src_gen.pdbx_host_org_variant              ? 
_entity_src_gen.pdbx_host_org_cell_line            ? 
_entity_src_gen.pdbx_host_org_atcc                 ? 
_entity_src_gen.pdbx_host_org_culture_collection   ? 
_entity_src_gen.pdbx_host_org_cell                 ? 
_entity_src_gen.pdbx_host_org_organelle            ? 
_entity_src_gen.pdbx_host_org_cellular_location    ? 
_entity_src_gen.pdbx_host_org_vector_type          plasmid 
_entity_src_gen.pdbx_host_org_vector               ? 
_entity_src_gen.host_org_details                   ? 
_entity_src_gen.expression_system_id               ? 
_entity_src_gen.plasmid_name                       pET22b 
_entity_src_gen.plasmid_details                    ? 
_entity_src_gen.pdbx_description                   ? 
# 
_struct_ref.id                         1 
_struct_ref.db_name                    UNP 
_struct_ref.db_code                    ATLE_AGRAE 
_struct_ref.pdbx_db_accession          Q6WY08 
_struct_ref.entity_id                  1 
_struct_ref.pdbx_seq_one_letter_code   
;QGVNIYNISAGTSVDLAAPVTTGDIVTFFSSALNLNAGAGNPNNTTLNLFAENGAYLLHIAFRLQENVIIFNSRQPDGPW
LVEQRVSDVANQFAGIDGKAMVTVFDHGDKYQVVINEKTVIQYTKQISGLTLSLSYNATEETSIFSTVVEAVTYTGLA
;
_struct_ref.pdbx_align_begin           1 
_struct_ref.pdbx_db_isoform            ? 
# 
_struct_ref_seq.align_id                      1 
_struct_ref_seq.ref_id                        1 
_struct_ref_seq.pdbx_PDB_id_code              3M3O 
_struct_ref_seq.pdbx_strand_id                A 
_struct_ref_seq.seq_align_beg                 1 
_struct_ref_seq.pdbx_seq_align_beg_ins_code   ? 
_struct_ref_seq.seq_align_end                 158 
_struct_ref_seq.pdbx_seq_align_end_ins_code   ? 
_struct_ref_seq.pdbx_db_accession             Q6WY08 
_struct_ref_seq.db_align_beg                  1 
_struct_ref_seq.pdbx_db_align_beg_ins_code    ? 
_struct_ref_seq.db_align_end                  158 
_struct_ref_seq.pdbx_db_align_end_ins_code    ? 
_struct_ref_seq.pdbx_auth_seq_align_beg       1 
_struct_ref_seq.pdbx_auth_seq_align_end       158 
# 
loop_
_struct_ref_seq_dif.align_id 
_struct_ref_seq_dif.pdbx_pdb_id_code 
_struct_ref_seq_dif.mon_id 
_struct_ref_seq_dif.pdbx_pdb_strand_id 
_struct_ref_seq_dif.seq_num 
_struct_ref_seq_dif.pdbx_pdb_ins_code 
_struct_ref_seq_dif.pdbx_seq_db_name 
_struct_ref_seq_dif.pdbx_seq_db_accession_code 
_struct_ref_seq_dif.db_mon_id 
_struct_ref_seq_dif.pdbx_seq_db_seq_num 
_struct_ref_seq_dif.details 
_struct_ref_seq_dif.pdbx_auth_seq_num 
_struct_ref_seq_dif.pdbx_ordinal 
1 3M3O ALA A 85  ? UNP Q6WY08 ARG 85  'engineered mutation' 85  1 
1 3M3O SER A 132 ? UNP Q6WY08 LEU 132 'SEE REMARK 999'      132 2 
# 
loop_
_chem_comp.id 
_chem_comp.type 
_chem_comp.mon_nstd_flag 
_chem_comp.name 
_chem_comp.pdbx_synonyms 
_chem_comp.formula 
_chem_comp.formula_weight 
A2G 'D-saccharide, alpha linking' . 2-acetamido-2-deoxy-alpha-D-galactopyranose                        
;N-acetyl-alpha-D-galactosamine; 2-acetamido-2-deoxy-alpha-D-galactose; 2-acetamido-2-deoxy-D-galactose; 2-acetamido-2-deoxy-galactose; N-ACETYL-2-DEOXY-2-AMINO-GALACTOSE
;
'C8 H15 N O6'    221.208 
ALA 'L-peptide linking'           y ALANINE                                                            ? 'C3 H7 N O2'     89.093  
ARG 'L-peptide linking'           y ARGININE                                                           ? 'C6 H15 N4 O2 1' 175.209 
ASN 'L-peptide linking'           y ASPARAGINE                                                         ? 'C4 H8 N2 O3'    132.118 
ASP 'L-peptide linking'           y 'ASPARTIC ACID'                                                    ? 'C4 H7 N O4'     133.103 
BTB non-polymer                   . '2-[BIS-(2-HYDROXY-ETHYL)-AMINO]-2-HYDROXYMETHYL-PROPANE-1,3-DIOL' 'BIS-TRIS BUFFER' 
'C8 H19 N O5'    209.240 
GAL 'D-saccharide, beta linking'  . beta-D-galactopyranose                                             
'beta-D-galactose; D-galactose; galactose' 'C6 H12 O6'      180.156 
GLN 'L-peptide linking'           y GLUTAMINE                                                          ? 'C5 H10 N2 O3'   146.144 
GLU 'L-peptide linking'           y 'GLUTAMIC ACID'                                                    ? 'C5 H9 N O4'     147.129 
GLY 'peptide linking'             y GLYCINE                                                            ? 'C2 H5 N O2'     75.067  
HIS 'L-peptide linking'           y HISTIDINE                                                          ? 'C6 H10 N3 O2 1' 156.162 
HOH non-polymer                   . WATER                                                              ? 'H2 O'           18.015  
ILE 'L-peptide linking'           y ISOLEUCINE                                                         ? 'C6 H13 N O2'    131.173 
LEU 'L-peptide linking'           y LEUCINE                                                            ? 'C6 H13 N O2'    131.173 
LYS 'L-peptide linking'           y LYSINE                                                             ? 'C6 H15 N2 O2 1' 147.195 
MET 'L-peptide linking'           y METHIONINE                                                         ? 'C5 H11 N O2 S'  149.211 
NPO non-polymer                   . P-NITROPHENOL                                                      ? 'C6 H5 N O3'     139.109 
PHE 'L-peptide linking'           y PHENYLALANINE                                                      ? 'C9 H11 N O2'    165.189 
PRO 'L-peptide linking'           y PROLINE                                                            ? 'C5 H9 N O2'     115.130 
SER 'L-peptide linking'           y SERINE                                                             ? 'C3 H7 N O3'     105.093 
THR 'L-peptide linking'           y THREONINE                                                          ? 'C4 H9 N O3'     119.119 
TRP 'L-peptide linking'           y TRYPTOPHAN                                                         ? 'C11 H12 N2 O2'  204.225 
TYR 'L-peptide linking'           y TYROSINE                                                           ? 'C9 H11 N O3'    181.189 
VAL 'L-peptide linking'           y VALINE                                                             ? 'C5 H11 N O2'    117.146 
# 
_exptl.crystals_number   1 
_exptl.entry_id          3M3O 
_exptl.method            'X-RAY DIFFRACTION' 
# 
_exptl_crystal.id                    1 
_exptl_crystal.density_meas          ? 
_exptl_crystal.density_Matthews      1.94 
_exptl_crystal.density_percent_sol   36.58 
_exptl_crystal.description           ? 
_exptl_crystal.F_000                 ? 
_exptl_crystal.preparation           ? 
# 
_exptl_crystal_grow.crystal_id      1 
_exptl_crystal_grow.method          'hanging drop' 
_exptl_crystal_grow.pH              5.5 
_exptl_crystal_grow.temp            298 
_exptl_crystal_grow.pdbx_details    '25% PEG3350, 0.2M LiCl, 5% acetone, pH 5.5, hanging drop, temperature 298K' 
_exptl_crystal_grow.temp_details    ? 
_exptl_crystal_grow.pdbx_pH_range   . 
# 
_diffrn.id                     1 
_diffrn.ambient_temp           100 
_diffrn.ambient_temp_details   ? 
_diffrn.crystal_id             1 
# 
_diffrn_detector.diffrn_id              1 
_diffrn_detector.detector               'IMAGE PLATE' 
_diffrn_detector.type                   'RIGAKU RAXIS IV' 
_diffrn_detector.pdbx_collection_date   2009-08-25 
_diffrn_detector.details                ? 
# 
_diffrn_radiation.diffrn_id                        1 
_diffrn_radiation.pdbx_diffrn_protocol             'SINGLE WAVELENGTH' 
_diffrn_radiation.monochromator                    ? 
_diffrn_radiation.wavelength_id                    1 
_diffrn_radiation.pdbx_monochromatic_or_laue_m_l   M 
_diffrn_radiation.pdbx_scattering_type             x-ray 
# 
_diffrn_radiation_wavelength.id           1 
_diffrn_radiation_wavelength.wavelength   1.5418 
_diffrn_radiation_wavelength.wt           1.0 
# 
_diffrn_source.diffrn_id                   1 
_diffrn_source.source                      'ROTATING ANODE' 
_diffrn_source.type                        'RIGAKU FR-E+ SUPERBRIGHT' 
_diffrn_source.pdbx_wavelength_list        1.5418 
_diffrn_source.pdbx_wavelength             ? 
_diffrn_source.pdbx_synchrotron_site       ? 
_diffrn_source.pdbx_synchrotron_beamline   ? 
# 
_reflns.entry_id                     3M3O 
_reflns.d_resolution_high            2.1 
_reflns.d_resolution_low             36.893 
_reflns.number_obs                   8216 
_reflns.pdbx_Rsym_value              0.047 
_reflns.pdbx_redundancy              5.900 
_reflns.percent_possible_obs         100.000 
_reflns.observed_criterion_sigma_F   ? 
_reflns.observed_criterion_sigma_I   ? 
_reflns.number_all                   8217 
_reflns.pdbx_Rmerge_I_obs            0.047 
_reflns.pdbx_netI_over_sigmaI        10.4 
_reflns.B_iso_Wilson_estimate        22.1 
_reflns.R_free_details               ? 
_reflns.limit_h_max                  ? 
_reflns.limit_h_min                  ? 
_reflns.limit_k_max                  ? 
_reflns.limit_k_min                  ? 
_reflns.limit_l_max                  ? 
_reflns.limit_l_min                  ? 
_reflns.observed_criterion_F_max     ? 
_reflns.observed_criterion_F_min     ? 
_reflns.pdbx_chi_squared             ? 
_reflns.pdbx_scaling_rejects         ? 
_reflns.pdbx_diffrn_id               1 
_reflns.pdbx_ordinal                 1 
# 
_reflns_shell.d_res_high             2.1 
_reflns_shell.d_res_low              2.21 
_reflns_shell.percent_possible_obs   ? 
_reflns_shell.percent_possible_all   100 
_reflns_shell.Rmerge_I_obs           0.279 
_reflns_shell.meanI_over_sigI_obs    5.7 
_reflns_shell.pdbx_Rsym_value        0.279 
_reflns_shell.pdbx_redundancy        5.9 
_reflns_shell.number_unique_all      1183 
_reflns_shell.number_measured_all    ? 
_reflns_shell.number_measured_obs    ? 
_reflns_shell.number_unique_obs      ? 
_reflns_shell.pdbx_chi_squared       ? 
_reflns_shell.pdbx_diffrn_id         ? 
_reflns_shell.pdbx_ordinal           1 
# 
_refine.entry_id                                 3M3O 
_refine.ls_d_res_high                            2.100 
_refine.ls_d_res_low                             36.86 
_refine.pdbx_ls_sigma_F                          0.00 
_refine.ls_percent_reflns_obs                    100.000 
_refine.ls_number_reflns_obs                     8216 
_refine.ls_R_factor_R_work                       0.217 
_refine.ls_R_factor_R_free                       0.253 
_refine.ls_percent_reflns_R_free                 5.400 
_refine.ls_number_reflns_R_free                  446 
_refine.B_iso_mean                               37.242 
_refine.solvent_model_param_bsol                 47.237 
_refine.aniso_B[1][1]                            6.919 
_refine.aniso_B[2][2]                            6.919 
_refine.aniso_B[3][3]                            -13.837 
_refine.aniso_B[1][2]                            0.000 
_refine.aniso_B[1][3]                            0.000 
_refine.aniso_B[2][3]                            0.000 
_refine.pdbx_method_to_determine_struct          'MOLECULAR REPLACEMENT' 
_refine.overall_FOM_work_R_set                   0.803 
_refine.pdbx_ls_sigma_I                          ? 
_refine.ls_number_reflns_all                     8217 
_refine.ls_R_factor_all                          0.235 
_refine.ls_R_factor_obs                          0.235 
_refine.ls_redundancy_reflns_obs                 ? 
_refine.pdbx_data_cutoff_high_absF               ? 
_refine.pdbx_data_cutoff_low_absF                ? 
_refine.ls_number_parameters                     ? 
_refine.ls_number_restraints                     ? 
_refine.ls_R_factor_R_free_error                 ? 
_refine.ls_R_factor_R_free_error_details         ? 
_refine.pdbx_starting_model                      2ZGL 
_refine.pdbx_ls_cross_valid_method               THROUGHOUT 
_refine.pdbx_R_Free_selection_details            RANDOM 
_refine.pdbx_stereochem_target_val_spec_case     ? 
_refine.pdbx_stereochemistry_target_values       'Engh & Huber' 
_refine.solvent_model_details                    ? 
_refine.solvent_model_param_ksol                 ? 
_refine.occupancy_max                            ? 
_refine.occupancy_min                            ? 
_refine.pdbx_isotropic_thermal_model             Isotropic 
_refine.details                                  ? 
_refine.B_iso_min                                ? 
_refine.B_iso_max                                ? 
_refine.correlation_coeff_Fo_to_Fc               ? 
_refine.correlation_coeff_Fo_to_Fc_free          ? 
_refine.pdbx_solvent_vdw_probe_radii             ? 
_refine.pdbx_solvent_ion_probe_radii             ? 
_refine.pdbx_solvent_shrinkage_radii             ? 
_refine.overall_SU_R_Cruickshank_DPI             ? 
_refine.overall_SU_R_free                        ? 
_refine.overall_SU_ML                            ? 
_refine.overall_SU_B                             ? 
_refine.pdbx_overall_ESU_R_Free                  ? 
_refine.pdbx_data_cutoff_high_rms_absF           ? 
_refine.ls_wR_factor_R_free                      ? 
_refine.ls_wR_factor_R_work                      ? 
_refine.overall_FOM_free_R_set                   ? 
_refine.pdbx_refine_id                           'X-RAY DIFFRACTION' 
_refine.pdbx_overall_phase_error                 ? 
_refine.pdbx_overall_ESU_R                       ? 
_refine.pdbx_diffrn_id                           1 
_refine.pdbx_TLS_residual_ADP_flag               ? 
_refine.pdbx_overall_SU_R_free_Cruickshank_DPI   ? 
_refine.pdbx_overall_SU_R_Blow_DPI               ? 
_refine.pdbx_overall_SU_R_free_Blow_DPI          ? 
# 
_refine_analyze.entry_id                        3M3O 
_refine_analyze.Luzzati_coordinate_error_obs    0.26 
_refine_analyze.Luzzati_sigma_a_obs             0.17 
_refine_analyze.Luzzati_d_res_low_obs           5.00 
_refine_analyze.Luzzati_coordinate_error_free   0.36 
_refine_analyze.Luzzati_sigma_a_free            0.24 
_refine_analyze.Luzzati_d_res_low_free          ? 
_refine_analyze.number_disordered_residues      ? 
_refine_analyze.occupancy_sum_non_hydrogen      ? 
_refine_analyze.occupancy_sum_hydrogen          ? 
_refine_analyze.pdbx_Luzzati_d_res_high_obs     ? 
_refine_analyze.pdbx_refine_id                  'X-RAY DIFFRACTION' 
# 
_refine_hist.pdbx_refine_id                   'X-RAY DIFFRACTION' 
_refine_hist.cycle_id                         LAST 
_refine_hist.pdbx_number_atoms_protein        1193 
_refine_hist.pdbx_number_atoms_nucleic_acid   0 
_refine_hist.pdbx_number_atoms_ligand         49 
_refine_hist.number_atoms_solvent             55 
_refine_hist.number_atoms_total               1297 
_refine_hist.d_res_high                       2.100 
_refine_hist.d_res_low                        36.86 
# 
loop_
_refine_ls_restr.type 
_refine_ls_restr.number 
_refine_ls_restr.dev_ideal 
_refine_ls_restr.dev_ideal_target 
_refine_ls_restr.weight 
_refine_ls_restr.pdbx_refine_id 
_refine_ls_restr.pdbx_restraint_function 
c_bond_d    ? 0.006 ? ? 'X-RAY DIFFRACTION' ? 
c_angle_deg ? 1.427 ? ? 'X-RAY DIFFRACTION' ? 
# 
loop_
_refine_ls_shell.d_res_high 
_refine_ls_shell.d_res_low 
_refine_ls_shell.pdbx_total_number_of_bins_used 
_refine_ls_shell.percent_reflns_obs 
_refine_ls_shell.number_reflns_R_work 
_refine_ls_shell.R_factor_all 
_refine_ls_shell.R_factor_R_work 
_refine_ls_shell.R_factor_R_free 
_refine_ls_shell.percent_reflns_R_free 
_refine_ls_shell.number_reflns_R_free 
_refine_ls_shell.R_factor_R_free_error 
_refine_ls_shell.number_reflns_all 
_refine_ls_shell.number_reflns_obs 
_refine_ls_shell.redundancy_reflns_obs 
_refine_ls_shell.pdbx_refine_id 
2.100 2.200  8 . 943  . 0.240 0.316 . 49 . 992  . . 'X-RAY DIFFRACTION' 
2.200 2.310  8 . 939  . 0.226 0.308 . 57 . 996  . . 'X-RAY DIFFRACTION' 
2.310 2.460  8 . 952  . 0.234 0.267 . 53 . 1005 . . 'X-RAY DIFFRACTION' 
2.460 2.650  8 . 969  . 0.250 0.396 . 59 . 1028 . . 'X-RAY DIFFRACTION' 
2.650 2.910  8 . 950  . 0.268 0.333 . 49 . 999  . . 'X-RAY DIFFRACTION' 
2.910 3.330  8 . 972  . 0.235 0.239 . 49 . 1021 . . 'X-RAY DIFFRACTION' 
3.330 4.200  8 . 984  . 0.193 0.265 . 67 . 1051 . . 'X-RAY DIFFRACTION' 
4.200 50.000 8 . 1061 . 0.196 0.190 . 63 . 1124 . . 'X-RAY DIFFRACTION' 
# 
loop_
_pdbx_xplor_file.serial_no 
_pdbx_xplor_file.param_file 
_pdbx_xplor_file.topol_file 
_pdbx_xplor_file.pdbx_refine_id 
1 protein_rep.param ? 'X-RAY DIFFRACTION' 
2 tfg.param         ? 'X-RAY DIFFRACTION' 
3 BTB.param         ? 'X-RAY DIFFRACTION' 
4 water_rep.param   ? 'X-RAY DIFFRACTION' 
# 
_struct.entry_id                  3M3O 
_struct.title                     
'Crystal Structure of Agrocybe aegerita lectin AAL mutant R85A complexed with p-Nitrophenyl TF disaccharide' 
_struct.pdbx_model_details        ? 
_struct.pdbx_CASP_flag            ? 
_struct.pdbx_model_type_details   ? 
# 
_struct_keywords.entry_id        3M3O 
_struct_keywords.text            
;galectin, AAL, muitant, Thomsen-Friedenreich antigen, Apoptosis, Hydrolase, Lectin, Nuclease, GAL-BETA-1, 3-GALNAC-ALPHA-O-P-Nitrophenyl
;
_struct_keywords.pdbx_keywords   HYDROLASE 
# 
loop_
_struct_asym.id 
_struct_asym.pdbx_blank_PDB_chainid_flag 
_struct_asym.pdbx_modified 
_struct_asym.entity_id 
_struct_asym.details 
A N N 1 ? 
B N N 2 ? 
C N N 3 ? 
D N N 4 ? 
E N N 5 ? 
# 
_struct_biol.id        1 
_struct_biol.details   ? 
# 
_struct_conf.conf_type_id            HELX_P 
_struct_conf.id                      HELX_P1 
_struct_conf.pdbx_PDB_helix_id       1 
_struct_conf.beg_label_comp_id       ASP 
_struct_conf.beg_label_asym_id       A 
_struct_conf.beg_label_seq_id        88 
_struct_conf.pdbx_beg_PDB_ins_code   ? 
_struct_conf.end_label_comp_id       ALA 
_struct_conf.end_label_asym_id       A 
_struct_conf.end_label_seq_id        94 
_struct_conf.pdbx_end_PDB_ins_code   ? 
_struct_conf.beg_auth_comp_id        ASP 
_struct_conf.beg_auth_asym_id        A 
_struct_conf.beg_auth_seq_id         88 
_struct_conf.end_auth_comp_id        ALA 
_struct_conf.end_auth_asym_id        A 
_struct_conf.end_auth_seq_id         94 
_struct_conf.pdbx_PDB_helix_class    1 
_struct_conf.details                 ? 
_struct_conf.pdbx_PDB_helix_length   7 
# 
_struct_conf_type.id          HELX_P 
_struct_conf_type.criteria    ? 
_struct_conf_type.reference   ? 
# 
loop_
_struct_conn.id 
_struct_conn.conn_type_id 
_struct_conn.pdbx_leaving_atom_flag 
_struct_conn.pdbx_PDB_id 
_struct_conn.ptnr1_label_asym_id 
_struct_conn.ptnr1_label_comp_id 
_struct_conn.ptnr1_label_seq_id 
_struct_conn.ptnr1_label_atom_id 
_struct_conn.pdbx_ptnr1_label_alt_id 
_struct_conn.pdbx_ptnr1_PDB_ins_code 
_struct_conn.pdbx_ptnr1_standard_comp_id 
_struct_conn.ptnr1_symmetry 
_struct_conn.ptnr2_label_asym_id 
_struct_conn.ptnr2_label_comp_id 
_struct_conn.ptnr2_label_seq_id 
_struct_conn.ptnr2_label_atom_id 
_struct_conn.pdbx_ptnr2_label_alt_id 
_struct_conn.pdbx_ptnr2_PDB_ins_code 
_struct_conn.ptnr1_auth_asym_id 
_struct_conn.ptnr1_auth_comp_id 
_struct_conn.ptnr1_auth_seq_id 
_struct_conn.ptnr2_auth_asym_id 
_struct_conn.ptnr2_auth_comp_id 
_struct_conn.ptnr2_auth_seq_id 
_struct_conn.ptnr2_symmetry 
_struct_conn.pdbx_ptnr3_label_atom_id 
_struct_conn.pdbx_ptnr3_label_seq_id 
_struct_conn.pdbx_ptnr3_label_comp_id 
_struct_conn.pdbx_ptnr3_label_asym_id 
_struct_conn.pdbx_ptnr3_label_alt_id 
_struct_conn.pdbx_ptnr3_PDB_ins_code 
_struct_conn.details 
_struct_conn.pdbx_dist_value 
_struct_conn.pdbx_value_order 
_struct_conn.pdbx_role 
covale1 covale one  ? C NPO . OH ? ? ? 1_555 B A2G . C1 ? ? A NPO 242 B A2G 1 1_555 ? ? ? ? ? ? ? 1.435 ? ? 
covale2 covale both ? B A2G . O3 ? ? ? 1_555 B GAL . C1 ? ? B A2G 1   B GAL 2 1_555 ? ? ? ? ? ? ? 1.435 ? ? 
# 
_struct_conn_type.id          covale 
_struct_conn_type.criteria    ? 
_struct_conn_type.reference   ? 
# 
_struct_mon_prot_cis.pdbx_id                1 
_struct_mon_prot_cis.label_comp_id          ASN 
_struct_mon_prot_cis.label_seq_id           41 
_struct_mon_prot_cis.label_asym_id          A 
_struct_mon_prot_cis.label_alt_id           . 
_struct_mon_prot_cis.pdbx_PDB_ins_code      ? 
_struct_mon_prot_cis.auth_comp_id           ASN 
_struct_mon_prot_cis.auth_seq_id            41 
_struct_mon_prot_cis.auth_asym_id           A 
_struct_mon_prot_cis.pdbx_label_comp_id_2   PRO 
_struct_mon_prot_cis.pdbx_label_seq_id_2    42 
_struct_mon_prot_cis.pdbx_label_asym_id_2   A 
_struct_mon_prot_cis.pdbx_PDB_ins_code_2    ? 
_struct_mon_prot_cis.pdbx_auth_comp_id_2    PRO 
_struct_mon_prot_cis.pdbx_auth_seq_id_2     42 
_struct_mon_prot_cis.pdbx_auth_asym_id_2    A 
_struct_mon_prot_cis.pdbx_PDB_model_num     1 
_struct_mon_prot_cis.pdbx_omega_angle       0.16 
# 
loop_
_struct_sheet.id 
_struct_sheet.type 
_struct_sheet.number_strands 
_struct_sheet.details 
A ? 6 ? 
B ? 6 ? 
# 
loop_
_struct_sheet_order.sheet_id 
_struct_sheet_order.range_id_1 
_struct_sheet_order.range_id_2 
_struct_sheet_order.offset 
_struct_sheet_order.sense 
A 1 2 ? anti-parallel 
A 2 3 ? anti-parallel 
A 3 4 ? anti-parallel 
A 4 5 ? anti-parallel 
A 5 6 ? anti-parallel 
B 1 2 ? anti-parallel 
B 2 3 ? anti-parallel 
B 3 4 ? anti-parallel 
B 4 5 ? anti-parallel 
B 5 6 ? anti-parallel 
# 
loop_
_struct_sheet_range.sheet_id 
_struct_sheet_range.id 
_struct_sheet_range.beg_label_comp_id 
_struct_sheet_range.beg_label_asym_id 
_struct_sheet_range.beg_label_seq_id 
_struct_sheet_range.pdbx_beg_PDB_ins_code 
_struct_sheet_range.end_label_comp_id 
_struct_sheet_range.end_label_asym_id 
_struct_sheet_range.end_label_seq_id 
_struct_sheet_range.pdbx_end_PDB_ins_code 
_struct_sheet_range.beg_auth_comp_id 
_struct_sheet_range.beg_auth_asym_id 
_struct_sheet_range.beg_auth_seq_id 
_struct_sheet_range.end_auth_comp_id 
_struct_sheet_range.end_auth_asym_id 
_struct_sheet_range.end_auth_seq_id 
A 1 GLY A 2   ? SER A 9   ? GLY A 2   SER A 9   
A 2 VAL A 148 ? THR A 155 ? VAL A 148 THR A 155 
A 3 ILE A 25  ? SER A 30  ? ILE A 25  SER A 30  
A 4 ALA A 100 ? ASP A 106 ? ALA A 100 ASP A 106 
A 5 LYS A 110 ? ILE A 115 ? LYS A 110 ILE A 115 
A 6 LYS A 118 ? THR A 124 ? LYS A 118 THR A 124 
B 1 THR A 12  ? VAL A 20  ? THR A 12  VAL A 20  
B 2 THR A 131 ? ASN A 137 ? THR A 131 ASN A 137 
B 3 THR A 45  ? PHE A 50  ? THR A 45  PHE A 50  
B 4 TYR A 56  ? ARG A 63  ? TYR A 56  ARG A 63  
B 5 VAL A 68  ? ARG A 74  ? VAL A 68  ARG A 74  
B 6 GLN A 84  ? SER A 87  ? GLN A 84  SER A 87  
# 
loop_
_pdbx_struct_sheet_hbond.sheet_id 
_pdbx_struct_sheet_hbond.range_id_1 
_pdbx_struct_sheet_hbond.range_id_2 
_pdbx_struct_sheet_hbond.range_1_label_atom_id 
_pdbx_struct_sheet_hbond.range_1_label_comp_id 
_pdbx_struct_sheet_hbond.range_1_label_asym_id 
_pdbx_struct_sheet_hbond.range_1_label_seq_id 
_pdbx_struct_sheet_hbond.range_1_PDB_ins_code 
_pdbx_struct_sheet_hbond.range_1_auth_atom_id 
_pdbx_struct_sheet_hbond.range_1_auth_comp_id 
_pdbx_struct_sheet_hbond.range_1_auth_asym_id 
_pdbx_struct_sheet_hbond.range_1_auth_seq_id 
_pdbx_struct_sheet_hbond.range_2_label_atom_id 
_pdbx_struct_sheet_hbond.range_2_label_comp_id 
_pdbx_struct_sheet_hbond.range_2_label_asym_id 
_pdbx_struct_sheet_hbond.range_2_label_seq_id 
_pdbx_struct_sheet_hbond.range_2_PDB_ins_code 
_pdbx_struct_sheet_hbond.range_2_auth_atom_id 
_pdbx_struct_sheet_hbond.range_2_auth_comp_id 
_pdbx_struct_sheet_hbond.range_2_auth_asym_id 
_pdbx_struct_sheet_hbond.range_2_auth_seq_id 
A 1 2 N TYR A 6   ? N TYR A 6   O ALA A 151 ? O ALA A 151 
A 2 3 O GLU A 150 ? O GLU A 150 N PHE A 29  ? N PHE A 29  
A 3 4 N PHE A 28  ? N PHE A 28  O VAL A 102 ? O VAL A 102 
A 4 5 N THR A 103 ? N THR A 103 O VAL A 114 ? O VAL A 114 
A 5 6 N VAL A 113 ? N VAL A 113 O VAL A 120 ? O VAL A 120 
B 1 2 N LEU A 16  ? N LEU A 16  O SER A 132 ? O SER A 132 
B 2 3 O SER A 133 ? O SER A 133 N PHE A 50  ? N PHE A 50  
B 3 4 N THR A 45  ? N THR A 45  O PHE A 62  ? O PHE A 62  
B 4 5 N TYR A 56  ? N TYR A 56  O ARG A 74  ? O ARG A 74  
B 5 6 N ILE A 69  ? N ILE A 69  O VAL A 86  ? O VAL A 86  
# 
_atom_sites.entry_id                    3M3O 
_atom_sites.fract_transf_matrix[1][1]   0.01493936 
_atom_sites.fract_transf_matrix[1][2]   -0.01004919 
_atom_sites.fract_transf_matrix[1][3]   -0.02029600 
_atom_sites.fract_transf_matrix[2][1]   -0.00780473 
_atom_sites.fract_transf_matrix[2][2]   0.00371250 
_atom_sites.fract_transf_matrix[2][3]   -0.02571760 
_atom_sites.fract_transf_matrix[3][1]   0.00417898 
_atom_sites.fract_transf_matrix[3][2]   0.00679336 
_atom_sites.fract_transf_matrix[3][3]   -0.00028757 
_atom_sites.fract_transf_vector[1]      -0.036166 
_atom_sites.fract_transf_vector[2]      -0.249938 
_atom_sites.fract_transf_vector[3]      0.081472 
# 
loop_
_atom_type.symbol 
C 
N 
O 
S 
# 
loop_
_atom_site.group_PDB 
_atom_site.id 
_atom_site.type_symbol 
_atom_site.label_atom_id 
_atom_site.label_alt_id 
_atom_site.label_comp_id 
_atom_site.label_asym_id 
_atom_site.label_entity_id 
_atom_site.label_seq_id 
_atom_site.pdbx_PDB_ins_code 
_atom_site.Cartn_x 
_atom_site.Cartn_y 
_atom_site.Cartn_z 
_atom_site.occupancy 
_atom_site.B_iso_or_equiv 
_atom_site.pdbx_formal_charge 
_atom_site.auth_seq_id 
_atom_site.auth_comp_id 
_atom_site.auth_asym_id 
_atom_site.auth_atom_id 
_atom_site.pdbx_PDB_model_num 
ATOM   1    N N   . GLN A 1 1   ? 8.088   3.212   -21.929 1.00 50.84 ? 1   GLN A N   1 
ATOM   2    C CA  . GLN A 1 1   ? 7.615   3.611   -20.569 1.00 50.38 ? 1   GLN A CA  1 
ATOM   3    C C   . GLN A 1 1   ? 6.181   4.125   -20.650 1.00 48.19 ? 1   GLN A C   1 
ATOM   4    O O   . GLN A 1 1   ? 5.791   4.735   -21.646 1.00 47.90 ? 1   GLN A O   1 
ATOM   5    C CB  . GLN A 1 1   ? 8.514   4.709   -19.989 1.00 52.09 ? 1   GLN A CB  1 
ATOM   6    C CG  . GLN A 1 1   ? 9.974   4.312   -19.800 1.00 53.49 ? 1   GLN A CG  1 
ATOM   7    C CD  . GLN A 1 1   ? 10.657  3.929   -21.104 1.00 55.64 ? 1   GLN A CD  1 
ATOM   8    O OE1 . GLN A 1 1   ? 10.493  4.601   -22.127 1.00 54.87 ? 1   GLN A OE1 1 
ATOM   9    N NE2 . GLN A 1 1   ? 11.436  2.853   -21.069 1.00 55.88 ? 1   GLN A NE2 1 
ATOM   10   N N   . GLY A 1 2   ? 5.400   3.868   -19.601 1.00 43.88 ? 2   GLY A N   1 
ATOM   11   C CA  . GLY A 1 2   ? 4.024   4.317   -19.584 1.00 39.61 ? 2   GLY A CA  1 
ATOM   12   C C   . GLY A 1 2   ? 3.482   4.669   -18.209 1.00 35.14 ? 2   GLY A C   1 
ATOM   13   O O   . GLY A 1 2   ? 3.995   4.217   -17.186 1.00 34.20 ? 2   GLY A O   1 
ATOM   14   N N   . VAL A 1 3   ? 2.449   5.504   -18.206 1.00 32.20 ? 3   VAL A N   1 
ATOM   15   C CA  . VAL A 1 3   ? 1.757   5.940   -16.999 1.00 30.77 ? 3   VAL A CA  1 
ATOM   16   C C   . VAL A 1 3   ? 0.335   5.383   -17.061 1.00 33.00 ? 3   VAL A C   1 
ATOM   17   O O   . VAL A 1 3   ? -0.338  5.471   -18.095 1.00 34.56 ? 3   VAL A O   1 
ATOM   18   C CB  . VAL A 1 3   ? 1.633   7.486   -16.914 1.00 28.74 ? 3   VAL A CB  1 
ATOM   19   C CG1 . VAL A 1 3   ? 0.766   7.873   -15.722 1.00 27.25 ? 3   VAL A CG1 1 
ATOM   20   C CG2 . VAL A 1 3   ? 3.009   8.128   -16.792 1.00 26.66 ? 3   VAL A CG2 1 
ATOM   21   N N   . ASN A 1 4   ? -0.120  4.810   -15.955 1.00 32.65 ? 4   ASN A N   1 
ATOM   22   C CA  . ASN A 1 4   ? -1.468  4.267   -15.878 1.00 32.74 ? 4   ASN A CA  1 
ATOM   23   C C   . ASN A 1 4   ? -2.119  4.810   -14.621 1.00 31.77 ? 4   ASN A C   1 
ATOM   24   O O   . ASN A 1 4   ? -1.507  4.842   -13.553 1.00 30.71 ? 4   ASN A O   1 
ATOM   25   C CB  . ASN A 1 4   ? -1.425  2.744   -15.864 1.00 32.97 ? 4   ASN A CB  1 
ATOM   26   C CG  . ASN A 1 4   ? -1.126  2.160   -17.240 1.00 36.38 ? 4   ASN A CG  1 
ATOM   27   O OD1 . ASN A 1 4   ? -1.991  2.131   -18.122 1.00 35.24 ? 4   ASN A OD1 1 
ATOM   28   N ND2 . ASN A 1 4   ? 0.105   1.702   -17.431 1.00 34.22 ? 4   ASN A ND2 1 
ATOM   29   N N   . ILE A 1 5   ? -3.356  5.265   -14.765 1.00 30.61 ? 5   ILE A N   1 
ATOM   30   C CA  . ILE A 1 5   ? -4.086  5.839   -13.651 1.00 28.74 ? 5   ILE A CA  1 
ATOM   31   C C   . ILE A 1 5   ? -5.293  4.982   -13.293 1.00 29.98 ? 5   ILE A C   1 
ATOM   32   O O   . ILE A 1 5   ? -6.021  4.518   -14.171 1.00 28.52 ? 5   ILE A O   1 
ATOM   33   C CB  . ILE A 1 5   ? -4.579  7.251   -13.996 1.00 29.35 ? 5   ILE A CB  1 
ATOM   34   C CG1 . ILE A 1 5   ? -3.402  8.112   -14.462 1.00 32.46 ? 5   ILE A CG1 1 
ATOM   35   C CG2 . ILE A 1 5   ? -5.236  7.886   -12.778 1.00 29.72 ? 5   ILE A CG2 1 
ATOM   36   C CD1 . ILE A 1 5   ? -3.799  9.458   -15.053 1.00 30.19 ? 5   ILE A CD1 1 
ATOM   37   N N   . TYR A 1 6   ? -5.499  4.770   -11.999 1.00 27.11 ? 6   TYR A N   1 
ATOM   38   C CA  . TYR A 1 6   ? -6.626  3.992   -11.533 1.00 29.83 ? 6   TYR A CA  1 
ATOM   39   C C   . TYR A 1 6   ? -7.244  4.691   -10.338 1.00 30.27 ? 6   TYR A C   1 
ATOM   40   O O   . TYR A 1 6   ? -6.565  5.403   -9.603  1.00 30.98 ? 6   TYR A O   1 
ATOM   41   C CB  . TYR A 1 6   ? -6.177  2.594   -11.112 1.00 28.05 ? 6   TYR A CB  1 
ATOM   42   C CG  . TYR A 1 6   ? -5.335  1.881   -12.138 1.00 28.94 ? 6   TYR A CG  1 
ATOM   43   C CD1 . TYR A 1 6   ? -3.955  2.108   -12.224 1.00 28.23 ? 6   TYR A CD1 1 
ATOM   44   C CD2 . TYR A 1 6   ? -5.910  0.967   -13.019 1.00 27.81 ? 6   TYR A CD2 1 
ATOM   45   C CE1 . TYR A 1 6   ? -3.172  1.436   -13.161 1.00 27.25 ? 6   TYR A CE1 1 
ATOM   46   C CE2 . TYR A 1 6   ? -5.136  0.288   -13.959 1.00 29.27 ? 6   TYR A CE2 1 
ATOM   47   C CZ  . TYR A 1 6   ? -3.772  0.523   -14.023 1.00 29.25 ? 6   TYR A CZ  1 
ATOM   48   O OH  . TYR A 1 6   ? -3.014  -0.182  -14.927 1.00 30.08 ? 6   TYR A OH  1 
ATOM   49   N N   . ASN A 1 7   ? -8.541  4.491   -10.164 1.00 29.85 ? 7   ASN A N   1 
ATOM   50   C CA  . ASN A 1 7   ? -9.264  5.055   -9.045  1.00 31.33 ? 7   ASN A CA  1 
ATOM   51   C C   . ASN A 1 7   ? -9.759  3.852   -8.260  1.00 30.02 ? 7   ASN A C   1 
ATOM   52   O O   . ASN A 1 7   ? -10.426 2.973   -8.808  1.00 29.43 ? 7   ASN A O   1 
ATOM   53   C CB  . ASN A 1 7   ? -10.404 5.921   -9.554  1.00 34.70 ? 7   ASN A CB  1 
ATOM   54   C CG  . ASN A 1 7   ? -9.899  7.175   -10.227 1.00 39.98 ? 7   ASN A CG  1 
ATOM   55   O OD1 . ASN A 1 7   ? -9.292  8.033   -9.583  1.00 40.97 ? 7   ASN A OD1 1 
ATOM   56   N ND2 . ASN A 1 7   ? -10.124 7.283   -11.531 1.00 42.38 ? 7   ASN A ND2 1 
ATOM   57   N N   . ILE A 1 8   ? -9.394  3.798   -6.983  1.00 26.80 ? 8   ILE A N   1 
ATOM   58   C CA  . ILE A 1 8   ? -9.757  2.666   -6.153  1.00 26.60 ? 8   ILE A CA  1 
ATOM   59   C C   . ILE A 1 8   ? -10.665 3.015   -4.988  1.00 28.04 ? 8   ILE A C   1 
ATOM   60   O O   . ILE A 1 8   ? -10.249 3.685   -4.048  1.00 26.99 ? 8   ILE A O   1 
ATOM   61   C CB  . ILE A 1 8   ? -8.491  1.981   -5.571  1.00 25.69 ? 8   ILE A CB  1 
ATOM   62   C CG1 . ILE A 1 8   ? -7.431  1.791   -6.659  1.00 24.14 ? 8   ILE A CG1 1 
ATOM   63   C CG2 . ILE A 1 8   ? -8.858  0.626   -4.987  1.00 24.02 ? 8   ILE A CG2 1 
ATOM   64   C CD1 . ILE A 1 8   ? -6.130  1.116   -6.142  1.00 21.03 ? 8   ILE A CD1 1 
ATOM   65   N N   . SER A 1 9   ? -11.913 2.573   -5.057  1.00 29.18 ? 9   SER A N   1 
ATOM   66   C CA  . SER A 1 9   ? -12.837 2.815   -3.965  1.00 30.19 ? 9   SER A CA  1 
ATOM   67   C C   . SER A 1 9   ? -12.395 1.887   -2.835  1.00 29.51 ? 9   SER A C   1 
ATOM   68   O O   . SER A 1 9   ? -11.887 0.794   -3.092  1.00 27.72 ? 9   SER A O   1 
ATOM   69   C CB  . SER A 1 9   ? -14.272 2.464   -4.372  1.00 31.98 ? 9   SER A CB  1 
ATOM   70   O OG  . SER A 1 9   ? -14.776 3.374   -5.330  1.00 38.07 ? 9   SER A OG  1 
ATOM   71   N N   . ALA A 1 10  ? -12.588 2.324   -1.594  1.00 29.55 ? 10  ALA A N   1 
ATOM   72   C CA  . ALA A 1 10  ? -12.221 1.519   -0.427  1.00 29.62 ? 10  ALA A CA  1 
ATOM   73   C C   . ALA A 1 10  ? -12.934 0.169   -0.454  1.00 29.69 ? 10  ALA A C   1 
ATOM   74   O O   . ALA A 1 10  ? -14.139 0.094   -0.690  1.00 31.23 ? 10  ALA A O   1 
ATOM   75   C CB  . ALA A 1 10  ? -12.572 2.273   0.866   1.00 26.89 ? 10  ALA A CB  1 
ATOM   76   N N   . GLY A 1 11  ? -12.189 -0.902  -0.212  1.00 28.88 ? 11  GLY A N   1 
ATOM   77   C CA  . GLY A 1 11  ? -12.797 -2.219  -0.219  1.00 30.35 ? 11  GLY A CA  1 
ATOM   78   C C   . GLY A 1 11  ? -12.805 -2.912  -1.571  1.00 29.64 ? 11  GLY A C   1 
ATOM   79   O O   . GLY A 1 11  ? -13.379 -3.990  -1.709  1.00 32.22 ? 11  GLY A O   1 
ATOM   80   N N   . THR A 1 12  ? -12.182 -2.297  -2.572  1.00 29.65 ? 12  THR A N   1 
ATOM   81   C CA  . THR A 1 12  ? -12.118 -2.887  -3.909  1.00 27.35 ? 12  THR A CA  1 
ATOM   82   C C   . THR A 1 12  ? -10.670 -2.921  -4.406  1.00 28.45 ? 12  THR A C   1 
ATOM   83   O O   . THR A 1 12  ? -9.767  -2.354  -3.782  1.00 23.96 ? 12  THR A O   1 
ATOM   84   C CB  . THR A 1 12  ? -12.942 -2.075  -4.933  1.00 27.53 ? 12  THR A CB  1 
ATOM   85   O OG1 . THR A 1 12  ? -12.248 -0.859  -5.247  1.00 26.61 ? 12  THR A OG1 1 
ATOM   86   C CG2 . THR A 1 12  ? -14.326 -1.742  -4.371  1.00 24.92 ? 12  THR A CG2 1 
ATOM   87   N N   . SER A 1 13  ? -10.458 -3.588  -5.534  1.00 27.09 ? 13  SER A N   1 
ATOM   88   C CA  . SER A 1 13  ? -9.132  -3.675  -6.122  1.00 27.49 ? 13  SER A CA  1 
ATOM   89   C C   . SER A 1 13  ? -9.234  -3.368  -7.612  1.00 27.79 ? 13  SER A C   1 
ATOM   90   O O   . SER A 1 13  ? -10.329 -3.283  -8.145  1.00 26.69 ? 13  SER A O   1 
ATOM   91   C CB  . SER A 1 13  ? -8.530  -5.070  -5.882  1.00 27.86 ? 13  SER A CB  1 
ATOM   92   O OG  . SER A 1 13  ? -9.374  -6.123  -6.315  1.00 27.08 ? 13  SER A OG  1 
ATOM   93   N N   . VAL A 1 14  ? -8.104  -3.147  -8.277  1.00 28.32 ? 14  VAL A N   1 
ATOM   94   C CA  . VAL A 1 14  ? -8.137  -2.884  -9.712  1.00 28.87 ? 14  VAL A CA  1 
ATOM   95   C C   . VAL A 1 14  ? -7.136  -3.793  -10.396 1.00 30.55 ? 14  VAL A C   1 
ATOM   96   O O   . VAL A 1 14  ? -6.139  -4.180  -9.791  1.00 31.38 ? 14  VAL A O   1 
ATOM   97   C CB  . VAL A 1 14  ? -7.778  -1.408  -10.076 1.00 28.78 ? 14  VAL A CB  1 
ATOM   98   C CG1 . VAL A 1 14  ? -8.890  -0.476  -9.646  1.00 25.91 ? 14  VAL A CG1 1 
ATOM   99   C CG2 . VAL A 1 14  ? -6.448  -1.000  -9.442  1.00 26.54 ? 14  VAL A CG2 1 
ATOM   100  N N   . ASP A 1 15  ? -7.420  -4.157  -11.644 1.00 30.59 ? 15  ASP A N   1 
ATOM   101  C CA  . ASP A 1 15  ? -6.513  -4.997  -12.419 1.00 32.67 ? 15  ASP A CA  1 
ATOM   102  C C   . ASP A 1 15  ? -5.714  -4.036  -13.284 1.00 30.60 ? 15  ASP A C   1 
ATOM   103  O O   . ASP A 1 15  ? -6.287  -3.175  -13.946 1.00 28.46 ? 15  ASP A O   1 
ATOM   104  C CB  . ASP A 1 15  ? -7.277  -5.984  -13.311 1.00 34.12 ? 15  ASP A CB  1 
ATOM   105  C CG  . ASP A 1 15  ? -7.944  -7.096  -12.521 1.00 37.34 ? 15  ASP A CG  1 
ATOM   106  O OD1 . ASP A 1 15  ? -7.473  -7.414  -11.399 1.00 32.77 ? 15  ASP A OD1 1 
ATOM   107  O OD2 . ASP A 1 15  ? -8.932  -7.665  -13.041 1.00 38.80 ? 15  ASP A OD2 1 
ATOM   108  N N   . LEU A 1 16  ? -4.394  -4.187  -13.272 1.00 31.04 ? 16  LEU A N   1 
ATOM   109  C CA  . LEU A 1 16  ? -3.529  -3.293  -14.030 1.00 31.08 ? 16  LEU A CA  1 
ATOM   110  C C   . LEU A 1 16  ? -3.439  -3.593  -15.523 1.00 32.03 ? 16  LEU A C   1 
ATOM   111  O O   . LEU A 1 16  ? -3.391  -4.750  -15.938 1.00 32.87 ? 16  LEU A O   1 
ATOM   112  C CB  . LEU A 1 16  ? -2.122  -3.308  -13.429 1.00 27.72 ? 16  LEU A CB  1 
ATOM   113  C CG  . LEU A 1 16  ? -2.052  -3.057  -11.918 1.00 27.05 ? 16  LEU A CG  1 
ATOM   114  C CD1 . LEU A 1 16  ? -0.623  -3.204  -11.448 1.00 25.65 ? 16  LEU A CD1 1 
ATOM   115  C CD2 . LEU A 1 16  ? -2.597  -1.667  -11.587 1.00 26.76 ? 16  LEU A CD2 1 
ATOM   116  N N   . ALA A 1 17  ? -3.417  -2.534  -16.326 1.00 33.43 ? 17  ALA A N   1 
ATOM   117  C CA  . ALA A 1 17  ? -3.282  -2.682  -17.768 1.00 35.22 ? 17  ALA A CA  1 
ATOM   118  C C   . ALA A 1 17  ? -1.826  -3.072  -17.991 1.00 36.53 ? 17  ALA A C   1 
ATOM   119  O O   . ALA A 1 17  ? -1.504  -3.854  -18.888 1.00 38.09 ? 17  ALA A O   1 
ATOM   120  C CB  . ALA A 1 17  ? -3.594  -1.366  -18.463 1.00 33.62 ? 17  ALA A CB  1 
ATOM   121  N N   . ALA A 1 18  ? -0.952  -2.529  -17.149 1.00 35.63 ? 18  ALA A N   1 
ATOM   122  C CA  . ALA A 1 18  ? 0.473   -2.818  -17.227 1.00 35.46 ? 18  ALA A CA  1 
ATOM   123  C C   . ALA A 1 18  ? 0.962   -3.315  -15.871 1.00 34.88 ? 18  ALA A C   1 
ATOM   124  O O   . ALA A 1 18  ? 0.886   -2.602  -14.869 1.00 35.88 ? 18  ALA A O   1 
ATOM   125  C CB  . ALA A 1 18  ? 1.240   -1.563  -17.640 1.00 36.91 ? 18  ALA A CB  1 
ATOM   126  N N   . PRO A 1 19  ? 1.470   -4.551  -15.821 1.00 34.76 ? 19  PRO A N   1 
ATOM   127  C CA  . PRO A 1 19  ? 1.960   -5.110  -14.560 1.00 34.30 ? 19  PRO A CA  1 
ATOM   128  C C   . PRO A 1 19  ? 3.157   -4.337  -14.022 1.00 33.31 ? 19  PRO A C   1 
ATOM   129  O O   . PRO A 1 19  ? 3.884   -3.694  -14.777 1.00 33.31 ? 19  PRO A O   1 
ATOM   130  C CB  . PRO A 1 19  ? 2.311   -6.547  -14.935 1.00 34.76 ? 19  PRO A CB  1 
ATOM   131  C CG  . PRO A 1 19  ? 2.785   -6.394  -16.360 1.00 36.82 ? 19  PRO A CG  1 
ATOM   132  C CD  . PRO A 1 19  ? 1.733   -5.471  -16.945 1.00 35.47 ? 19  PRO A CD  1 
ATOM   133  N N   . VAL A 1 20  ? 3.339   -4.380  -12.709 1.00 33.75 ? 20  VAL A N   1 
ATOM   134  C CA  . VAL A 1 20  ? 4.456   -3.698  -12.081 1.00 33.74 ? 20  VAL A CA  1 
ATOM   135  C C   . VAL A 1 20  ? 5.537   -4.728  -11.794 1.00 34.33 ? 20  VAL A C   1 
ATOM   136  O O   . VAL A 1 20  ? 5.293   -5.704  -11.094 1.00 34.98 ? 20  VAL A O   1 
ATOM   137  C CB  . VAL A 1 20  ? 4.029   -3.022  -10.756 1.00 33.52 ? 20  VAL A CB  1 
ATOM   138  C CG1 . VAL A 1 20  ? 5.260   -2.663  -9.923  1.00 33.79 ? 20  VAL A CG1 1 
ATOM   139  C CG2 . VAL A 1 20  ? 3.216   -1.771  -11.057 1.00 32.27 ? 20  VAL A CG2 1 
ATOM   140  N N   . THR A 1 21  ? 6.729   -4.513  -12.343 1.00 34.51 ? 21  THR A N   1 
ATOM   141  C CA  . THR A 1 21  ? 7.834   -5.436  -12.125 1.00 37.07 ? 21  THR A CA  1 
ATOM   142  C C   . THR A 1 21  ? 9.040   -4.710  -11.523 1.00 36.97 ? 21  THR A C   1 
ATOM   143  O O   . THR A 1 21  ? 8.936   -3.551  -11.104 1.00 38.26 ? 21  THR A O   1 
ATOM   144  C CB  . THR A 1 21  ? 8.241   -6.151  -13.456 1.00 37.07 ? 21  THR A CB  1 
ATOM   145  O OG1 . THR A 1 21  ? 9.147   -7.217  -13.165 1.00 36.16 ? 21  THR A OG1 1 
ATOM   146  C CG2 . THR A 1 21  ? 8.910   -5.181  -14.424 1.00 35.63 ? 21  THR A CG2 1 
ATOM   147  N N   . THR A 1 22  ? 10.175  -5.398  -11.464 1.00 36.67 ? 22  THR A N   1 
ATOM   148  C CA  . THR A 1 22  ? 11.393  -4.820  -10.908 1.00 35.76 ? 22  THR A CA  1 
ATOM   149  C C   . THR A 1 22  ? 11.763  -3.525  -11.629 1.00 34.06 ? 22  THR A C   1 
ATOM   150  O O   . THR A 1 22  ? 11.842  -3.485  -12.863 1.00 33.13 ? 22  THR A O   1 
ATOM   151  C CB  . THR A 1 22  ? 12.572  -5.822  -11.001 1.00 37.44 ? 22  THR A CB  1 
ATOM   152  O OG1 . THR A 1 22  ? 12.269  -6.985  -10.221 1.00 38.30 ? 22  THR A OG1 1 
ATOM   153  C CG2 . THR A 1 22  ? 13.856  -5.194  -10.476 1.00 39.03 ? 22  THR A CG2 1 
ATOM   154  N N   . GLY A 1 23  ? 11.987  -2.470  -10.850 1.00 31.81 ? 23  GLY A N   1 
ATOM   155  C CA  . GLY A 1 23  ? 12.335  -1.180  -11.419 1.00 31.30 ? 23  GLY A CA  1 
ATOM   156  C C   . GLY A 1 23  ? 11.130  -0.266  -11.575 1.00 29.86 ? 23  GLY A C   1 
ATOM   157  O O   . GLY A 1 23  ? 11.272  0.918   -11.872 1.00 28.31 ? 23  GLY A O   1 
ATOM   158  N N   . ASP A 1 24  ? 9.934   -0.810  -11.370 1.00 30.50 ? 24  ASP A N   1 
ATOM   159  C CA  . ASP A 1 24  ? 8.709   -0.025  -11.506 1.00 29.50 ? 24  ASP A CA  1 
ATOM   160  C C   . ASP A 1 24  ? 8.282   0.671   -10.217 1.00 29.18 ? 24  ASP A C   1 
ATOM   161  O O   . ASP A 1 24  ? 8.837   0.412   -9.154  1.00 28.35 ? 24  ASP A O   1 
ATOM   162  C CB  . ASP A 1 24  ? 7.590   -0.917  -12.045 1.00 30.42 ? 24  ASP A CB  1 
ATOM   163  C CG  . ASP A 1 24  ? 7.826   -1.317  -13.491 1.00 34.20 ? 24  ASP A CG  1 
ATOM   164  O OD1 . ASP A 1 24  ? 7.141   -2.240  -13.976 1.00 35.90 ? 24  ASP A OD1 1 
ATOM   165  O OD2 . ASP A 1 24  ? 8.699   -0.696  -14.142 1.00 34.14 ? 24  ASP A OD2 1 
ATOM   166  N N   . ILE A 1 25  ? 7.285   1.547   -10.331 1.00 27.34 ? 25  ILE A N   1 
ATOM   167  C CA  . ILE A 1 25  ? 6.785   2.340   -9.212  1.00 28.25 ? 25  ILE A CA  1 
ATOM   168  C C   . ILE A 1 25  ? 5.266   2.395   -9.154  1.00 27.31 ? 25  ILE A C   1 
ATOM   169  O O   . ILE A 1 25  ? 4.600   2.400   -10.187 1.00 25.07 ? 25  ILE A O   1 
ATOM   170  C CB  . ILE A 1 25  ? 7.235   3.833   -9.325  1.00 28.04 ? 25  ILE A CB  1 
ATOM   171  C CG1 . ILE A 1 25  ? 8.753   3.937   -9.443  1.00 30.33 ? 25  ILE A CG1 1 
ATOM   172  C CG2 . ILE A 1 25  ? 6.691   4.639   -8.149  1.00 26.10 ? 25  ILE A CG2 1 
ATOM   173  C CD1 . ILE A 1 25  ? 9.494   3.147   -8.407  1.00 37.61 ? 25  ILE A CD1 1 
ATOM   174  N N   . VAL A 1 26  ? 4.731   2.442   -7.938  1.00 27.25 ? 26  VAL A N   1 
ATOM   175  C CA  . VAL A 1 26  ? 3.296   2.596   -7.730  1.00 27.12 ? 26  VAL A CA  1 
ATOM   176  C C   . VAL A 1 26  ? 3.114   3.639   -6.631  1.00 27.93 ? 26  VAL A C   1 
ATOM   177  O O   . VAL A 1 26  ? 3.799   3.599   -5.604  1.00 25.56 ? 26  VAL A O   1 
ATOM   178  C CB  . VAL A 1 26  ? 2.595   1.287   -7.294  1.00 30.42 ? 26  VAL A CB  1 
ATOM   179  C CG1 . VAL A 1 26  ? 3.195   0.763   -6.011  1.00 32.39 ? 26  VAL A CG1 1 
ATOM   180  C CG2 . VAL A 1 26  ? 1.102   1.552   -7.098  1.00 26.97 ? 26  VAL A CG2 1 
ATOM   181  N N   . THR A 1 27  ? 2.219   4.593   -6.857  1.00 25.47 ? 27  THR A N   1 
ATOM   182  C CA  . THR A 1 27  ? 1.952   5.615   -5.851  1.00 25.89 ? 27  THR A CA  1 
ATOM   183  C C   . THR A 1 27  ? 0.447   5.727   -5.660  1.00 25.97 ? 27  THR A C   1 
ATOM   184  O O   . THR A 1 27  ? -0.305  5.878   -6.634  1.00 24.85 ? 27  THR A O   1 
ATOM   185  C CB  . THR A 1 27  ? 2.508   7.013   -6.252  1.00 26.37 ? 27  THR A CB  1 
ATOM   186  O OG1 . THR A 1 27  ? 3.935   6.966   -6.327  1.00 25.14 ? 27  THR A OG1 1 
ATOM   187  C CG2 . THR A 1 27  ? 2.124   8.062   -5.199  1.00 28.56 ? 27  THR A CG2 1 
ATOM   188  N N   . PHE A 1 28  ? 0.022   5.608   -4.407  1.00 24.48 ? 28  PHE A N   1 
ATOM   189  C CA  . PHE A 1 28  ? -1.379  5.721   -4.040  1.00 24.82 ? 28  PHE A CA  1 
ATOM   190  C C   . PHE A 1 28  ? -1.561  7.143   -3.512  1.00 25.18 ? 28  PHE A C   1 
ATOM   191  O O   . PHE A 1 28  ? -0.796  7.590   -2.653  1.00 26.12 ? 28  PHE A O   1 
ATOM   192  C CB  . PHE A 1 28  ? -1.743  4.730   -2.923  1.00 25.41 ? 28  PHE A CB  1 
ATOM   193  C CG  . PHE A 1 28  ? -1.571  3.276   -3.290  1.00 24.59 ? 28  PHE A CG  1 
ATOM   194  C CD1 . PHE A 1 28  ? -0.350  2.631   -3.095  1.00 27.68 ? 28  PHE A CD1 1 
ATOM   195  C CD2 . PHE A 1 28  ? -2.649  2.536   -3.757  1.00 25.88 ? 28  PHE A CD2 1 
ATOM   196  C CE1 . PHE A 1 28  ? -0.209  1.270   -3.347  1.00 23.99 ? 28  PHE A CE1 1 
ATOM   197  C CE2 . PHE A 1 28  ? -2.526  1.165   -4.016  1.00 27.13 ? 28  PHE A CE2 1 
ATOM   198  C CZ  . PHE A 1 28  ? -1.302  0.529   -3.808  1.00 26.88 ? 28  PHE A CZ  1 
ATOM   199  N N   . PHE A 1 29  ? -2.562  7.849   -4.026  1.00 26.66 ? 29  PHE A N   1 
ATOM   200  C CA  . PHE A 1 29  ? -2.848  9.214   -3.603  1.00 26.62 ? 29  PHE A CA  1 
ATOM   201  C C   . PHE A 1 29  ? -4.175  9.320   -2.872  1.00 28.01 ? 29  PHE A C   1 
ATOM   202  O O   . PHE A 1 29  ? -5.207  8.905   -3.398  1.00 29.69 ? 29  PHE A O   1 
ATOM   203  C CB  . PHE A 1 29  ? -2.907  10.165  -4.800  1.00 28.47 ? 29  PHE A CB  1 
ATOM   204  C CG  . PHE A 1 29  ? -1.623  10.291  -5.541  1.00 28.20 ? 29  PHE A CG  1 
ATOM   205  C CD1 . PHE A 1 29  ? -1.336  9.449   -6.606  1.00 28.90 ? 29  PHE A CD1 1 
ATOM   206  C CD2 . PHE A 1 29  ? -0.690  11.259  -5.171  1.00 30.21 ? 29  PHE A CD2 1 
ATOM   207  C CE1 . PHE A 1 29  ? -0.139  9.567   -7.297  1.00 29.50 ? 29  PHE A CE1 1 
ATOM   208  C CE2 . PHE A 1 29  ? 0.512   11.385  -5.854  1.00 31.31 ? 29  PHE A CE2 1 
ATOM   209  C CZ  . PHE A 1 29  ? 0.789   10.538  -6.921  1.00 31.01 ? 29  PHE A CZ  1 
ATOM   210  N N   . SER A 1 30  ? -4.143  9.885   -1.668  1.00 29.15 ? 30  SER A N   1 
ATOM   211  C CA  . SER A 1 30  ? -5.351  10.083  -0.879  1.00 29.73 ? 30  SER A CA  1 
ATOM   212  C C   . SER A 1 30  ? -5.669  11.582  -0.821  1.00 30.62 ? 30  SER A C   1 
ATOM   213  O O   . SER A 1 30  ? -4.794  12.408  -0.558  1.00 29.21 ? 30  SER A O   1 
ATOM   214  C CB  . SER A 1 30  ? -5.172  9.547   0.543   1.00 30.75 ? 30  SER A CB  1 
ATOM   215  O OG  . SER A 1 30  ? -6.343  9.784   1.310   1.00 29.24 ? 30  SER A OG  1 
ATOM   216  N N   . SER A 1 31  ? -6.925  11.925  -1.072  1.00 31.06 ? 31  SER A N   1 
ATOM   217  C CA  . SER A 1 31  ? -7.356  13.317  -1.055  1.00 34.40 ? 31  SER A CA  1 
ATOM   218  C C   . SER A 1 31  ? -7.733  13.773  0.350   1.00 36.60 ? 31  SER A C   1 
ATOM   219  O O   . SER A 1 31  ? -8.228  14.879  0.535   1.00 38.94 ? 31  SER A O   1 
ATOM   220  C CB  . SER A 1 31  ? -8.548  13.503  -1.992  1.00 35.07 ? 31  SER A CB  1 
ATOM   221  O OG  . SER A 1 31  ? -9.638  12.685  -1.595  1.00 34.89 ? 31  SER A OG  1 
ATOM   222  N N   . ALA A 1 32  ? -7.497  12.917  1.342   1.00 37.27 ? 32  ALA A N   1 
ATOM   223  C CA  . ALA A 1 32  ? -7.809  13.251  2.730   1.00 37.89 ? 32  ALA A CA  1 
ATOM   224  C C   . ALA A 1 32  ? -6.828  12.563  3.663   1.00 38.45 ? 32  ALA A C   1 
ATOM   225  O O   . ALA A 1 32  ? -6.037  11.722  3.240   1.00 38.29 ? 32  ALA A O   1 
ATOM   226  C CB  . ALA A 1 32  ? -9.230  12.827  3.068   1.00 38.07 ? 32  ALA A CB  1 
ATOM   227  N N   . LEU A 1 33  ? -6.873  12.928  4.936   1.00 39.07 ? 33  LEU A N   1 
ATOM   228  C CA  . LEU A 1 33  ? -5.988  12.323  5.919   1.00 40.77 ? 33  LEU A CA  1 
ATOM   229  C C   . LEU A 1 33  ? -6.631  12.444  7.291   1.00 42.05 ? 33  LEU A C   1 
ATOM   230  O O   . LEU A 1 33  ? -6.781  13.548  7.819   1.00 42.96 ? 33  LEU A O   1 
ATOM   231  C CB  . LEU A 1 33  ? -4.625  13.023  5.904   1.00 41.14 ? 33  LEU A CB  1 
ATOM   232  C CG  . LEU A 1 33  ? -3.449  12.334  6.605   1.00 42.88 ? 33  LEU A CG  1 
ATOM   233  C CD1 . LEU A 1 33  ? -3.627  12.388  8.100   1.00 45.69 ? 33  LEU A CD1 1 
ATOM   234  C CD2 . LEU A 1 33  ? -3.346  10.895  6.136   1.00 43.05 ? 33  LEU A CD2 1 
ATOM   235  N N   . ASN A 1 34  ? -7.026  11.313  7.864   1.00 41.97 ? 34  ASN A N   1 
ATOM   236  C CA  . ASN A 1 34  ? -7.655  11.326  9.179   1.00 43.17 ? 34  ASN A CA  1 
ATOM   237  C C   . ASN A 1 34  ? -6.925  10.431  10.170  1.00 42.10 ? 34  ASN A C   1 
ATOM   238  O O   . ASN A 1 34  ? -7.257  9.253   10.332  1.00 42.21 ? 34  ASN A O   1 
ATOM   239  C CB  . ASN A 1 34  ? -9.123  10.909  9.070   1.00 42.97 ? 34  ASN A CB  1 
ATOM   240  C CG  . ASN A 1 34  ? -9.824  10.902  10.416  1.00 45.21 ? 34  ASN A CG  1 
ATOM   241  O OD1 . ASN A 1 34  ? -9.471  11.667  11.318  1.00 43.53 ? 34  ASN A OD1 1 
ATOM   242  N ND2 . ASN A 1 34  ? -10.833 10.048  10.554  1.00 45.91 ? 34  ASN A ND2 1 
ATOM   243  N N   . LEU A 1 35  ? -5.926  11.001  10.833  1.00 42.04 ? 35  LEU A N   1 
ATOM   244  C CA  . LEU A 1 35  ? -5.145  10.260  11.813  1.00 43.77 ? 35  LEU A CA  1 
ATOM   245  C C   . LEU A 1 35  ? -5.889  10.171  13.134  1.00 42.68 ? 35  LEU A C   1 
ATOM   246  O O   . LEU A 1 35  ? -5.355  9.685   14.127  1.00 43.20 ? 35  LEU A O   1 
ATOM   247  C CB  . LEU A 1 35  ? -3.777  10.923  12.024  1.00 44.35 ? 35  LEU A CB  1 
ATOM   248  C CG  . LEU A 1 35  ? -2.843  10.943  10.809  1.00 45.85 ? 35  LEU A CG  1 
ATOM   249  C CD1 . LEU A 1 35  ? -1.479  11.498  11.209  1.00 46.54 ? 35  LEU A CD1 1 
ATOM   250  C CD2 . LEU A 1 35  ? -2.695  9.539   10.246  1.00 45.65 ? 35  LEU A CD2 1 
ATOM   251  N N   . ASN A 1 36  ? -7.132  10.643  13.132  1.00 42.37 ? 36  ASN A N   1 
ATOM   252  C CA  . ASN A 1 36  ? -7.971  10.611  14.319  1.00 42.90 ? 36  ASN A CA  1 
ATOM   253  C C   . ASN A 1 36  ? -9.182  9.710   14.078  1.00 43.56 ? 36  ASN A C   1 
ATOM   254  O O   . ASN A 1 36  ? -10.178 9.792   14.789  1.00 43.54 ? 36  ASN A O   1 
ATOM   255  C CB  . ASN A 1 36  ? -8.427  12.032  14.683  1.00 42.06 ? 36  ASN A CB  1 
ATOM   256  C CG  . ASN A 1 36  ? -7.270  12.922  15.117  1.00 42.41 ? 36  ASN A CG  1 
ATOM   257  O OD1 . ASN A 1 36  ? -6.578  12.627  16.090  1.00 42.65 ? 36  ASN A OD1 1 
ATOM   258  N ND2 . ASN A 1 36  ? -7.051  14.013  14.388  1.00 40.88 ? 36  ASN A ND2 1 
ATOM   259  N N   . ALA A 1 37  ? -9.088  8.843   13.072  1.00 44.87 ? 37  ALA A N   1 
ATOM   260  C CA  . ALA A 1 37  ? -10.179 7.926   12.742  1.00 45.52 ? 37  ALA A CA  1 
ATOM   261  C C   . ALA A 1 37  ? -10.415 6.917   13.865  1.00 45.60 ? 37  ALA A C   1 
ATOM   262  O O   . ALA A 1 37  ? -9.563  6.731   14.733  1.00 43.88 ? 37  ALA A O   1 
ATOM   263  C CB  . ALA A 1 37  ? -9.866  7.185   11.440  1.00 45.66 ? 37  ALA A CB  1 
ATOM   264  N N   . GLY A 1 38  ? -11.578 6.271   13.841  1.00 47.38 ? 38  GLY A N   1 
ATOM   265  C CA  . GLY A 1 38  ? -11.887 5.281   14.860  1.00 48.91 ? 38  GLY A CA  1 
ATOM   266  C C   . GLY A 1 38  ? -10.879 4.145   14.860  1.00 49.93 ? 38  GLY A C   1 
ATOM   267  O O   . GLY A 1 38  ? -10.114 3.987   13.906  1.00 49.34 ? 38  GLY A O   1 
ATOM   268  N N   . ALA A 1 39  ? -10.872 3.347   15.926  1.00 49.70 ? 39  ALA A N   1 
ATOM   269  C CA  . ALA A 1 39  ? -9.941  2.227   16.026  1.00 49.19 ? 39  ALA A CA  1 
ATOM   270  C C   . ALA A 1 39  ? -10.156 1.237   14.889  1.00 49.26 ? 39  ALA A C   1 
ATOM   271  O O   . ALA A 1 39  ? -11.256 1.127   14.346  1.00 48.03 ? 39  ALA A O   1 
ATOM   272  C CB  . ALA A 1 39  ? -10.114 1.519   17.362  1.00 50.14 ? 39  ALA A CB  1 
ATOM   273  N N   . GLY A 1 40  ? -9.093  0.524   14.535  1.00 49.82 ? 40  GLY A N   1 
ATOM   274  C CA  . GLY A 1 40  ? -9.171  -0.465  13.477  1.00 50.82 ? 40  GLY A CA  1 
ATOM   275  C C   . GLY A 1 40  ? -9.499  -1.827  14.056  1.00 51.71 ? 40  GLY A C   1 
ATOM   276  O O   . GLY A 1 40  ? -9.459  -2.016  15.275  1.00 51.92 ? 40  GLY A O   1 
ATOM   277  N N   . ASN A 1 41  ? -9.814  -2.782  13.189  1.00 51.21 ? 41  ASN A N   1 
ATOM   278  C CA  . ASN A 1 41  ? -10.160 -4.125  13.636  1.00 51.22 ? 41  ASN A CA  1 
ATOM   279  C C   . ASN A 1 41  ? -9.412  -5.233  12.898  1.00 48.78 ? 41  ASN A C   1 
ATOM   280  O O   . ASN A 1 41  ? -10.030 -6.141  12.344  1.00 50.19 ? 41  ASN A O   1 
ATOM   281  C CB  . ASN A 1 41  ? -11.670 -4.336  13.485  1.00 54.63 ? 41  ASN A CB  1 
ATOM   282  C CG  . ASN A 1 41  ? -12.187 -3.948  12.099  1.00 58.73 ? 41  ASN A CG  1 
ATOM   283  O OD1 . ASN A 1 41  ? -13.368 -4.132  11.790  1.00 60.18 ? 41  ASN A OD1 1 
ATOM   284  N ND2 . ASN A 1 41  ? -11.304 -3.403  11.260  1.00 60.43 ? 41  ASN A ND2 1 
ATOM   285  N N   . PRO A 1 42  ? -8.069  -5.199  12.909  1.00 46.34 ? 42  PRO A N   1 
ATOM   286  C CA  . PRO A 1 42  ? -7.187  -4.219  13.551  1.00 43.81 ? 42  PRO A CA  1 
ATOM   287  C C   . PRO A 1 42  ? -6.724  -3.112  12.608  1.00 41.74 ? 42  PRO A C   1 
ATOM   288  O O   . PRO A 1 42  ? -6.086  -2.151  13.033  1.00 42.60 ? 42  PRO A O   1 
ATOM   289  C CB  . PRO A 1 42  ? -6.024  -5.080  14.002  1.00 44.45 ? 42  PRO A CB  1 
ATOM   290  C CG  . PRO A 1 42  ? -5.853  -5.976  12.810  1.00 44.51 ? 42  PRO A CG  1 
ATOM   291  C CD  . PRO A 1 42  ? -7.287  -6.359  12.441  1.00 45.81 ? 42  PRO A CD  1 
ATOM   292  N N   . ASN A 1 43  ? -7.052  -3.245  11.329  1.00 39.04 ? 43  ASN A N   1 
ATOM   293  C CA  . ASN A 1 43  ? -6.626  -2.270  10.333  1.00 35.89 ? 43  ASN A CA  1 
ATOM   294  C C   . ASN A 1 43  ? -7.594  -1.116  10.097  1.00 34.00 ? 43  ASN A C   1 
ATOM   295  O O   . ASN A 1 43  ? -8.807  -1.299  10.096  1.00 34.82 ? 43  ASN A O   1 
ATOM   296  C CB  . ASN A 1 43  ? -6.369  -2.988  9.005   1.00 34.49 ? 43  ASN A CB  1 
ATOM   297  C CG  . ASN A 1 43  ? -5.475  -4.199  9.169   1.00 36.18 ? 43  ASN A CG  1 
ATOM   298  O OD1 . ASN A 1 43  ? -4.433  -4.127  9.822   1.00 35.24 ? 43  ASN A OD1 1 
ATOM   299  N ND2 . ASN A 1 43  ? -5.870  -5.315  8.567   1.00 32.50 ? 43  ASN A ND2 1 
ATOM   300  N N   . ASN A 1 44  ? -7.040  0.076   9.910   1.00 34.74 ? 44  ASN A N   1 
ATOM   301  C CA  . ASN A 1 44  ? -7.836  1.270   9.615   1.00 33.38 ? 44  ASN A CA  1 
ATOM   302  C C   . ASN A 1 44  ? -7.834  1.355   8.095   1.00 33.52 ? 44  ASN A C   1 
ATOM   303  O O   . ASN A 1 44  ? -8.841  1.652   7.452   1.00 33.10 ? 44  ASN A O   1 
ATOM   304  C CB  . ASN A 1 44  ? -7.159  2.524   10.165  1.00 31.73 ? 44  ASN A CB  1 
ATOM   305  C CG  . ASN A 1 44  ? -7.407  2.725   11.639  1.00 31.73 ? 44  ASN A CG  1 
ATOM   306  O OD1 . ASN A 1 44  ? -8.484  3.167   12.039  1.00 29.05 ? 44  ASN A OD1 1 
ATOM   307  N ND2 . ASN A 1 44  ? -6.417  2.393   12.458  1.00 28.75 ? 44  ASN A ND2 1 
ATOM   308  N N   . THR A 1 45  ? -6.664  1.077   7.540   1.00 33.39 ? 45  THR A N   1 
ATOM   309  C CA  . THR A 1 45  ? -6.455  1.125   6.108   1.00 32.17 ? 45  THR A CA  1 
ATOM   310  C C   . THR A 1 45  ? -5.338  0.169   5.754   1.00 31.07 ? 45  THR A C   1 
ATOM   311  O O   . THR A 1 45  ? -4.383  0.012   6.515   1.00 30.23 ? 45  THR A O   1 
ATOM   312  C CB  . THR A 1 45  ? -6.018  2.540   5.661   1.00 32.64 ? 45  THR A CB  1 
ATOM   313  O OG1 . THR A 1 45  ? -7.088  3.473   5.881   1.00 31.31 ? 45  THR A OG1 1 
ATOM   314  C CG2 . THR A 1 45  ? -5.618  2.536   4.193   1.00 34.59 ? 45  THR A CG2 1 
ATOM   315  N N   . THR A 1 46  ? -5.482  -0.471  4.601   1.00 28.90 ? 46  THR A N   1 
ATOM   316  C CA  . THR A 1 46  ? -4.481  -1.379  4.070   1.00 27.86 ? 46  THR A CA  1 
ATOM   317  C C   . THR A 1 46  ? -4.412  -1.064  2.594   1.00 25.14 ? 46  THR A C   1 
ATOM   318  O O   . THR A 1 46  ? -5.420  -0.688  1.990   1.00 26.24 ? 46  THR A O   1 
ATOM   319  C CB  . THR A 1 46  ? -4.871  -2.864  4.205   1.00 27.82 ? 46  THR A CB  1 
ATOM   320  O OG1 . THR A 1 46  ? -5.990  -3.149  3.352   1.00 28.12 ? 46  THR A OG1 1 
ATOM   321  C CG2 . THR A 1 46  ? -5.219  -3.187  5.644   1.00 27.97 ? 46  THR A CG2 1 
ATOM   322  N N   . LEU A 1 47  ? -3.216  -1.187  2.033   1.00 23.05 ? 47  LEU A N   1 
ATOM   323  C CA  . LEU A 1 47  ? -2.976  -0.959  0.620   1.00 22.54 ? 47  LEU A CA  1 
ATOM   324  C C   . LEU A 1 47  ? -2.258  -2.247  0.239   1.00 24.04 ? 47  LEU A C   1 
ATOM   325  O O   . LEU A 1 47  ? -1.425  -2.716  1.002   1.00 21.99 ? 47  LEU A O   1 
ATOM   326  C CB  . LEU A 1 47  ? -2.071  0.265   0.415   1.00 21.71 ? 47  LEU A CB  1 
ATOM   327  C CG  . LEU A 1 47  ? -2.673  1.606   0.863   1.00 23.05 ? 47  LEU A CG  1 
ATOM   328  C CD1 . LEU A 1 47  ? -1.627  2.707   0.753   1.00 20.89 ? 47  LEU A CD1 1 
ATOM   329  C CD2 . LEU A 1 47  ? -3.897  1.945   -0.006  1.00 24.04 ? 47  LEU A CD2 1 
ATOM   330  N N   . ASN A 1 48  ? -2.563  -2.805  -0.932  1.00 24.63 ? 48  ASN A N   1 
ATOM   331  C CA  . ASN A 1 48  ? -1.980  -4.085  -1.328  1.00 24.67 ? 48  ASN A CA  1 
ATOM   332  C C   . ASN A 1 48  ? -1.554  -4.240  -2.790  1.00 25.27 ? 48  ASN A C   1 
ATOM   333  O O   . ASN A 1 48  ? -2.205  -3.727  -3.708  1.00 23.31 ? 48  ASN A O   1 
ATOM   334  C CB  . ASN A 1 48  ? -2.977  -5.211  -1.015  1.00 26.82 ? 48  ASN A CB  1 
ATOM   335  C CG  . ASN A 1 48  ? -3.507  -5.153  0.408   1.00 30.71 ? 48  ASN A CG  1 
ATOM   336  O OD1 . ASN A 1 48  ? -2.833  -5.563  1.353   1.00 32.41 ? 48  ASN A OD1 1 
ATOM   337  N ND2 . ASN A 1 48  ? -4.720  -4.628  0.567   1.00 29.70 ? 48  ASN A ND2 1 
ATOM   338  N N   . LEU A 1 49  ? -0.459  -4.967  -2.988  1.00 22.88 ? 49  LEU A N   1 
ATOM   339  C CA  . LEU A 1 49  ? 0.036   -5.264  -4.325  1.00 26.10 ? 49  LEU A CA  1 
ATOM   340  C C   . LEU A 1 49  ? -0.203  -6.765  -4.478  1.00 26.70 ? 49  LEU A C   1 
ATOM   341  O O   . LEU A 1 49  ? 0.313   -7.556  -3.683  1.00 27.17 ? 49  LEU A O   1 
ATOM   342  C CB  . LEU A 1 49  ? 1.538   -4.973  -4.456  1.00 25.36 ? 49  LEU A CB  1 
ATOM   343  C CG  . LEU A 1 49  ? 2.105   -3.576  -4.140  1.00 29.44 ? 49  LEU A CG  1 
ATOM   344  C CD1 . LEU A 1 49  ? 3.262   -3.323  -5.088  1.00 25.39 ? 49  LEU A CD1 1 
ATOM   345  C CD2 . LEU A 1 49  ? 1.061   -2.485  -4.295  1.00 29.85 ? 49  LEU A CD2 1 
ATOM   346  N N   . PHE A 1 50  ? -0.995  -7.155  -5.474  1.00 28.44 ? 50  PHE A N   1 
ATOM   347  C CA  . PHE A 1 50  ? -1.302  -8.572  -5.699  1.00 29.28 ? 50  PHE A CA  1 
ATOM   348  C C   . PHE A 1 50  ? -0.652  -9.169  -6.935  1.00 28.38 ? 50  PHE A C   1 
ATOM   349  O O   . PHE A 1 50  ? -0.407  -8.478  -7.919  1.00 28.93 ? 50  PHE A O   1 
ATOM   350  C CB  . PHE A 1 50  ? -2.807  -8.807  -5.886  1.00 27.57 ? 50  PHE A CB  1 
ATOM   351  C CG  . PHE A 1 50  ? -3.648  -8.511  -4.682  1.00 28.65 ? 50  PHE A CG  1 
ATOM   352  C CD1 . PHE A 1 50  ? -4.204  -7.246  -4.495  1.00 30.68 ? 50  PHE A CD1 1 
ATOM   353  C CD2 . PHE A 1 50  ? -3.932  -9.508  -3.765  1.00 26.56 ? 50  PHE A CD2 1 
ATOM   354  C CE1 . PHE A 1 50  ? -5.040  -6.988  -3.406  1.00 30.83 ? 50  PHE A CE1 1 
ATOM   355  C CE2 . PHE A 1 50  ? -4.764  -9.260  -2.674  1.00 30.71 ? 50  PHE A CE2 1 
ATOM   356  C CZ  . PHE A 1 50  ? -5.319  -7.999  -2.495  1.00 28.84 ? 50  PHE A CZ  1 
ATOM   357  N N   . ALA A 1 51  ? -0.410  -10.478 -6.871  1.00 31.96 ? 51  ALA A N   1 
ATOM   358  C CA  . ALA A 1 51  ? 0.115   -11.233 -8.001  1.00 34.15 ? 51  ALA A CA  1 
ATOM   359  C C   . ALA A 1 51  ? -1.173  -11.714 -8.693  1.00 35.97 ? 51  ALA A C   1 
ATOM   360  O O   . ALA A 1 51  ? -2.240  -11.717 -8.076  1.00 36.83 ? 51  ALA A O   1 
ATOM   361  C CB  . ALA A 1 51  ? 0.929   -12.420 -7.512  1.00 34.38 ? 51  ALA A CB  1 
ATOM   362  N N   . GLU A 1 52  ? -1.091  -12.123 -9.953  1.00 37.89 ? 52  GLU A N   1 
ATOM   363  C CA  . GLU A 1 52  ? -2.290  -12.565 -10.661 1.00 40.14 ? 52  GLU A CA  1 
ATOM   364  C C   . GLU A 1 52  ? -2.921  -13.801 -10.027 1.00 40.14 ? 52  GLU A C   1 
ATOM   365  O O   . GLU A 1 52  ? -4.130  -14.008 -10.127 1.00 39.96 ? 52  GLU A O   1 
ATOM   366  C CB  . GLU A 1 52  ? -1.971  -12.853 -12.132 1.00 43.51 ? 52  GLU A CB  1 
ATOM   367  C CG  . GLU A 1 52  ? -3.192  -12.776 -13.042 1.00 48.03 ? 52  GLU A CG  1 
ATOM   368  C CD  . GLU A 1 52  ? -2.859  -13.024 -14.502 1.00 50.89 ? 52  GLU A CD  1 
ATOM   369  O OE1 . GLU A 1 52  ? -2.668  -14.196 -14.882 1.00 54.75 ? 52  GLU A OE1 1 
ATOM   370  O OE2 . GLU A 1 52  ? -2.781  -12.044 -15.273 1.00 53.52 ? 52  GLU A OE2 1 
ATOM   371  N N   . ASN A 1 53  ? -2.102  -14.612 -9.365  1.00 39.23 ? 53  ASN A N   1 
ATOM   372  C CA  . ASN A 1 53  ? -2.581  -15.836 -8.723  1.00 38.84 ? 53  ASN A CA  1 
ATOM   373  C C   . ASN A 1 53  ? -3.256  -15.557 -7.380  1.00 38.30 ? 53  ASN A C   1 
ATOM   374  O O   . ASN A 1 53  ? -3.614  -16.485 -6.659  1.00 37.04 ? 53  ASN A O   1 
ATOM   375  C CB  . ASN A 1 53  ? -1.417  -16.811 -8.515  1.00 40.23 ? 53  ASN A CB  1 
ATOM   376  C CG  . ASN A 1 53  ? -0.540  -16.424 -7.339  1.00 42.21 ? 53  ASN A CG  1 
ATOM   377  O OD1 . ASN A 1 53  ? -0.339  -15.246 -7.065  1.00 41.72 ? 53  ASN A OD1 1 
ATOM   378  N ND2 . ASN A 1 53  ? -0.005  -17.422 -6.642  1.00 44.50 ? 53  ASN A ND2 1 
ATOM   379  N N   . GLY A 1 54  ? -3.425  -14.282 -7.043  1.00 36.49 ? 54  GLY A N   1 
ATOM   380  C CA  . GLY A 1 54  ? -4.066  -13.938 -5.786  1.00 34.17 ? 54  GLY A CA  1 
ATOM   381  C C   . GLY A 1 54  ? -3.142  -13.729 -4.596  1.00 33.65 ? 54  GLY A C   1 
ATOM   382  O O   . GLY A 1 54  ? -3.596  -13.352 -3.518  1.00 32.47 ? 54  GLY A O   1 
ATOM   383  N N   . ALA A 1 55  ? -1.846  -13.959 -4.771  1.00 34.15 ? 55  ALA A N   1 
ATOM   384  C CA  . ALA A 1 55  ? -0.909  -13.776 -3.665  1.00 33.32 ? 55  ALA A CA  1 
ATOM   385  C C   . ALA A 1 55  ? -0.761  -12.303 -3.266  1.00 33.27 ? 55  ALA A C   1 
ATOM   386  O O   . ALA A 1 55  ? -0.800  -11.413 -4.117  1.00 33.23 ? 55  ALA A O   1 
ATOM   387  C CB  . ALA A 1 55  ? 0.460   -14.351 -4.033  1.00 33.51 ? 55  ALA A CB  1 
ATOM   388  N N   . TYR A 1 56  ? -0.613  -12.065 -1.963  1.00 32.03 ? 56  TYR A N   1 
ATOM   389  C CA  . TYR A 1 56  ? -0.404  -10.723 -1.425  1.00 32.70 ? 56  TYR A CA  1 
ATOM   390  C C   . TYR A 1 56  ? 1.103   -10.489 -1.440  1.00 30.83 ? 56  TYR A C   1 
ATOM   391  O O   . TYR A 1 56  ? 1.799   -10.883 -0.508  1.00 30.87 ? 56  TYR A O   1 
ATOM   392  C CB  . TYR A 1 56  ? -0.889  -10.630 0.028   1.00 33.12 ? 56  TYR A CB  1 
ATOM   393  C CG  . TYR A 1 56  ? -2.368  -10.373 0.211   1.00 36.43 ? 56  TYR A CG  1 
ATOM   394  C CD1 . TYR A 1 56  ? -2.843  -9.085  0.467   1.00 36.74 ? 56  TYR A CD1 1 
ATOM   395  C CD2 . TYR A 1 56  ? -3.287  -11.417 0.161   1.00 35.61 ? 56  TYR A CD2 1 
ATOM   396  C CE1 . TYR A 1 56  ? -4.198  -8.843  0.675   1.00 36.64 ? 56  TYR A CE1 1 
ATOM   397  C CE2 . TYR A 1 56  ? -4.642  -11.192 0.366   1.00 38.38 ? 56  TYR A CE2 1 
ATOM   398  C CZ  . TYR A 1 56  ? -5.094  -9.905  0.622   1.00 39.90 ? 56  TYR A CZ  1 
ATOM   399  O OH  . TYR A 1 56  ? -6.435  -9.681  0.819   1.00 40.41 ? 56  TYR A OH  1 
ATOM   400  N N   . LEU A 1 57  ? 1.610   -9.869  -2.498  1.00 30.38 ? 57  LEU A N   1 
ATOM   401  C CA  . LEU A 1 57  ? 3.041   -9.599  -2.586  1.00 30.29 ? 57  LEU A CA  1 
ATOM   402  C C   . LEU A 1 57  ? 3.437   -8.632  -1.482  1.00 30.69 ? 57  LEU A C   1 
ATOM   403  O O   . LEU A 1 57  ? 4.434   -8.832  -0.785  1.00 29.51 ? 57  LEU A O   1 
ATOM   404  C CB  . LEU A 1 57  ? 3.381   -9.024  -3.963  1.00 33.21 ? 57  LEU A CB  1 
ATOM   405  C CG  . LEU A 1 57  ? 3.635   -10.033 -5.093  1.00 32.23 ? 57  LEU A CG  1 
ATOM   406  C CD1 . LEU A 1 57  ? 2.740   -11.232 -4.940  1.00 35.89 ? 57  LEU A CD1 1 
ATOM   407  C CD2 . LEU A 1 57  ? 3.423   -9.365  -6.442  1.00 32.56 ? 57  LEU A CD2 1 
ATOM   408  N N   . LEU A 1 58  ? 2.647   -7.576  -1.318  1.00 29.92 ? 58  LEU A N   1 
ATOM   409  C CA  . LEU A 1 58  ? 2.921   -6.599  -0.270  1.00 29.57 ? 58  LEU A CA  1 
ATOM   410  C C   . LEU A 1 58  ? 1.614   -6.110  0.319   1.00 27.81 ? 58  LEU A C   1 
ATOM   411  O O   . LEU A 1 58  ? 0.721   -5.667  -0.407  1.00 26.55 ? 58  LEU A O   1 
ATOM   412  C CB  . LEU A 1 58  ? 3.720   -5.411  -0.817  1.00 29.57 ? 58  LEU A CB  1 
ATOM   413  C CG  . LEU A 1 58  ? 4.029   -4.346  0.243   1.00 28.82 ? 58  LEU A CG  1 
ATOM   414  C CD1 . LEU A 1 58  ? 4.871   -4.973  1.345   1.00 30.64 ? 58  LEU A CD1 1 
ATOM   415  C CD2 . LEU A 1 58  ? 4.772   -3.156  -0.383  1.00 29.64 ? 58  LEU A CD2 1 
ATOM   416  N N   . HIS A 1 59  ? 1.514   -6.208  1.640   1.00 26.97 ? 59  HIS A N   1 
ATOM   417  C CA  . HIS A 1 59  ? 0.340   -5.793  2.396   1.00 26.41 ? 59  HIS A CA  1 
ATOM   418  C C   . HIS A 1 59  ? 0.814   -4.700  3.346   1.00 28.89 ? 59  HIS A C   1 
ATOM   419  O O   . HIS A 1 59  ? 1.713   -4.937  4.157   1.00 29.91 ? 59  HIS A O   1 
ATOM   420  C CB  . HIS A 1 59  ? -0.201  -6.991  3.187   1.00 26.71 ? 59  HIS A CB  1 
ATOM   421  C CG  . HIS A 1 59  ? -1.291  -6.656  4.163   1.00 27.23 ? 59  HIS A CG  1 
ATOM   422  N ND1 . HIS A 1 59  ? -2.574  -6.330  3.776   1.00 28.82 ? 59  HIS A ND1 1 
ATOM   423  C CD2 . HIS A 1 59  ? -1.299  -6.651  5.520   1.00 26.52 ? 59  HIS A CD2 1 
ATOM   424  C CE1 . HIS A 1 59  ? -3.325  -6.142  4.847   1.00 25.10 ? 59  HIS A CE1 1 
ATOM   425  N NE2 . HIS A 1 59  ? -2.574  -6.331  5.919   1.00 26.27 ? 59  HIS A NE2 1 
ATOM   426  N N   . ILE A 1 60  ? 0.221   -3.509  3.230   1.00 28.22 ? 60  ILE A N   1 
ATOM   427  C CA  . ILE A 1 60  ? 0.577   -2.361  4.073   1.00 28.61 ? 60  ILE A CA  1 
ATOM   428  C C   . ILE A 1 60  ? -0.631  -2.055  4.941   1.00 30.57 ? 60  ILE A C   1 
ATOM   429  O O   . ILE A 1 60  ? -1.678  -1.626  4.441   1.00 31.45 ? 60  ILE A O   1 
ATOM   430  C CB  . ILE A 1 60  ? 0.913   -1.106  3.212   1.00 28.36 ? 60  ILE A CB  1 
ATOM   431  C CG1 . ILE A 1 60  ? 1.995   -1.451  2.191   1.00 28.80 ? 60  ILE A CG1 1 
ATOM   432  C CG2 . ILE A 1 60  ? 1.412   0.034   4.097   1.00 26.83 ? 60  ILE A CG2 1 
ATOM   433  C CD1 . ILE A 1 60  ? 2.218   -0.361  1.139   1.00 28.29 ? 60  ILE A CD1 1 
ATOM   434  N N   . ALA A 1 61  ? -0.494  -2.279  6.242   1.00 30.70 ? 61  ALA A N   1 
ATOM   435  C CA  . ALA A 1 61  ? -1.597  -2.052  7.159   1.00 31.00 ? 61  ALA A CA  1 
ATOM   436  C C   . ALA A 1 61  ? -1.346  -0.917  8.139   1.00 32.23 ? 61  ALA A C   1 
ATOM   437  O O   . ALA A 1 61  ? -0.356  -0.928  8.877   1.00 32.08 ? 61  ALA A O   1 
ATOM   438  C CB  . ALA A 1 61  ? -1.908  -3.348  7.924   1.00 29.02 ? 61  ALA A CB  1 
ATOM   439  N N   . PHE A 1 62  ? -2.246  0.064   8.140   1.00 33.29 ? 62  PHE A N   1 
ATOM   440  C CA  . PHE A 1 62  ? -2.148  1.199   9.049   1.00 35.03 ? 62  PHE A CA  1 
ATOM   441  C C   . PHE A 1 62  ? -3.077  0.966   10.225  1.00 36.10 ? 62  PHE A C   1 
ATOM   442  O O   . PHE A 1 62  ? -4.287  0.849   10.056  1.00 37.05 ? 62  PHE A O   1 
ATOM   443  C CB  . PHE A 1 62  ? -2.546  2.506   8.359   1.00 34.44 ? 62  PHE A CB  1 
ATOM   444  C CG  . PHE A 1 62  ? -1.689  2.853   7.183   1.00 35.96 ? 62  PHE A CG  1 
ATOM   445  C CD1 . PHE A 1 62  ? -1.983  2.348   5.918   1.00 34.05 ? 62  PHE A CD1 1 
ATOM   446  C CD2 . PHE A 1 62  ? -0.584  3.679   7.337   1.00 34.33 ? 62  PHE A CD2 1 
ATOM   447  C CE1 . PHE A 1 62  ? -1.186  2.665   4.825   1.00 34.48 ? 62  PHE A CE1 1 
ATOM   448  C CE2 . PHE A 1 62  ? 0.216   3.999   6.250   1.00 38.09 ? 62  PHE A CE2 1 
ATOM   449  C CZ  . PHE A 1 62  ? -0.087  3.489   4.988   1.00 34.19 ? 62  PHE A CZ  1 
ATOM   450  N N   . ARG A 1 63  ? -2.507  0.902   11.422  1.00 38.52 ? 63  ARG A N   1 
ATOM   451  C CA  . ARG A 1 63  ? -3.297  0.678   12.626  1.00 39.60 ? 63  ARG A CA  1 
ATOM   452  C C   . ARG A 1 63  ? -3.066  1.820   13.614  1.00 39.73 ? 63  ARG A C   1 
ATOM   453  O O   . ARG A 1 63  ? -2.000  1.925   14.230  1.00 37.48 ? 63  ARG A O   1 
ATOM   454  C CB  . ARG A 1 63  ? -2.906  -0.666  13.247  1.00 39.39 ? 63  ARG A CB  1 
ATOM   455  C CG  . ARG A 1 63  ? -2.934  -1.817  12.246  1.00 40.09 ? 63  ARG A CG  1 
ATOM   456  C CD  . ARG A 1 63  ? -2.614  -3.158  12.902  1.00 38.97 ? 63  ARG A CD  1 
ATOM   457  N NE  . ARG A 1 63  ? -2.723  -4.260  11.951  1.00 37.68 ? 63  ARG A NE  1 
ATOM   458  C CZ  . ARG A 1 63  ? -2.486  -5.533  12.249  1.00 37.34 ? 63  ARG A CZ  1 
ATOM   459  N NH1 . ARG A 1 63  ? -2.123  -5.876  13.481  1.00 35.38 ? 63  ARG A NH1 1 
ATOM   460  N NH2 . ARG A 1 63  ? -2.608  -6.465  11.313  1.00 35.74 ? 63  ARG A NH2 1 
ATOM   461  N N   . LEU A 1 64  ? -4.066  2.684   13.741  1.00 40.95 ? 64  LEU A N   1 
ATOM   462  C CA  . LEU A 1 64  ? -3.983  3.829   14.639  1.00 43.45 ? 64  LEU A CA  1 
ATOM   463  C C   . LEU A 1 64  ? -3.991  3.414   16.105  1.00 45.21 ? 64  LEU A C   1 
ATOM   464  O O   . LEU A 1 64  ? -3.201  3.916   16.904  1.00 44.75 ? 64  LEU A O   1 
ATOM   465  C CB  . LEU A 1 64  ? -5.151  4.789   14.388  1.00 41.99 ? 64  LEU A CB  1 
ATOM   466  C CG  . LEU A 1 64  ? -5.188  5.537   13.054  1.00 42.81 ? 64  LEU A CG  1 
ATOM   467  C CD1 . LEU A 1 64  ? -6.360  6.523   13.058  1.00 40.50 ? 64  LEU A CD1 1 
ATOM   468  C CD2 . LEU A 1 64  ? -3.869  6.268   12.838  1.00 42.47 ? 64  LEU A CD2 1 
ATOM   469  N N   . GLN A 1 65  ? -4.887  2.495   16.450  1.00 47.84 ? 65  GLN A N   1 
ATOM   470  C CA  . GLN A 1 65  ? -5.011  2.034   17.824  1.00 51.41 ? 65  GLN A CA  1 
ATOM   471  C C   . GLN A 1 65  ? -3.750  1.350   18.333  1.00 52.68 ? 65  GLN A C   1 
ATOM   472  O O   . GLN A 1 65  ? -3.471  1.368   19.532  1.00 54.30 ? 65  GLN A O   1 
ATOM   473  C CB  . GLN A 1 65  ? -6.231  1.109   17.972  1.00 52.71 ? 65  GLN A CB  1 
ATOM   474  C CG  . GLN A 1 65  ? -6.183  -0.210  17.210  1.00 56.02 ? 65  GLN A CG  1 
ATOM   475  C CD  . GLN A 1 65  ? -6.105  -0.035  15.702  1.00 56.65 ? 65  GLN A CD  1 
ATOM   476  O OE1 . GLN A 1 65  ? -6.730  0.862   15.129  1.00 57.01 ? 65  GLN A OE1 1 
ATOM   477  N NE2 . GLN A 1 65  ? -5.345  -0.906  15.050  1.00 57.80 ? 65  GLN A NE2 1 
ATOM   478  N N   . GLU A 1 66  ? -2.981  0.758   17.423  1.00 53.61 ? 66  GLU A N   1 
ATOM   479  C CA  . GLU A 1 66  ? -1.741  0.088   17.798  1.00 52.77 ? 66  GLU A CA  1 
ATOM   480  C C   . GLU A 1 66  ? -0.569  0.983   17.405  1.00 52.44 ? 66  GLU A C   1 
ATOM   481  O O   . GLU A 1 66  ? 0.592   0.649   17.645  1.00 51.58 ? 66  GLU A O   1 
ATOM   482  C CB  . GLU A 1 66  ? -1.633  -1.263  17.090  1.00 54.07 ? 66  GLU A CB  1 
ATOM   483  C CG  . GLU A 1 66  ? -2.980  -1.872  16.742  1.00 55.49 ? 66  GLU A CG  1 
ATOM   484  C CD  . GLU A 1 66  ? -2.970  -3.386  16.744  1.00 56.35 ? 66  GLU A CD  1 
ATOM   485  O OE1 . GLU A 1 66  ? -2.009  -3.986  16.215  1.00 57.14 ? 66  GLU A OE1 1 
ATOM   486  O OE2 . GLU A 1 66  ? -3.937  -3.976  17.272  1.00 57.44 ? 66  GLU A OE2 1 
ATOM   487  N N   . ASN A 1 67  ? -0.901  2.129   16.812  1.00 51.82 ? 67  ASN A N   1 
ATOM   488  C CA  . ASN A 1 67  ? 0.075   3.118   16.356  1.00 50.92 ? 67  ASN A CA  1 
ATOM   489  C C   . ASN A 1 67  ? 1.238   2.439   15.647  1.00 48.85 ? 67  ASN A C   1 
ATOM   490  O O   . ASN A 1 67  ? 2.381   2.514   16.097  1.00 48.95 ? 67  ASN A O   1 
ATOM   491  C CB  . ASN A 1 67  ? 0.601   3.945   17.536  1.00 53.50 ? 67  ASN A CB  1 
ATOM   492  C CG  . ASN A 1 67  ? 1.292   5.230   17.090  1.00 56.32 ? 67  ASN A CG  1 
ATOM   493  O OD1 . ASN A 1 67  ? 0.651   6.141   16.557  1.00 58.90 ? 67  ASN A OD1 1 
ATOM   494  N ND2 . ASN A 1 67  ? 2.602   5.308   17.304  1.00 56.04 ? 67  ASN A ND2 1 
ATOM   495  N N   . VAL A 1 68  ? 0.946   1.783   14.530  1.00 46.38 ? 68  VAL A N   1 
ATOM   496  C CA  . VAL A 1 68  ? 1.989   1.089   13.788  1.00 43.29 ? 68  VAL A CA  1 
ATOM   497  C C   . VAL A 1 68  ? 1.546   0.749   12.365  1.00 40.78 ? 68  VAL A C   1 
ATOM   498  O O   . VAL A 1 68  ? 0.353   0.674   12.077  1.00 39.79 ? 68  VAL A O   1 
ATOM   499  C CB  . VAL A 1 68  ? 2.382   -0.219  14.519  1.00 43.02 ? 68  VAL A CB  1 
ATOM   500  C CG1 . VAL A 1 68  ? 1.203   -1.180  14.518  1.00 43.93 ? 68  VAL A CG1 1 
ATOM   501  C CG2 . VAL A 1 68  ? 3.591   -0.856  13.865  1.00 42.82 ? 68  VAL A CG2 1 
ATOM   502  N N   . ILE A 1 69  ? 2.520   0.565   11.481  1.00 38.96 ? 69  ILE A N   1 
ATOM   503  C CA  . ILE A 1 69  ? 2.260   0.192   10.099  1.00 37.64 ? 69  ILE A CA  1 
ATOM   504  C C   . ILE A 1 69  ? 2.880   -1.190  9.917   1.00 37.79 ? 69  ILE A C   1 
ATOM   505  O O   . ILE A 1 69  ? 4.076   -1.374  10.140  1.00 37.75 ? 69  ILE A O   1 
ATOM   506  C CB  . ILE A 1 69  ? 2.923   1.165   9.097   1.00 36.42 ? 69  ILE A CB  1 
ATOM   507  C CG1 . ILE A 1 69  ? 2.436   2.595   9.346   1.00 34.81 ? 69  ILE A CG1 1 
ATOM   508  C CG2 . ILE A 1 69  ? 2.603   0.727   7.668   1.00 34.33 ? 69  ILE A CG2 1 
ATOM   509  C CD1 . ILE A 1 69  ? 3.118   3.632   8.479   1.00 31.85 ? 69  ILE A CD1 1 
ATOM   510  N N   . ILE A 1 70  ? 2.058   -2.154  9.522   1.00 36.75 ? 70  ILE A N   1 
ATOM   511  C CA  . ILE A 1 70  ? 2.506   -3.527  9.322   1.00 35.94 ? 70  ILE A CA  1 
ATOM   512  C C   . ILE A 1 70  ? 2.711   -3.835  7.846   1.00 34.90 ? 70  ILE A C   1 
ATOM   513  O O   . ILE A 1 70  ? 1.950   -3.374  6.985   1.00 31.88 ? 70  ILE A O   1 
ATOM   514  C CB  . ILE A 1 70  ? 1.469   -4.545  9.911   1.00 37.40 ? 70  ILE A CB  1 
ATOM   515  C CG1 . ILE A 1 70  ? 1.631   -4.645  11.429  1.00 38.85 ? 70  ILE A CG1 1 
ATOM   516  C CG2 . ILE A 1 70  ? 1.654   -5.931  9.298   1.00 36.77 ? 70  ILE A CG2 1 
ATOM   517  C CD1 . ILE A 1 70  ? 1.360   -3.366  12.160  1.00 44.42 ? 70  ILE A CD1 1 
ATOM   518  N N   . PHE A 1 71  ? 3.756   -4.608  7.569   1.00 32.88 ? 71  PHE A N   1 
ATOM   519  C CA  . PHE A 1 71  ? 4.087   -5.033  6.217   1.00 32.81 ? 71  PHE A CA  1 
ATOM   520  C C   . PHE A 1 71  ? 4.184   -6.557  6.240   1.00 33.73 ? 71  PHE A C   1 
ATOM   521  O O   . PHE A 1 71  ? 4.906   -7.126  7.066   1.00 31.62 ? 71  PHE A O   1 
ATOM   522  C CB  . PHE A 1 71  ? 5.418   -4.430  5.770   1.00 31.91 ? 71  PHE A CB  1 
ATOM   523  C CG  . PHE A 1 71  ? 5.452   -2.925  5.828   1.00 33.40 ? 71  PHE A CG  1 
ATOM   524  C CD1 . PHE A 1 71  ? 5.730   -2.266  7.023   1.00 32.26 ? 71  PHE A CD1 1 
ATOM   525  C CD2 . PHE A 1 71  ? 5.185   -2.165  4.687   1.00 33.06 ? 71  PHE A CD2 1 
ATOM   526  C CE1 . PHE A 1 71  ? 5.746   -0.869  7.087   1.00 33.34 ? 71  PHE A CE1 1 
ATOM   527  C CE2 . PHE A 1 71  ? 5.196   -0.763  4.734   1.00 30.33 ? 71  PHE A CE2 1 
ATOM   528  C CZ  . PHE A 1 71  ? 5.479   -0.114  5.937   1.00 32.22 ? 71  PHE A CZ  1 
ATOM   529  N N   . ASN A 1 72  ? 3.449   -7.214  5.347   1.00 33.08 ? 72  ASN A N   1 
ATOM   530  C CA  . ASN A 1 72  ? 3.451   -8.675  5.286   1.00 34.35 ? 72  ASN A CA  1 
ATOM   531  C C   . ASN A 1 72  ? 3.146   -9.135  3.865   1.00 34.30 ? 72  ASN A C   1 
ATOM   532  O O   . ASN A 1 72  ? 2.907   -8.317  2.976   1.00 32.80 ? 72  ASN A O   1 
ATOM   533  C CB  . ASN A 1 72  ? 2.396   -9.246  6.249   1.00 33.06 ? 72  ASN A CB  1 
ATOM   534  C CG  . ASN A 1 72  ? 2.802   -10.594 6.848   1.00 35.22 ? 72  ASN A CG  1 
ATOM   535  O OD1 . ASN A 1 72  ? 3.745   -11.243 6.390   1.00 34.84 ? 72  ASN A OD1 1 
ATOM   536  N ND2 . ASN A 1 72  ? 2.079   -11.018 7.873   1.00 34.34 ? 72  ASN A ND2 1 
ATOM   537  N N   . SER A 1 73  ? 3.176   -10.449 3.664   1.00 33.19 ? 73  SER A N   1 
ATOM   538  C CA  . SER A 1 73  ? 2.881   -11.064 2.375   1.00 34.78 ? 73  SER A CA  1 
ATOM   539  C C   . SER A 1 73  ? 2.058   -12.304 2.709   1.00 37.01 ? 73  SER A C   1 
ATOM   540  O O   . SER A 1 73  ? 1.977   -12.700 3.872   1.00 35.92 ? 73  SER A O   1 
ATOM   541  C CB  . SER A 1 73  ? 4.167   -11.473 1.647   1.00 35.37 ? 73  SER A CB  1 
ATOM   542  O OG  . SER A 1 73  ? 5.016   -10.361 1.433   1.00 36.24 ? 73  SER A OG  1 
ATOM   543  N N   . ARG A 1 74  ? 1.466   -12.930 1.699   1.00 37.91 ? 74  ARG A N   1 
ATOM   544  C CA  . ARG A 1 74  ? 0.630   -14.095 1.942   1.00 38.97 ? 74  ARG A CA  1 
ATOM   545  C C   . ARG A 1 74  ? 0.354   -14.823 0.629   1.00 38.89 ? 74  ARG A C   1 
ATOM   546  O O   . ARG A 1 74  ? -0.006  -14.192 -0.362  1.00 37.19 ? 74  ARG A O   1 
ATOM   547  C CB  . ARG A 1 74  ? -0.676  -13.604 2.568   1.00 39.23 ? 74  ARG A CB  1 
ATOM   548  C CG  . ARG A 1 74  ? -1.728  -14.634 2.861   1.00 43.09 ? 74  ARG A CG  1 
ATOM   549  C CD  . ARG A 1 74  ? -3.049  -13.911 3.053   1.00 45.34 ? 74  ARG A CD  1 
ATOM   550  N NE  . ARG A 1 74  ? -4.057  -14.733 3.703   1.00 50.73 ? 74  ARG A NE  1 
ATOM   551  C CZ  . ARG A 1 74  ? -5.313  -14.347 3.904   1.00 54.11 ? 74  ARG A CZ  1 
ATOM   552  N NH1 . ARG A 1 74  ? -6.172  -15.160 4.513   1.00 55.10 ? 74  ARG A NH1 1 
ATOM   553  N NH2 . ARG A 1 74  ? -5.716  -13.153 3.487   1.00 54.15 ? 74  ARG A NH2 1 
ATOM   554  N N   . GLN A 1 75  ? 0.534   -16.142 0.613   1.00 39.99 ? 75  GLN A N   1 
ATOM   555  C CA  . GLN A 1 75  ? 0.262   -16.910 -0.603  1.00 42.11 ? 75  GLN A CA  1 
ATOM   556  C C   . GLN A 1 75  ? -1.243  -16.849 -0.861  1.00 43.08 ? 75  GLN A C   1 
ATOM   557  O O   . GLN A 1 75  ? -2.022  -16.624 0.064   1.00 42.10 ? 75  GLN A O   1 
ATOM   558  C CB  . GLN A 1 75  ? 0.712   -18.366 -0.445  1.00 42.14 ? 75  GLN A CB  1 
ATOM   559  C CG  . GLN A 1 75  ? 2.218   -18.579 -0.512  1.00 42.40 ? 75  GLN A CG  1 
ATOM   560  C CD  . GLN A 1 75  ? 2.822   -18.131 -1.835  1.00 42.17 ? 75  GLN A CD  1 
ATOM   561  O OE1 . GLN A 1 75  ? 2.121   -17.989 -2.838  1.00 42.57 ? 75  GLN A OE1 1 
ATOM   562  N NE2 . GLN A 1 75  ? 4.137   -17.925 -1.845  1.00 41.43 ? 75  GLN A NE2 1 
ATOM   563  N N   . PRO A 1 76  ? -1.668  -17.065 -2.118  1.00 44.80 ? 76  PRO A N   1 
ATOM   564  C CA  . PRO A 1 76  ? -3.081  -17.029 -2.518  1.00 47.59 ? 76  PRO A CA  1 
ATOM   565  C C   . PRO A 1 76  ? -4.063  -17.453 -1.431  1.00 50.83 ? 76  PRO A C   1 
ATOM   566  O O   . PRO A 1 76  ? -4.859  -16.646 -0.943  1.00 53.30 ? 76  PRO A O   1 
ATOM   567  C CB  . PRO A 1 76  ? -3.111  -17.954 -3.728  1.00 47.65 ? 76  PRO A CB  1 
ATOM   568  C CG  . PRO A 1 76  ? -1.810  -17.666 -4.372  1.00 45.79 ? 76  PRO A CG  1 
ATOM   569  C CD  . PRO A 1 76  ? -0.846  -17.650 -3.192  1.00 45.27 ? 76  PRO A CD  1 
ATOM   570  N N   . ASP A 1 77  ? -4.006  -18.727 -1.065  1.00 51.40 ? 77  ASP A N   1 
ATOM   571  C CA  . ASP A 1 77  ? -4.869  -19.267 -0.027  1.00 52.39 ? 77  ASP A CA  1 
ATOM   572  C C   . ASP A 1 77  ? -3.965  -19.866 1.037   1.00 50.81 ? 77  ASP A C   1 
ATOM   573  O O   . ASP A 1 77  ? -4.060  -21.053 1.354   1.00 51.55 ? 77  ASP A O   1 
ATOM   574  C CB  . ASP A 1 77  ? -5.790  -20.346 -0.610  1.00 55.10 ? 77  ASP A CB  1 
ATOM   575  C CG  . ASP A 1 77  ? -5.026  -21.425 -1.351  1.00 57.69 ? 77  ASP A CG  1 
ATOM   576  O OD1 . ASP A 1 77  ? -5.676  -22.299 -1.965  1.00 60.67 ? 77  ASP A OD1 1 
ATOM   577  O OD2 . ASP A 1 77  ? -3.775  -21.401 -1.319  1.00 60.14 ? 77  ASP A OD2 1 
ATOM   578  N N   . GLY A 1 78  ? -3.075  -19.032 1.568   1.00 48.67 ? 78  GLY A N   1 
ATOM   579  C CA  . GLY A 1 78  ? -2.145  -19.473 2.589   1.00 44.26 ? 78  GLY A CA  1 
ATOM   580  C C   . GLY A 1 78  ? -2.197  -18.586 3.814   1.00 43.16 ? 78  GLY A C   1 
ATOM   581  O O   . GLY A 1 78  ? -2.982  -17.637 3.867   1.00 42.19 ? 78  GLY A O   1 
ATOM   582  N N   . PRO A 1 79  ? -1.365  -18.865 4.827   1.00 41.96 ? 79  PRO A N   1 
ATOM   583  C CA  . PRO A 1 79  ? -1.363  -18.052 6.043   1.00 40.93 ? 79  PRO A CA  1 
ATOM   584  C C   . PRO A 1 79  ? -0.529  -16.788 5.847   1.00 39.91 ? 79  PRO A C   1 
ATOM   585  O O   . PRO A 1 79  ? 0.309   -16.727 4.950   1.00 38.39 ? 79  PRO A O   1 
ATOM   586  C CB  . PRO A 1 79  ? -0.731  -18.987 7.055   1.00 40.06 ? 79  PRO A CB  1 
ATOM   587  C CG  . PRO A 1 79  ? 0.372   -19.606 6.220   1.00 41.64 ? 79  PRO A CG  1 
ATOM   588  C CD  . PRO A 1 79  ? -0.347  -19.932 4.910   1.00 41.89 ? 79  PRO A CD  1 
ATOM   589  N N   . TRP A 1 80  ? -0.769  -15.779 6.679   1.00 38.60 ? 80  TRP A N   1 
ATOM   590  C CA  . TRP A 1 80  ? 0.004   -14.554 6.596   1.00 39.30 ? 80  TRP A CA  1 
ATOM   591  C C   . TRP A 1 80  ? 1.416   -14.931 7.002   1.00 39.60 ? 80  TRP A C   1 
ATOM   592  O O   . TRP A 1 80  ? 1.605   -15.746 7.904   1.00 39.61 ? 80  TRP A O   1 
ATOM   593  C CB  . TRP A 1 80  ? -0.552  -13.497 7.550   1.00 39.06 ? 80  TRP A CB  1 
ATOM   594  C CG  . TRP A 1 80  ? -1.724  -12.777 6.981   1.00 40.38 ? 80  TRP A CG  1 
ATOM   595  C CD1 . TRP A 1 80  ? -3.038  -12.949 7.312   1.00 40.02 ? 80  TRP A CD1 1 
ATOM   596  C CD2 . TRP A 1 80  ? -1.696  -11.808 5.925   1.00 39.14 ? 80  TRP A CD2 1 
ATOM   597  N NE1 . TRP A 1 80  ? -3.831  -12.147 6.521   1.00 40.28 ? 80  TRP A NE1 1 
ATOM   598  C CE2 . TRP A 1 80  ? -3.033  -11.437 5.662   1.00 39.56 ? 80  TRP A CE2 1 
ATOM   599  C CE3 . TRP A 1 80  ? -0.672  -11.220 5.173   1.00 37.86 ? 80  TRP A CE3 1 
ATOM   600  C CZ2 . TRP A 1 80  ? -3.370  -10.505 4.680   1.00 37.92 ? 80  TRP A CZ2 1 
ATOM   601  C CZ3 . TRP A 1 80  ? -1.009  -10.292 4.195   1.00 37.88 ? 80  TRP A CZ3 1 
ATOM   602  C CH2 . TRP A 1 80  ? -2.349  -9.946  3.959   1.00 36.99 ? 80  TRP A CH2 1 
ATOM   603  N N   . LEU A 1 81  ? 2.406   -14.353 6.335   1.00 39.80 ? 81  LEU A N   1 
ATOM   604  C CA  . LEU A 1 81  ? 3.788   -14.664 6.651   1.00 40.42 ? 81  LEU A CA  1 
ATOM   605  C C   . LEU A 1 81  ? 4.348   -13.777 7.751   1.00 40.43 ? 81  LEU A C   1 
ATOM   606  O O   . LEU A 1 81  ? 3.599   -13.268 8.587   1.00 40.33 ? 81  LEU A O   1 
ATOM   607  C CB  . LEU A 1 81  ? 4.649   -14.575 5.387   1.00 40.45 ? 81  LEU A CB  1 
ATOM   608  C CG  . LEU A 1 81  ? 4.162   -15.512 4.277   1.00 40.79 ? 81  LEU A CG  1 
ATOM   609  C CD1 . LEU A 1 81  ? 5.151   -15.510 3.135   1.00 40.37 ? 81  LEU A CD1 1 
ATOM   610  C CD2 . LEU A 1 81  ? 3.989   -16.933 4.830   1.00 42.42 ? 81  LEU A CD2 1 
ATOM   611  N N   . VAL A 1 82  ? 5.666   -13.595 7.744   1.00 40.07 ? 82  VAL A N   1 
ATOM   612  C CA  . VAL A 1 82  ? 6.349   -12.797 8.759   1.00 42.01 ? 82  VAL A CA  1 
ATOM   613  C C   . VAL A 1 82  ? 6.064   -11.299 8.681   1.00 43.22 ? 82  VAL A C   1 
ATOM   614  O O   . VAL A 1 82  ? 6.423   -10.635 7.707   1.00 44.08 ? 82  VAL A O   1 
ATOM   615  C CB  . VAL A 1 82  ? 7.876   -13.008 8.680   1.00 41.89 ? 82  VAL A CB  1 
ATOM   616  C CG1 . VAL A 1 82  ? 8.570   -12.210 9.765   1.00 41.75 ? 82  VAL A CG1 1 
ATOM   617  C CG2 . VAL A 1 82  ? 8.197   -14.498 8.807   1.00 42.34 ? 82  VAL A CG2 1 
ATOM   618  N N   . GLU A 1 83  ? 5.427   -10.778 9.725   1.00 43.63 ? 83  GLU A N   1 
ATOM   619  C CA  . GLU A 1 83  ? 5.090   -9.363  9.806   1.00 44.89 ? 83  GLU A CA  1 
ATOM   620  C C   . GLU A 1 83  ? 6.291   -8.482  10.116  1.00 46.47 ? 83  GLU A C   1 
ATOM   621  O O   . GLU A 1 83  ? 7.096   -8.800  10.994  1.00 47.89 ? 83  GLU A O   1 
ATOM   622  C CB  . GLU A 1 83  ? 4.050   -9.112  10.904  1.00 42.79 ? 83  GLU A CB  1 
ATOM   623  C CG  . GLU A 1 83  ? 2.600   -9.304  10.515  1.00 44.57 ? 83  GLU A CG  1 
ATOM   624  C CD  . GLU A 1 83  ? 1.666   -8.828  11.614  1.00 44.74 ? 83  GLU A CD  1 
ATOM   625  O OE1 . GLU A 1 83  ? 0.437   -8.766  11.397  1.00 46.79 ? 83  GLU A OE1 1 
ATOM   626  O OE2 . GLU A 1 83  ? 2.171   -8.508  12.708  1.00 45.22 ? 83  GLU A OE2 1 
ATOM   627  N N   . GLN A 1 84  ? 6.403   -7.377  9.387   1.00 47.15 ? 84  GLN A N   1 
ATOM   628  C CA  . GLN A 1 84  ? 7.457   -6.392  9.613   1.00 47.26 ? 84  GLN A CA  1 
ATOM   629  C C   . GLN A 1 84  ? 6.675   -5.192  10.133  1.00 46.58 ? 84  GLN A C   1 
ATOM   630  O O   . GLN A 1 84  ? 5.597   -4.900  9.629   1.00 45.96 ? 84  GLN A O   1 
ATOM   631  C CB  . GLN A 1 84  ? 8.170   -6.028  8.311   1.00 49.18 ? 84  GLN A CB  1 
ATOM   632  C CG  . GLN A 1 84  ? 9.090   -7.107  7.763   1.00 50.97 ? 84  GLN A CG  1 
ATOM   633  C CD  . GLN A 1 84  ? 10.097  -7.587  8.787   1.00 52.72 ? 84  GLN A CD  1 
ATOM   634  O OE1 . GLN A 1 84  ? 10.618  -6.801  9.578   1.00 53.69 ? 84  GLN A OE1 1 
ATOM   635  N NE2 . GLN A 1 84  ? 10.388  -8.882  8.770   1.00 54.30 ? 84  GLN A NE2 1 
ATOM   636  N N   . ALA A 1 85  ? 7.195   -4.499  11.138  1.00 46.48 ? 85  ALA A N   1 
ATOM   637  C CA  . ALA A 1 85  ? 6.459   -3.373  11.688  1.00 46.28 ? 85  ALA A CA  1 
ATOM   638  C C   . ALA A 1 85  ? 7.254   -2.096  11.904  1.00 46.14 ? 85  ALA A C   1 
ATOM   639  O O   . ALA A 1 85  ? 8.384   -2.112  12.391  1.00 46.44 ? 85  ALA A O   1 
ATOM   640  C CB  . ALA A 1 85  ? 5.794   -3.790  12.992  1.00 46.43 ? 85  ALA A CB  1 
ATOM   641  N N   . VAL A 1 86  ? 6.638   -0.985  11.526  1.00 46.30 ? 86  VAL A N   1 
ATOM   642  C CA  . VAL A 1 86  ? 7.228   0.333   11.695  1.00 46.15 ? 86  VAL A CA  1 
ATOM   643  C C   . VAL A 1 86  ? 6.292   1.049   12.652  1.00 45.49 ? 86  VAL A C   1 
ATOM   644  O O   . VAL A 1 86  ? 5.095   1.157   12.393  1.00 44.67 ? 86  VAL A O   1 
ATOM   645  C CB  . VAL A 1 86  ? 7.310   1.093   10.354  1.00 46.99 ? 86  VAL A CB  1 
ATOM   646  C CG1 . VAL A 1 86  ? 7.495   2.592   10.600  1.00 45.54 ? 86  VAL A CG1 1 
ATOM   647  C CG2 . VAL A 1 86  ? 8.476   0.546   9.531   1.00 45.81 ? 86  VAL A CG2 1 
ATOM   648  N N   . SER A 1 87  ? 6.838   1.523   13.766  1.00 45.42 ? 87  SER A N   1 
ATOM   649  C CA  . SER A 1 87  ? 6.040   2.198   14.775  1.00 46.66 ? 87  SER A CA  1 
ATOM   650  C C   . SER A 1 87  ? 5.865   3.690   14.520  1.00 46.56 ? 87  SER A C   1 
ATOM   651  O O   . SER A 1 87  ? 6.687   4.320   13.855  1.00 45.05 ? 87  SER A O   1 
ATOM   652  C CB  . SER A 1 87  ? 6.657   1.981   16.159  1.00 46.98 ? 87  SER A CB  1 
ATOM   653  O OG  . SER A 1 87  ? 5.778   2.431   17.173  1.00 47.92 ? 87  SER A OG  1 
ATOM   654  N N   . ASP A 1 88  ? 4.774   4.228   15.063  1.00 48.40 ? 88  ASP A N   1 
ATOM   655  C CA  . ASP A 1 88  ? 4.411   5.636   14.951  1.00 49.07 ? 88  ASP A CA  1 
ATOM   656  C C   . ASP A 1 88  ? 3.840   5.993   13.582  1.00 48.42 ? 88  ASP A C   1 
ATOM   657  O O   . ASP A 1 88  ? 4.575   6.358   12.663  1.00 48.69 ? 88  ASP A O   1 
ATOM   658  C CB  . ASP A 1 88  ? 5.615   6.533   15.249  1.00 51.61 ? 88  ASP A CB  1 
ATOM   659  C CG  . ASP A 1 88  ? 5.208   7.959   15.548  1.00 53.32 ? 88  ASP A CG  1 
ATOM   660  O OD1 . ASP A 1 88  ? 4.152   8.382   15.033  1.00 54.40 ? 88  ASP A OD1 1 
ATOM   661  O OD2 . ASP A 1 88  ? 5.942   8.655   16.286  1.00 54.98 ? 88  ASP A OD2 1 
ATOM   662  N N   . VAL A 1 89  ? 2.518   5.903   13.467  1.00 48.28 ? 89  VAL A N   1 
ATOM   663  C CA  . VAL A 1 89  ? 1.813   6.205   12.225  1.00 46.72 ? 89  VAL A CA  1 
ATOM   664  C C   . VAL A 1 89  ? 1.880   7.678   11.826  1.00 46.47 ? 89  VAL A C   1 
ATOM   665  O O   . VAL A 1 89  ? 2.339   8.018   10.736  1.00 46.10 ? 89  VAL A O   1 
ATOM   666  C CB  . VAL A 1 89  ? 0.323   5.809   12.328  1.00 46.28 ? 89  VAL A CB  1 
ATOM   667  C CG1 . VAL A 1 89  ? -0.425  6.267   11.087  1.00 43.98 ? 89  VAL A CG1 1 
ATOM   668  C CG2 . VAL A 1 89  ? 0.196   4.303   12.500  1.00 44.87 ? 89  VAL A CG2 1 
ATOM   669  N N   . ALA A 1 90  ? 1.406   8.543   12.714  1.00 45.98 ? 90  ALA A N   1 
ATOM   670  C CA  . ALA A 1 90  ? 1.376   9.983   12.470  1.00 45.17 ? 90  ALA A CA  1 
ATOM   671  C C   . ALA A 1 90  ? 2.720   10.603  12.099  1.00 43.92 ? 90  ALA A C   1 
ATOM   672  O O   . ALA A 1 90  ? 2.766   11.566  11.341  1.00 44.47 ? 90  ALA A O   1 
ATOM   673  C CB  . ALA A 1 90  ? 0.799   10.695  13.685  1.00 44.31 ? 90  ALA A CB  1 
ATOM   674  N N   . ASN A 1 91  ? 3.813   10.063  12.630  1.00 44.02 ? 91  ASN A N   1 
ATOM   675  C CA  . ASN A 1 91  ? 5.136   10.608  12.332  1.00 42.34 ? 91  ASN A CA  1 
ATOM   676  C C   . ASN A 1 91  ? 5.479   10.463  10.854  1.00 42.23 ? 91  ASN A C   1 
ATOM   677  O O   . ASN A 1 91  ? 6.094   11.347  10.261  1.00 41.31 ? 91  ASN A O   1 
ATOM   678  C CB  . ASN A 1 91  ? 6.211   9.906   13.161  1.00 42.98 ? 91  ASN A CB  1 
ATOM   679  C CG  . ASN A 1 91  ? 7.572   10.578  13.039  1.00 45.75 ? 91  ASN A CG  1 
ATOM   680  O OD1 . ASN A 1 91  ? 8.605   9.955   13.283  1.00 45.58 ? 91  ASN A OD1 1 
ATOM   681  N ND2 . ASN A 1 91  ? 7.576   11.862  12.672  1.00 45.64 ? 91  ASN A ND2 1 
ATOM   682  N N   . GLN A 1 92  ? 5.079   9.341   10.264  1.00 40.72 ? 92  GLN A N   1 
ATOM   683  C CA  . GLN A 1 92  ? 5.346   9.083   8.855   1.00 39.42 ? 92  GLN A CA  1 
ATOM   684  C C   . GLN A 1 92  ? 4.640   10.097  7.956   1.00 38.08 ? 92  GLN A C   1 
ATOM   685  O O   . GLN A 1 92  ? 5.119   10.404  6.865   1.00 36.06 ? 92  GLN A O   1 
ATOM   686  C CB  . GLN A 1 92  ? 4.892   7.664   8.494   1.00 39.75 ? 92  GLN A CB  1 
ATOM   687  C CG  . GLN A 1 92  ? 5.287   6.633   9.533   1.00 39.64 ? 92  GLN A CG  1 
ATOM   688  C CD  . GLN A 1 92  ? 6.766   6.707   9.884   1.00 42.09 ? 92  GLN A CD  1 
ATOM   689  O OE1 . GLN A 1 92  ? 7.169   6.395   11.009  1.00 43.92 ? 92  GLN A OE1 1 
ATOM   690  N NE2 . GLN A 1 92  ? 7.581   7.117   8.922   1.00 41.29 ? 92  GLN A NE2 1 
ATOM   691  N N   . PHE A 1 93  ? 3.514   10.628  8.430   1.00 37.07 ? 93  PHE A N   1 
ATOM   692  C CA  . PHE A 1 93  ? 2.737   11.588  7.657   1.00 38.55 ? 93  PHE A CA  1 
ATOM   693  C C   . PHE A 1 93  ? 3.024   13.059  7.952   1.00 39.76 ? 93  PHE A C   1 
ATOM   694  O O   . PHE A 1 93  ? 2.626   13.931  7.184   1.00 39.54 ? 93  PHE A O   1 
ATOM   695  C CB  . PHE A 1 93  ? 1.241   11.314  7.835   1.00 37.01 ? 93  PHE A CB  1 
ATOM   696  C CG  . PHE A 1 93  ? 0.793   10.012  7.239   1.00 35.00 ? 93  PHE A CG  1 
ATOM   697  C CD1 . PHE A 1 93  ? 0.777   8.850   8.003   1.00 34.94 ? 93  PHE A CD1 1 
ATOM   698  C CD2 . PHE A 1 93  ? 0.412   9.943   5.897   1.00 33.77 ? 93  PHE A CD2 1 
ATOM   699  C CE1 . PHE A 1 93  ? 0.390   7.635   7.445   1.00 33.92 ? 93  PHE A CE1 1 
ATOM   700  C CE2 . PHE A 1 93  ? 0.024   8.741   5.327   1.00 33.10 ? 93  PHE A CE2 1 
ATOM   701  C CZ  . PHE A 1 93  ? 0.012   7.579   6.101   1.00 33.94 ? 93  PHE A CZ  1 
ATOM   702  N N   . ALA A 1 94  ? 3.713   13.327  9.057   1.00 40.34 ? 94  ALA A N   1 
ATOM   703  C CA  . ALA A 1 94  ? 4.057   14.690  9.460   1.00 41.31 ? 94  ALA A CA  1 
ATOM   704  C C   . ALA A 1 94  ? 4.597   15.536  8.308   1.00 41.51 ? 94  ALA A C   1 
ATOM   705  O O   . ALA A 1 94  ? 5.421   15.077  7.518   1.00 41.61 ? 94  ALA A O   1 
ATOM   706  C CB  . ALA A 1 94  ? 5.085   14.654  10.594  1.00 39.04 ? 94  ALA A CB  1 
ATOM   707  N N   . GLY A 1 95  ? 4.130   16.775  8.222   1.00 42.96 ? 95  GLY A N   1 
ATOM   708  C CA  . GLY A 1 95  ? 4.600   17.667  7.178   1.00 46.17 ? 95  GLY A CA  1 
ATOM   709  C C   . GLY A 1 95  ? 3.553   18.006  6.140   1.00 46.25 ? 95  GLY A C   1 
ATOM   710  O O   . GLY A 1 95  ? 3.646   19.033  5.472   1.00 46.31 ? 95  GLY A O   1 
ATOM   711  N N   . ILE A 1 96  ? 2.561   17.134  6.002   1.00 46.76 ? 96  ILE A N   1 
ATOM   712  C CA  . ILE A 1 96  ? 1.485   17.335  5.041   1.00 47.00 ? 96  ILE A CA  1 
ATOM   713  C C   . ILE A 1 96  ? 0.156   16.939  5.666   1.00 46.10 ? 96  ILE A C   1 
ATOM   714  O O   . ILE A 1 96  ? 0.006   15.826  6.170   1.00 45.41 ? 96  ILE A O   1 
ATOM   715  C CB  . ILE A 1 96  ? 1.700   16.490  3.773   1.00 47.16 ? 96  ILE A CB  1 
ATOM   716  C CG1 . ILE A 1 96  ? 3.041   16.855  3.126   1.00 48.53 ? 96  ILE A CG1 1 
ATOM   717  C CG2 . ILE A 1 96  ? 0.544   16.709  2.807   1.00 47.49 ? 96  ILE A CG2 1 
ATOM   718  C CD1 . ILE A 1 96  ? 3.343   16.097  1.847   1.00 46.05 ? 96  ILE A CD1 1 
ATOM   719  N N   . ASP A 1 97  ? -0.804  17.855  5.625   1.00 45.80 ? 97  ASP A N   1 
ATOM   720  C CA  . ASP A 1 97  ? -2.125  17.608  6.192   1.00 46.44 ? 97  ASP A CA  1 
ATOM   721  C C   . ASP A 1 97  ? -3.195  17.608  5.110   1.00 43.83 ? 97  ASP A C   1 
ATOM   722  O O   . ASP A 1 97  ? -3.015  18.195  4.039   1.00 43.44 ? 97  ASP A O   1 
ATOM   723  C CB  . ASP A 1 97  ? -2.481  18.686  7.225   1.00 50.42 ? 97  ASP A CB  1 
ATOM   724  C CG  . ASP A 1 97  ? -1.493  18.755  8.372   1.00 55.75 ? 97  ASP A CG  1 
ATOM   725  O OD1 . ASP A 1 97  ? -0.295  19.019  8.117   1.00 58.53 ? 97  ASP A OD1 1 
ATOM   726  O OD2 . ASP A 1 97  ? -1.914  18.552  9.533   1.00 59.00 ? 97  ASP A OD2 1 
ATOM   727  N N   . GLY A 1 98  ? -4.309  16.947  5.407   1.00 40.74 ? 98  GLY A N   1 
ATOM   728  C CA  . GLY A 1 98  ? -5.422  16.892  4.480   1.00 39.96 ? 98  GLY A CA  1 
ATOM   729  C C   . GLY A 1 98  ? -5.221  16.027  3.251   1.00 37.26 ? 98  GLY A C   1 
ATOM   730  O O   . GLY A 1 98  ? -6.130  15.883  2.439   1.00 36.46 ? 98  GLY A O   1 
ATOM   731  N N   . LYS A 1 99  ? -4.033  15.454  3.106   1.00 35.76 ? 99  LYS A N   1 
ATOM   732  C CA  . LYS A 1 99  ? -3.744  14.606  1.956   1.00 33.72 ? 99  LYS A CA  1 
ATOM   733  C C   . LYS A 1 99  ? -2.513  13.777  2.253   1.00 32.36 ? 99  LYS A C   1 
ATOM   734  O O   . LYS A 1 99  ? -1.818  14.009  3.245   1.00 32.07 ? 99  LYS A O   1 
ATOM   735  C CB  . LYS A 1 99  ? -3.489  15.466  0.716   1.00 35.38 ? 99  LYS A CB  1 
ATOM   736  C CG  . LYS A 1 99  ? -2.236  16.326  0.833   1.00 38.04 ? 99  LYS A CG  1 
ATOM   737  C CD  . LYS A 1 99  ? -2.165  17.393  -0.244  1.00 41.86 ? 99  LYS A CD  1 
ATOM   738  C CE  . LYS A 1 99  ? -0.995  18.338  0.017   1.00 43.97 ? 99  LYS A CE  1 
ATOM   739  N NZ  . LYS A 1 99  ? -0.949  19.479  -0.945  1.00 48.46 ? 99  LYS A NZ  1 
ATOM   740  N N   . ALA A 1 100 ? -2.237  12.818  1.379   1.00 30.64 ? 100 ALA A N   1 
ATOM   741  C CA  . ALA A 1 100 ? -1.084  11.961  1.550   1.00 30.20 ? 100 ALA A CA  1 
ATOM   742  C C   . ALA A 1 100 ? -0.864  11.096  0.325   1.00 28.38 ? 100 ALA A C   1 
ATOM   743  O O   . ALA A 1 100 ? -1.758  10.915  -0.501  1.00 29.28 ? 100 ALA A O   1 
ATOM   744  C CB  . ALA A 1 100 ? -1.268  11.079  2.784   1.00 28.30 ? 100 ALA A CB  1 
ATOM   745  N N   . MET A 1 101 ? 0.348   10.570  0.210   1.00 28.24 ? 101 MET A N   1 
ATOM   746  C CA  . MET A 1 101 ? 0.677   9.682   -0.883  1.00 26.98 ? 101 MET A CA  1 
ATOM   747  C C   . MET A 1 101 ? 1.572   8.592   -0.323  1.00 27.02 ? 101 MET A C   1 
ATOM   748  O O   . MET A 1 101 ? 2.341   8.820   0.612   1.00 27.47 ? 101 MET A O   1 
ATOM   749  C CB  . MET A 1 101 ? 1.353   10.440  -2.040  1.00 28.81 ? 101 MET A CB  1 
ATOM   750  C CG  . MET A 1 101 ? 2.732   11.003  -1.763  1.00 31.88 ? 101 MET A CG  1 
ATOM   751  S SD  . MET A 1 101 ? 3.360   11.878  -3.220  1.00 37.03 ? 101 MET A SD  1 
ATOM   752  C CE  . MET A 1 101 ? 4.121   10.546  -4.121  1.00 35.01 ? 101 MET A CE  1 
ATOM   753  N N   . VAL A 1 102 ? 1.419   7.393   -0.863  1.00 26.72 ? 102 VAL A N   1 
ATOM   754  C CA  . VAL A 1 102 ? 2.203   6.242   -0.435  1.00 26.82 ? 102 VAL A CA  1 
ATOM   755  C C   . VAL A 1 102 ? 2.809   5.658   -1.691  1.00 26.69 ? 102 VAL A C   1 
ATOM   756  O O   . VAL A 1 102 ? 2.090   5.324   -2.641  1.00 23.66 ? 102 VAL A O   1 
ATOM   757  C CB  . VAL A 1 102 ? 1.317   5.177   0.257   1.00 25.20 ? 102 VAL A CB  1 
ATOM   758  C CG1 . VAL A 1 102 ? 2.160   3.972   0.658   1.00 26.55 ? 102 VAL A CG1 1 
ATOM   759  C CG2 . VAL A 1 102 ? 0.664   5.775   1.493   1.00 28.27 ? 102 VAL A CG2 1 
ATOM   760  N N   . THR A 1 103 ? 4.135   5.562   -1.705  1.00 25.89 ? 103 THR A N   1 
ATOM   761  C CA  . THR A 1 103 ? 4.833   5.042   -2.864  1.00 26.34 ? 103 THR A CA  1 
ATOM   762  C C   . THR A 1 103 ? 5.556   3.741   -2.552  1.00 27.42 ? 103 THR A C   1 
ATOM   763  O O   . THR A 1 103 ? 6.120   3.576   -1.472  1.00 26.84 ? 103 THR A O   1 
ATOM   764  C CB  . THR A 1 103 ? 5.865   6.050   -3.386  1.00 24.88 ? 103 THR A CB  1 
ATOM   765  O OG1 . THR A 1 103 ? 5.218   7.293   -3.685  1.00 25.88 ? 103 THR A OG1 1 
ATOM   766  C CG2 . THR A 1 103 ? 6.539   5.515   -4.637  1.00 25.98 ? 103 THR A CG2 1 
ATOM   767  N N   . VAL A 1 104 ? 5.520   2.822   -3.508  1.00 26.73 ? 104 VAL A N   1 
ATOM   768  C CA  . VAL A 1 104 ? 6.188   1.536   -3.372  1.00 26.34 ? 104 VAL A CA  1 
ATOM   769  C C   . VAL A 1 104 ? 7.073   1.354   -4.598  1.00 27.10 ? 104 VAL A C   1 
ATOM   770  O O   . VAL A 1 104 ? 6.599   1.436   -5.735  1.00 24.82 ? 104 VAL A O   1 
ATOM   771  C CB  . VAL A 1 104 ? 5.168   0.356   -3.298  1.00 26.98 ? 104 VAL A CB  1 
ATOM   772  C CG1 . VAL A 1 104 ? 5.914   -0.995  -3.219  1.00 25.06 ? 104 VAL A CG1 1 
ATOM   773  C CG2 . VAL A 1 104 ? 4.269   0.524   -2.092  1.00 24.73 ? 104 VAL A CG2 1 
ATOM   774  N N   . PHE A 1 105 ? 8.366   1.170   -4.361  1.00 26.44 ? 105 PHE A N   1 
ATOM   775  C CA  . PHE A 1 105 ? 9.312   0.936   -5.439  1.00 28.25 ? 105 PHE A CA  1 
ATOM   776  C C   . PHE A 1 105 ? 9.540   -0.573  -5.416  1.00 30.21 ? 105 PHE A C   1 
ATOM   777  O O   . PHE A 1 105 ? 9.665   -1.162  -4.340  1.00 30.82 ? 105 PHE A O   1 
ATOM   778  C CB  . PHE A 1 105 ? 10.658  1.630   -5.182  1.00 27.50 ? 105 PHE A CB  1 
ATOM   779  C CG  . PHE A 1 105 ? 10.576  3.125   -5.039  1.00 28.72 ? 105 PHE A CG  1 
ATOM   780  C CD1 . PHE A 1 105 ? 9.996   3.706   -3.913  1.00 30.42 ? 105 PHE A CD1 1 
ATOM   781  C CD2 . PHE A 1 105 ? 11.111  3.958   -6.020  1.00 32.56 ? 105 PHE A CD2 1 
ATOM   782  C CE1 . PHE A 1 105 ? 9.950   5.092   -3.764  1.00 31.34 ? 105 PHE A CE1 1 
ATOM   783  C CE2 . PHE A 1 105 ? 11.071  5.348   -5.887  1.00 32.21 ? 105 PHE A CE2 1 
ATOM   784  C CZ  . PHE A 1 105 ? 10.492  5.918   -4.756  1.00 31.60 ? 105 PHE A CZ  1 
ATOM   785  N N   . ASP A 1 106 ? 9.574   -1.202  -6.587  1.00 30.87 ? 106 ASP A N   1 
ATOM   786  C CA  . ASP A 1 106 ? 9.820   -2.638  -6.650  1.00 32.47 ? 106 ASP A CA  1 
ATOM   787  C C   . ASP A 1 106 ? 11.284  -2.749  -7.030  1.00 32.93 ? 106 ASP A C   1 
ATOM   788  O O   . ASP A 1 106 ? 11.663  -2.493  -8.178  1.00 31.97 ? 106 ASP A O   1 
ATOM   789  C CB  . ASP A 1 106 ? 8.920   -3.303  -7.706  1.00 31.52 ? 106 ASP A CB  1 
ATOM   790  C CG  . ASP A 1 106 ? 9.122   -4.816  -7.791  1.00 33.29 ? 106 ASP A CG  1 
ATOM   791  O OD1 . ASP A 1 106 ? 8.275   -5.494  -8.414  1.00 32.06 ? 106 ASP A OD1 1 
ATOM   792  O OD2 . ASP A 1 106 ? 10.122  -5.333  -7.249  1.00 30.98 ? 106 ASP A OD2 1 
ATOM   793  N N   . HIS A 1 107 ? 12.111  -3.098  -6.051  1.00 33.60 ? 107 HIS A N   1 
ATOM   794  C CA  . HIS A 1 107 ? 13.547  -3.215  -6.275  1.00 35.62 ? 107 HIS A CA  1 
ATOM   795  C C   . HIS A 1 107 ? 14.029  -4.651  -6.484  1.00 37.15 ? 107 HIS A C   1 
ATOM   796  O O   . HIS A 1 107 ? 15.165  -4.988  -6.141  1.00 35.34 ? 107 HIS A O   1 
ATOM   797  C CB  . HIS A 1 107 ? 14.323  -2.587  -5.112  1.00 35.23 ? 107 HIS A CB  1 
ATOM   798  C CG  . HIS A 1 107 ? 14.140  -1.107  -4.983  1.00 38.44 ? 107 HIS A CG  1 
ATOM   799  N ND1 . HIS A 1 107 ? 14.305  -0.240  -6.044  1.00 39.13 ? 107 HIS A ND1 1 
ATOM   800  C CD2 . HIS A 1 107 ? 13.857  -0.336  -3.907  1.00 38.94 ? 107 HIS A CD2 1 
ATOM   801  C CE1 . HIS A 1 107 ? 14.133  1.002   -5.624  1.00 39.34 ? 107 HIS A CE1 1 
ATOM   802  N NE2 . HIS A 1 107 ? 13.861  0.971   -4.330  1.00 38.47 ? 107 HIS A NE2 1 
ATOM   803  N N   . GLY A 1 108 ? 13.167  -5.497  -7.037  1.00 38.30 ? 108 GLY A N   1 
ATOM   804  C CA  . GLY A 1 108 ? 13.564  -6.871  -7.296  1.00 40.58 ? 108 GLY A CA  1 
ATOM   805  C C   . GLY A 1 108 ? 13.387  -7.815  -6.124  1.00 41.35 ? 108 GLY A C   1 
ATOM   806  O O   . GLY A 1 108 ? 12.506  -8.674  -6.149  1.00 41.17 ? 108 GLY A O   1 
ATOM   807  N N   . ASP A 1 109 ? 14.225  -7.671  -5.101  1.00 40.49 ? 109 ASP A N   1 
ATOM   808  C CA  . ASP A 1 109 ? 14.126  -8.536  -3.930  1.00 42.20 ? 109 ASP A CA  1 
ATOM   809  C C   . ASP A 1 109 ? 13.642  -7.792  -2.694  1.00 41.53 ? 109 ASP A C   1 
ATOM   810  O O   . ASP A 1 109 ? 13.653  -8.338  -1.587  1.00 40.23 ? 109 ASP A O   1 
ATOM   811  C CB  . ASP A 1 109 ? 15.479  -9.194  -3.641  1.00 45.41 ? 109 ASP A CB  1 
ATOM   812  C CG  . ASP A 1 109 ? 16.610  -8.195  -3.576  1.00 46.93 ? 109 ASP A CG  1 
ATOM   813  O OD1 . ASP A 1 109 ? 16.623  -7.360  -2.647  1.00 47.93 ? 109 ASP A OD1 1 
ATOM   814  O OD2 . ASP A 1 109 ? 17.487  -8.246  -4.465  1.00 49.97 ? 109 ASP A OD2 1 
ATOM   815  N N   . LYS A 1 110 ? 13.215  -6.544  -2.890  1.00 38.97 ? 110 LYS A N   1 
ATOM   816  C CA  . LYS A 1 110 ? 12.711  -5.717  -1.792  1.00 39.00 ? 110 LYS A CA  1 
ATOM   817  C C   . LYS A 1 110 ? 11.696  -4.689  -2.289  1.00 35.55 ? 110 LYS A C   1 
ATOM   818  O O   . LYS A 1 110 ? 11.721  -4.279  -3.446  1.00 34.67 ? 110 LYS A O   1 
ATOM   819  C CB  . LYS A 1 110 ? 13.863  -4.972  -1.104  1.00 41.45 ? 110 LYS A CB  1 
ATOM   820  C CG  . LYS A 1 110 ? 14.954  -5.871  -0.543  1.00 44.36 ? 110 LYS A CG  1 
ATOM   821  C CD  . LYS A 1 110 ? 16.054  -5.075  0.140   1.00 47.91 ? 110 LYS A CD  1 
ATOM   822  C CE  . LYS A 1 110 ? 17.141  -6.004  0.669   1.00 49.50 ? 110 LYS A CE  1 
ATOM   823  N NZ  . LYS A 1 110 ? 18.204  -5.276  1.407   1.00 52.75 ? 110 LYS A NZ  1 
ATOM   824  N N   . TYR A 1 111 ? 10.794  -4.290  -1.404  1.00 33.77 ? 111 TYR A N   1 
ATOM   825  C CA  . TYR A 1 111 ? 9.806   -3.276  -1.731  1.00 34.52 ? 111 TYR A CA  1 
ATOM   826  C C   . TYR A 1 111 ? 10.144  -2.080  -0.851  1.00 33.84 ? 111 TYR A C   1 
ATOM   827  O O   . TYR A 1 111 ? 10.173  -2.198  0.369   1.00 35.61 ? 111 TYR A O   1 
ATOM   828  C CB  . TYR A 1 111 ? 8.382   -3.751  -1.404  1.00 32.90 ? 111 TYR A CB  1 
ATOM   829  C CG  . TYR A 1 111 ? 7.738   -4.650  -2.440  1.00 32.35 ? 111 TYR A CG  1 
ATOM   830  C CD1 . TYR A 1 111 ? 7.317   -5.939  -2.105  1.00 31.21 ? 111 TYR A CD1 1 
ATOM   831  C CD2 . TYR A 1 111 ? 7.517   -4.202  -3.747  1.00 29.08 ? 111 TYR A CD2 1 
ATOM   832  C CE1 . TYR A 1 111 ? 6.689   -6.761  -3.043  1.00 30.76 ? 111 TYR A CE1 1 
ATOM   833  C CE2 . TYR A 1 111 ? 6.890   -5.019  -4.697  1.00 30.51 ? 111 TYR A CE2 1 
ATOM   834  C CZ  . TYR A 1 111 ? 6.480   -6.299  -4.334  1.00 29.70 ? 111 TYR A CZ  1 
ATOM   835  O OH  . TYR A 1 111 ? 5.875   -7.114  -5.259  1.00 31.41 ? 111 TYR A OH  1 
ATOM   836  N N   . GLN A 1 112 ? 10.428  -0.936  -1.461  1.00 34.00 ? 112 GLN A N   1 
ATOM   837  C CA  . GLN A 1 112 ? 10.723  0.249   -0.674  1.00 33.73 ? 112 GLN A CA  1 
ATOM   838  C C   . GLN A 1 112 ? 9.429   1.032   -0.568  1.00 33.45 ? 112 GLN A C   1 
ATOM   839  O O   . GLN A 1 112 ? 8.808   1.348   -1.585  1.00 33.53 ? 112 GLN A O   1 
ATOM   840  C CB  . GLN A 1 112 ? 11.781  1.114   -1.346  1.00 34.03 ? 112 GLN A CB  1 
ATOM   841  C CG  . GLN A 1 112 ? 12.210  2.284   -0.486  1.00 36.30 ? 112 GLN A CG  1 
ATOM   842  C CD  . GLN A 1 112 ? 13.026  3.289   -1.255  1.00 39.40 ? 112 GLN A CD  1 
ATOM   843  O OE1 . GLN A 1 112 ? 13.685  2.942   -2.236  1.00 40.75 ? 112 GLN A OE1 1 
ATOM   844  N NE2 . GLN A 1 112 ? 13.001  4.545   -0.810  1.00 39.77 ? 112 GLN A NE2 1 
ATOM   845  N N   . VAL A 1 113 ? 9.024   1.334   0.660   1.00 29.84 ? 113 VAL A N   1 
ATOM   846  C CA  . VAL A 1 113 ? 7.785   2.061   0.888   1.00 31.21 ? 113 VAL A CA  1 
ATOM   847  C C   . VAL A 1 113 ? 8.075   3.465   1.388   1.00 31.71 ? 113 VAL A C   1 
ATOM   848  O O   . VAL A 1 113 ? 8.805   3.647   2.367   1.00 32.28 ? 113 VAL A O   1 
ATOM   849  C CB  . VAL A 1 113 ? 6.891   1.330   1.917   1.00 29.85 ? 113 VAL A CB  1 
ATOM   850  C CG1 . VAL A 1 113 ? 5.558   2.032   2.044   1.00 28.87 ? 113 VAL A CG1 1 
ATOM   851  C CG2 . VAL A 1 113 ? 6.690   -0.115  1.493   1.00 27.87 ? 113 VAL A CG2 1 
ATOM   852  N N   . VAL A 1 114 ? 7.495   4.447   0.707   1.00 31.22 ? 114 VAL A N   1 
ATOM   853  C CA  . VAL A 1 114 ? 7.682   5.853   1.043   1.00 31.00 ? 114 VAL A CA  1 
ATOM   854  C C   . VAL A 1 114 ? 6.350   6.561   1.271   1.00 30.85 ? 114 VAL A C   1 
ATOM   855  O O   . VAL A 1 114 ? 5.455   6.527   0.420   1.00 30.24 ? 114 VAL A O   1 
ATOM   856  C CB  . VAL A 1 114 ? 8.442   6.585   -0.084  1.00 31.56 ? 114 VAL A CB  1 
ATOM   857  C CG1 . VAL A 1 114 ? 8.803   8.001   0.354   1.00 31.29 ? 114 VAL A CG1 1 
ATOM   858  C CG2 . VAL A 1 114 ? 9.690   5.805   -0.452  1.00 31.27 ? 114 VAL A CG2 1 
ATOM   859  N N   . ILE A 1 115 ? 6.217   7.186   2.436   1.00 29.12 ? 115 ILE A N   1 
ATOM   860  C CA  . ILE A 1 115 ? 5.011   7.924   2.774   1.00 29.23 ? 115 ILE A CA  1 
ATOM   861  C C   . ILE A 1 115 ? 5.394   9.381   2.545   1.00 30.13 ? 115 ILE A C   1 
ATOM   862  O O   . ILE A 1 115 ? 6.279   9.908   3.221   1.00 30.41 ? 115 ILE A O   1 
ATOM   863  C CB  . ILE A 1 115 ? 4.597   7.669   4.242   1.00 31.11 ? 115 ILE A CB  1 
ATOM   864  C CG1 . ILE A 1 115 ? 4.244   6.180   4.405   1.00 32.97 ? 115 ILE A CG1 1 
ATOM   865  C CG2 . ILE A 1 115 ? 3.413   8.559   4.622   1.00 28.76 ? 115 ILE A CG2 1 
ATOM   866  C CD1 . ILE A 1 115 ? 3.752   5.783   5.783   1.00 32.34 ? 115 ILE A CD1 1 
ATOM   867  N N   . ASN A 1 116 ? 4.735   10.013  1.572   1.00 28.78 ? 116 ASN A N   1 
ATOM   868  C CA  . ASN A 1 116 ? 5.035   11.388  1.199   1.00 27.98 ? 116 ASN A CA  1 
ATOM   869  C C   . ASN A 1 116 ? 6.500   11.419  0.763   1.00 28.08 ? 116 ASN A C   1 
ATOM   870  O O   . ASN A 1 116 ? 6.830   10.874  -0.289  1.00 28.72 ? 116 ASN A O   1 
ATOM   871  C CB  . ASN A 1 116 ? 4.755   12.346  2.367   1.00 28.79 ? 116 ASN A CB  1 
ATOM   872  C CG  . ASN A 1 116 ? 3.263   12.479  2.661   1.00 30.31 ? 116 ASN A CG  1 
ATOM   873  O OD1 . ASN A 1 116 ? 2.431   12.307  1.768   1.00 27.86 ? 116 ASN A OD1 1 
ATOM   874  N ND2 . ASN A 1 116 ? 2.920   12.794  3.912   1.00 32.08 ? 116 ASN A ND2 1 
ATOM   875  N N   . GLU A 1 117 ? 7.385   12.026  1.552   1.00 28.00 ? 117 GLU A N   1 
ATOM   876  C CA  . GLU A 1 117 ? 8.802   12.058  1.185   1.00 28.97 ? 117 GLU A CA  1 
ATOM   877  C C   . GLU A 1 117 ? 9.649   11.130  2.071   1.00 30.46 ? 117 GLU A C   1 
ATOM   878  O O   . GLU A 1 117 ? 10.830  10.904  1.800   1.00 31.10 ? 117 GLU A O   1 
ATOM   879  C CB  . GLU A 1 117 ? 9.351   13.486  1.277   1.00 30.73 ? 117 GLU A CB  1 
ATOM   880  C CG  . GLU A 1 117 ? 8.613   14.515  0.421   1.00 32.74 ? 117 GLU A CG  1 
ATOM   881  C CD  . GLU A 1 117 ? 9.304   15.876  0.424   1.00 35.03 ? 117 GLU A CD  1 
ATOM   882  O OE1 . GLU A 1 117 ? 9.580   16.400  1.520   1.00 40.21 ? 117 GLU A OE1 1 
ATOM   883  O OE2 . GLU A 1 117 ? 9.567   16.429  -0.662  1.00 35.00 ? 117 GLU A OE2 1 
ATOM   884  N N   . LYS A 1 118 ? 9.027   10.576  3.107   1.00 31.80 ? 118 LYS A N   1 
ATOM   885  C CA  . LYS A 1 118 ? 9.703   9.703   4.067   1.00 34.24 ? 118 LYS A CA  1 
ATOM   886  C C   . LYS A 1 118 ? 9.782   8.219   3.726   1.00 34.16 ? 118 LYS A C   1 
ATOM   887  O O   . LYS A 1 118 ? 8.757   7.579   3.524   1.00 32.48 ? 118 LYS A O   1 
ATOM   888  C CB  . LYS A 1 118 ? 9.029   9.813   5.437   1.00 36.02 ? 118 LYS A CB  1 
ATOM   889  C CG  . LYS A 1 118 ? 9.090   11.175  6.090   1.00 41.71 ? 118 LYS A CG  1 
ATOM   890  C CD  . LYS A 1 118 ? 8.499   11.111  7.500   1.00 47.51 ? 118 LYS A CD  1 
ATOM   891  C CE  . LYS A 1 118 ? 8.639   12.443  8.239   1.00 49.10 ? 118 LYS A CE  1 
ATOM   892  N NZ  . LYS A 1 118 ? 7.889   13.545  7.573   1.00 50.78 ? 118 LYS A NZ  1 
ATOM   893  N N   . THR A 1 119 ? 10.994  7.668   3.684   1.00 34.82 ? 119 THR A N   1 
ATOM   894  C CA  . THR A 1 119 ? 11.140  6.240   3.429   1.00 39.60 ? 119 THR A CA  1 
ATOM   895  C C   . THR A 1 119 ? 10.812  5.549   4.744   1.00 39.71 ? 119 THR A C   1 
ATOM   896  O O   . THR A 1 119 ? 11.448  5.799   5.768   1.00 41.90 ? 119 THR A O   1 
ATOM   897  C CB  . THR A 1 119 ? 12.569  5.862   2.977   1.00 40.47 ? 119 THR A CB  1 
ATOM   898  O OG1 . THR A 1 119 ? 12.749  6.244   1.610   1.00 40.69 ? 119 THR A OG1 1 
ATOM   899  C CG2 . THR A 1 119 ? 12.790  4.360   3.097   1.00 41.17 ? 119 THR A CG2 1 
ATOM   900  N N   . VAL A 1 120 ? 9.803   4.692   4.713   1.00 40.08 ? 120 VAL A N   1 
ATOM   901  C CA  . VAL A 1 120 ? 9.362   4.001   5.910   1.00 40.41 ? 120 VAL A CA  1 
ATOM   902  C C   . VAL A 1 120 ? 9.983   2.620   6.113   1.00 39.54 ? 120 VAL A C   1 
ATOM   903  O O   . VAL A 1 120 ? 10.307  2.247   7.238   1.00 37.35 ? 120 VAL A O   1 
ATOM   904  C CB  . VAL A 1 120 ? 7.815   3.897   5.917   1.00 41.30 ? 120 VAL A CB  1 
ATOM   905  C CG1 . VAL A 1 120 ? 7.338   3.084   7.108   1.00 43.82 ? 120 VAL A CG1 1 
ATOM   906  C CG2 . VAL A 1 120 ? 7.214   5.297   5.967   1.00 41.42 ? 120 VAL A CG2 1 
ATOM   907  N N   . ILE A 1 121 ? 10.173  1.866   5.035   1.00 39.70 ? 121 ILE A N   1 
ATOM   908  C CA  . ILE A 1 121 ? 10.735  0.530   5.176   1.00 39.08 ? 121 ILE A CA  1 
ATOM   909  C C   . ILE A 1 121 ? 11.343  -0.005  3.877   1.00 40.40 ? 121 ILE A C   1 
ATOM   910  O O   . ILE A 1 121 ? 10.935  0.377   2.775   1.00 38.75 ? 121 ILE A O   1 
ATOM   911  C CB  . ILE A 1 121 ? 9.632   -0.463  5.677   1.00 38.91 ? 121 ILE A CB  1 
ATOM   912  C CG1 . ILE A 1 121 ? 10.249  -1.801  6.100   1.00 40.29 ? 121 ILE A CG1 1 
ATOM   913  C CG2 . ILE A 1 121 ? 8.620   -0.723  4.569   1.00 38.75 ? 121 ILE A CG2 1 
ATOM   914  C CD1 . ILE A 1 121 ? 9.246   -2.764  6.736   1.00 37.31 ? 121 ILE A CD1 1 
ATOM   915  N N   . GLN A 1 122 ? 12.340  -0.872  4.029   1.00 39.70 ? 122 GLN A N   1 
ATOM   916  C CA  . GLN A 1 122 ? 13.006  -1.527  2.907   1.00 41.67 ? 122 GLN A CA  1 
ATOM   917  C C   . GLN A 1 122 ? 12.599  -2.988  3.087   1.00 42.34 ? 122 GLN A C   1 
ATOM   918  O O   . GLN A 1 122 ? 13.393  -3.811  3.541   1.00 43.93 ? 122 GLN A O   1 
ATOM   919  C CB  . GLN A 1 122 ? 14.527  -1.406  3.023   1.00 44.06 ? 122 GLN A CB  1 
ATOM   920  C CG  . GLN A 1 122 ? 15.083  0.016   2.996   1.00 47.20 ? 122 GLN A CG  1 
ATOM   921  C CD  . GLN A 1 122 ? 14.969  0.675   1.634   1.00 48.93 ? 122 GLN A CD  1 
ATOM   922  O OE1 . GLN A 1 122 ? 15.155  0.032   0.599   1.00 50.70 ? 122 GLN A OE1 1 
ATOM   923  N NE2 . GLN A 1 122 ? 14.680  1.972   1.628   1.00 50.25 ? 122 GLN A NE2 1 
ATOM   924  N N   . TYR A 1 123 ? 11.347  -3.283  2.747   1.00 40.61 ? 123 TYR A N   1 
ATOM   925  C CA  . TYR A 1 123 ? 10.761  -4.612  2.896   1.00 38.42 ? 123 TYR A CA  1 
ATOM   926  C C   . TYR A 1 123 ? 11.362  -5.718  2.038   1.00 38.28 ? 123 TYR A C   1 
ATOM   927  O O   . TYR A 1 123 ? 11.230  -5.711  0.816   1.00 37.19 ? 123 TYR A O   1 
ATOM   928  C CB  . TYR A 1 123 ? 9.250   -4.516  2.632   1.00 38.98 ? 123 TYR A CB  1 
ATOM   929  C CG  . TYR A 1 123 ? 8.465   -5.802  2.821   1.00 37.92 ? 123 TYR A CG  1 
ATOM   930  C CD1 . TYR A 1 123 ? 8.206   -6.655  1.745   1.00 37.07 ? 123 TYR A CD1 1 
ATOM   931  C CD2 . TYR A 1 123 ? 7.945   -6.141  4.071   1.00 39.10 ? 123 TYR A CD2 1 
ATOM   932  C CE1 . TYR A 1 123 ? 7.439   -7.815  1.912   1.00 36.45 ? 123 TYR A CE1 1 
ATOM   933  C CE2 . TYR A 1 123 ? 7.182   -7.295  4.248   1.00 39.08 ? 123 TYR A CE2 1 
ATOM   934  C CZ  . TYR A 1 123 ? 6.930   -8.127  3.166   1.00 37.67 ? 123 TYR A CZ  1 
ATOM   935  O OH  . TYR A 1 123 ? 6.161   -9.260  3.348   1.00 37.98 ? 123 TYR A OH  1 
ATOM   936  N N   . THR A 1 124 ? 12.031  -6.670  2.684   1.00 38.39 ? 124 THR A N   1 
ATOM   937  C CA  . THR A 1 124 ? 12.606  -7.801  1.967   1.00 37.15 ? 124 THR A CA  1 
ATOM   938  C C   . THR A 1 124 ? 11.407  -8.668  1.593   1.00 36.58 ? 124 THR A C   1 
ATOM   939  O O   . THR A 1 124 ? 10.613  -9.041  2.453   1.00 37.31 ? 124 THR A O   1 
ATOM   940  C CB  . THR A 1 124 ? 13.584  -8.615  2.858   1.00 37.59 ? 124 THR A CB  1 
ATOM   941  O OG1 . THR A 1 124 ? 14.781  -7.855  3.076   1.00 36.45 ? 124 THR A OG1 1 
ATOM   942  C CG2 . THR A 1 124 ? 13.952  -9.938  2.195   1.00 36.62 ? 124 THR A CG2 1 
ATOM   943  N N   . LYS A 1 125 ? 11.266  -8.962  0.307   1.00 35.58 ? 125 LYS A N   1 
ATOM   944  C CA  . LYS A 1 125 ? 10.145  -9.762  -0.164  1.00 36.63 ? 125 LYS A CA  1 
ATOM   945  C C   . LYS A 1 125 ? 10.088  -11.156 0.449   1.00 37.17 ? 125 LYS A C   1 
ATOM   946  O O   . LYS A 1 125 ? 11.111  -11.782 0.703   1.00 38.62 ? 125 LYS A O   1 
ATOM   947  C CB  . LYS A 1 125 ? 10.200  -9.908  -1.682  1.00 33.65 ? 125 LYS A CB  1 
ATOM   948  C CG  . LYS A 1 125 ? 10.143  -8.609  -2.439  1.00 32.89 ? 125 LYS A CG  1 
ATOM   949  C CD  . LYS A 1 125 ? 10.173  -8.863  -3.935  1.00 28.60 ? 125 LYS A CD  1 
ATOM   950  C CE  . LYS A 1 125 ? 10.099  -7.551  -4.692  1.00 27.79 ? 125 LYS A CE  1 
ATOM   951  N NZ  . LYS A 1 125 ? 9.962   -7.754  -6.137  1.00 23.86 ? 125 LYS A NZ  1 
ATOM   952  N N   . GLN A 1 126 ? 8.873   -11.634 0.680   1.00 39.20 ? 126 GLN A N   1 
ATOM   953  C CA  . GLN A 1 126 ? 8.665   -12.969 1.213   1.00 39.19 ? 126 GLN A CA  1 
ATOM   954  C C   . GLN A 1 126 ? 8.038   -13.745 0.065   1.00 40.14 ? 126 GLN A C   1 
ATOM   955  O O   . GLN A 1 126 ? 7.971   -14.972 0.078   1.00 42.97 ? 126 GLN A O   1 
ATOM   956  C CB  . GLN A 1 126 ? 7.732   -12.921 2.417   1.00 39.56 ? 126 GLN A CB  1 
ATOM   957  C CG  . GLN A 1 126 ? 8.383   -12.339 3.655   1.00 41.05 ? 126 GLN A CG  1 
ATOM   958  C CD  . GLN A 1 126 ? 7.455   -12.317 4.857   1.00 43.35 ? 126 GLN A CD  1 
ATOM   959  O OE1 . GLN A 1 126 ? 6.589   -11.445 4.975   1.00 44.41 ? 126 GLN A OE1 1 
ATOM   960  N NE2 . GLN A 1 126 ? 7.626   -13.285 5.756   1.00 41.67 ? 126 GLN A NE2 1 
ATOM   961  N N   . ILE A 1 127 ? 7.595   -12.997 -0.941  1.00 39.76 ? 127 ILE A N   1 
ATOM   962  C CA  . ILE A 1 127 ? 6.977   -13.554 -2.132  1.00 39.32 ? 127 ILE A CA  1 
ATOM   963  C C   . ILE A 1 127 ? 7.309   -12.623 -3.301  1.00 40.05 ? 127 ILE A C   1 
ATOM   964  O O   . ILE A 1 127 ? 7.075   -11.415 -3.229  1.00 39.25 ? 127 ILE A O   1 
ATOM   965  C CB  . ILE A 1 127 ? 5.438   -13.645 -1.973  1.00 38.53 ? 127 ILE A CB  1 
ATOM   966  C CG1 . ILE A 1 127 ? 5.086   -14.445 -0.716  1.00 38.44 ? 127 ILE A CG1 1 
ATOM   967  C CG2 . ILE A 1 127 ? 4.826   -14.316 -3.197  1.00 39.91 ? 127 ILE A CG2 1 
ATOM   968  C CD1 . ILE A 1 127 ? 3.594   -14.509 -0.425  1.00 37.28 ? 127 ILE A CD1 1 
ATOM   969  N N   . SER A 1 128 ? 7.860   -13.183 -4.374  1.00 40.42 ? 128 SER A N   1 
ATOM   970  C CA  . SER A 1 128 ? 8.229   -12.392 -5.543  1.00 39.96 ? 128 SER A CA  1 
ATOM   971  C C   . SER A 1 128 ? 7.212   -12.574 -6.664  1.00 39.61 ? 128 SER A C   1 
ATOM   972  O O   . SER A 1 128 ? 6.302   -13.388 -6.556  1.00 39.95 ? 128 SER A O   1 
ATOM   973  C CB  . SER A 1 128 ? 9.624   -12.795 -6.037  1.00 40.51 ? 128 SER A CB  1 
ATOM   974  O OG  . SER A 1 128 ? 9.642   -14.146 -6.467  1.00 40.06 ? 128 SER A OG  1 
ATOM   975  N N   . GLY A 1 129 ? 7.374   -11.812 -7.741  1.00 38.54 ? 129 GLY A N   1 
ATOM   976  C CA  . GLY A 1 129 ? 6.448   -11.915 -8.856  1.00 36.97 ? 129 GLY A CA  1 
ATOM   977  C C   . GLY A 1 129 ? 5.958   -10.565 -9.343  1.00 37.33 ? 129 GLY A C   1 
ATOM   978  O O   . GLY A 1 129 ? 6.284   -9.528  -8.761  1.00 35.89 ? 129 GLY A O   1 
ATOM   979  N N   . LEU A 1 130 ? 5.184   -10.574 -10.424 1.00 36.28 ? 130 LEU A N   1 
ATOM   980  C CA  . LEU A 1 130 ? 4.647   -9.343  -10.984 1.00 36.24 ? 130 LEU A CA  1 
ATOM   981  C C   . LEU A 1 130 ? 3.375   -8.934  -10.263 1.00 33.46 ? 130 LEU A C   1 
ATOM   982  O O   . LEU A 1 130 ? 2.547   -9.780  -9.943  1.00 34.24 ? 130 LEU A O   1 
ATOM   983  C CB  . LEU A 1 130 ? 4.321   -9.522  -12.473 1.00 36.82 ? 130 LEU A CB  1 
ATOM   984  C CG  . LEU A 1 130 ? 5.462   -9.573  -13.486 1.00 39.37 ? 130 LEU A CG  1 
ATOM   985  C CD1 . LEU A 1 130 ? 6.428   -10.687 -13.119 1.00 42.71 ? 130 LEU A CD1 1 
ATOM   986  C CD2 . LEU A 1 130 ? 4.881   -9.804  -14.884 1.00 41.69 ? 130 LEU A CD2 1 
ATOM   987  N N   . THR A 1 131 ? 3.228   -7.636  -10.008 1.00 31.56 ? 131 THR A N   1 
ATOM   988  C CA  . THR A 1 131 ? 2.024   -7.111  -9.373  1.00 30.02 ? 131 THR A CA  1 
ATOM   989  C C   . THR A 1 131 ? 1.030   -6.920  -10.526 1.00 30.82 ? 131 THR A C   1 
ATOM   990  O O   . THR A 1 131 ? 1.317   -6.202  -11.484 1.00 32.87 ? 131 THR A O   1 
ATOM   991  C CB  . THR A 1 131 ? 2.301   -5.747  -8.682  1.00 29.00 ? 131 THR A CB  1 
ATOM   992  O OG1 . THR A 1 131 ? 3.256   -5.930  -7.632  1.00 28.38 ? 131 THR A OG1 1 
ATOM   993  C CG2 . THR A 1 131 ? 1.028   -5.167  -8.086  1.00 28.38 ? 131 THR A CG2 1 
ATOM   994  N N   . SER A 1 132 ? -0.122  -7.580  -10.443 1.00 30.90 ? 132 SER A N   1 
ATOM   995  C CA  . SER A 1 132 ? -1.130  -7.490  -11.490 1.00 30.09 ? 132 SER A CA  1 
ATOM   996  C C   . SER A 1 132 ? -2.372  -6.724  -11.091 1.00 28.76 ? 132 SER A C   1 
ATOM   997  O O   . SER A 1 132 ? -3.162  -6.352  -11.944 1.00 28.17 ? 132 SER A O   1 
ATOM   998  C CB  . SER A 1 132 ? -1.534  -8.889  -11.967 1.00 32.61 ? 132 SER A CB  1 
ATOM   999  O OG  . SER A 1 132 ? -0.534  -9.422  -12.822 1.00 41.23 ? 132 SER A OG  1 
ATOM   1000 N N   . SER A 1 133 ? -2.550  -6.505  -9.792  1.00 29.16 ? 133 SER A N   1 
ATOM   1001 C CA  . SER A 1 133 ? -3.688  -5.751  -9.291  1.00 27.13 ? 133 SER A CA  1 
ATOM   1002 C C   . SER A 1 133 ? -3.309  -5.066  -7.980  1.00 26.10 ? 133 SER A C   1 
ATOM   1003 O O   . SER A 1 133 ? -2.362  -5.475  -7.305  1.00 25.10 ? 133 SER A O   1 
ATOM   1004 C CB  . SER A 1 133 ? -4.903  -6.671  -9.088  1.00 29.32 ? 133 SER A CB  1 
ATOM   1005 O OG  . SER A 1 133 ? -4.613  -7.726  -8.198  1.00 34.29 ? 133 SER A OG  1 
ATOM   1006 N N   . LEU A 1 134 ? -4.047  -4.016  -7.636  1.00 24.60 ? 134 LEU A N   1 
ATOM   1007 C CA  . LEU A 1 134 ? -3.807  -3.251  -6.414  1.00 24.41 ? 134 LEU A CA  1 
ATOM   1008 C C   . LEU A 1 134 ? -5.128  -3.099  -5.708  1.00 23.29 ? 134 LEU A C   1 
ATOM   1009 O O   . LEU A 1 134 ? -6.176  -3.099  -6.349  1.00 25.79 ? 134 LEU A O   1 
ATOM   1010 C CB  . LEU A 1 134 ? -3.295  -1.831  -6.739  1.00 23.70 ? 134 LEU A CB  1 
ATOM   1011 C CG  . LEU A 1 134 ? -2.133  -1.658  -7.710  1.00 23.59 ? 134 LEU A CG  1 
ATOM   1012 C CD1 . LEU A 1 134 ? -1.909  -0.165  -7.998  1.00 23.37 ? 134 LEU A CD1 1 
ATOM   1013 C CD2 . LEU A 1 134 ? -0.887  -2.300  -7.106  1.00 24.38 ? 134 LEU A CD2 1 
ATOM   1014 N N   . SER A 1 135 ? -5.096  -2.938  -4.395  1.00 24.23 ? 135 SER A N   1 
ATOM   1015 C CA  . SER A 1 135 ? -6.340  -2.743  -3.671  1.00 25.30 ? 135 SER A CA  1 
ATOM   1016 C C   . SER A 1 135 ? -6.150  -1.752  -2.526  1.00 26.28 ? 135 SER A C   1 
ATOM   1017 O O   . SER A 1 135 ? -5.031  -1.474  -2.096  1.00 25.50 ? 135 SER A O   1 
ATOM   1018 C CB  . SER A 1 135 ? -6.888  -4.077  -3.128  1.00 25.82 ? 135 SER A CB  1 
ATOM   1019 O OG  . SER A 1 135 ? -6.223  -4.495  -1.944  1.00 26.77 ? 135 SER A OG  1 
ATOM   1020 N N   . TYR A 1 136 ? -7.267  -1.212  -2.063  1.00 26.70 ? 136 TYR A N   1 
ATOM   1021 C CA  . TYR A 1 136 ? -7.293  -0.272  -0.953  1.00 29.10 ? 136 TYR A CA  1 
ATOM   1022 C C   . TYR A 1 136 ? -8.506  -0.686  -0.131  1.00 30.56 ? 136 TYR A C   1 
ATOM   1023 O O   . TYR A 1 136 ? -9.640  -0.527  -0.568  1.00 29.94 ? 136 TYR A O   1 
ATOM   1024 C CB  . TYR A 1 136 ? -7.421  1.163   -1.489  1.00 28.41 ? 136 TYR A CB  1 
ATOM   1025 C CG  . TYR A 1 136 ? -8.069  2.158   -0.554  1.00 31.37 ? 136 TYR A CG  1 
ATOM   1026 C CD1 . TYR A 1 136 ? -7.643  2.295   0.767   1.00 28.34 ? 136 TYR A CD1 1 
ATOM   1027 C CD2 . TYR A 1 136 ? -9.116  2.972   -0.999  1.00 31.33 ? 136 TYR A CD2 1 
ATOM   1028 C CE1 . TYR A 1 136 ? -8.247  3.222   1.624   1.00 32.95 ? 136 TYR A CE1 1 
ATOM   1029 C CE2 . TYR A 1 136 ? -9.724  3.899   -0.154  1.00 31.04 ? 136 TYR A CE2 1 
ATOM   1030 C CZ  . TYR A 1 136 ? -9.285  4.018   1.152   1.00 32.23 ? 136 TYR A CZ  1 
ATOM   1031 O OH  . TYR A 1 136 ? -9.890  4.933   1.982   1.00 32.00 ? 136 TYR A OH  1 
ATOM   1032 N N   . ASN A 1 137 ? -8.261  -1.250  1.049   1.00 31.22 ? 137 ASN A N   1 
ATOM   1033 C CA  . ASN A 1 137 ? -9.350  -1.698  1.898   1.00 34.41 ? 137 ASN A CA  1 
ATOM   1034 C C   . ASN A 1 137 ? -9.510  -0.876  3.176   1.00 34.88 ? 137 ASN A C   1 
ATOM   1035 O O   . ASN A 1 137 ? -8.526  -0.494  3.814   1.00 34.91 ? 137 ASN A O   1 
ATOM   1036 C CB  . ASN A 1 137 ? -9.161  -3.179  2.240   1.00 36.18 ? 137 ASN A CB  1 
ATOM   1037 C CG  . ASN A 1 137 ? -10.365 -3.768  2.948   1.00 38.33 ? 137 ASN A CG  1 
ATOM   1038 O OD1 . ASN A 1 137 ? -11.502 -3.350  2.720   1.00 36.61 ? 137 ASN A OD1 1 
ATOM   1039 N ND2 . ASN A 1 137 ? -10.124 -4.758  3.797   1.00 41.31 ? 137 ASN A ND2 1 
ATOM   1040 N N   . ALA A 1 138 ? -10.763 -0.605  3.536   1.00 35.40 ? 138 ALA A N   1 
ATOM   1041 C CA  . ALA A 1 138 ? -11.085 0.164   4.737   1.00 36.99 ? 138 ALA A CA  1 
ATOM   1042 C C   . ALA A 1 138 ? -12.586 0.391   4.853   1.00 39.05 ? 138 ALA A C   1 
ATOM   1043 O O   . ALA A 1 138 ? -13.336 0.149   3.907   1.00 35.90 ? 138 ALA A O   1 
ATOM   1044 C CB  . ALA A 1 138 ? -10.368 1.509   4.712   1.00 36.28 ? 138 ALA A CB  1 
ATOM   1045 N N   . THR A 1 139 ? -13.023 0.844   6.023   1.00 41.79 ? 139 THR A N   1 
ATOM   1046 C CA  . THR A 1 139 ? -14.437 1.129   6.232   1.00 45.55 ? 139 THR A CA  1 
ATOM   1047 C C   . THR A 1 139 ? -14.616 2.614   5.978   1.00 47.82 ? 139 THR A C   1 
ATOM   1048 O O   . THR A 1 139 ? -13.676 3.394   6.141   1.00 47.24 ? 139 THR A O   1 
ATOM   1049 C CB  . THR A 1 139 ? -14.889 0.810   7.680   1.00 45.79 ? 139 THR A CB  1 
ATOM   1050 O OG1 . THR A 1 139 ? -14.097 1.563   8.610   1.00 48.21 ? 139 THR A OG1 1 
ATOM   1051 C CG2 . THR A 1 139 ? -14.736 -0.663  7.970   1.00 44.18 ? 139 THR A CG2 1 
ATOM   1052 N N   . GLU A 1 140 ? -15.816 3.009   5.574   1.00 51.02 ? 140 GLU A N   1 
ATOM   1053 C CA  . GLU A 1 140 ? -16.083 4.416   5.308   1.00 54.45 ? 140 GLU A CA  1 
ATOM   1054 C C   . GLU A 1 140 ? -15.957 5.205   6.597   1.00 54.27 ? 140 GLU A C   1 
ATOM   1055 O O   . GLU A 1 140 ? -15.870 6.432   6.586   1.00 55.62 ? 140 GLU A O   1 
ATOM   1056 C CB  . GLU A 1 140 ? -17.497 4.597   4.760   1.00 56.79 ? 140 GLU A CB  1 
ATOM   1057 C CG  . GLU A 1 140 ? -17.831 3.683   3.609   1.00 60.55 ? 140 GLU A CG  1 
ATOM   1058 C CD  . GLU A 1 140 ? -19.062 4.139   2.862   1.00 61.61 ? 140 GLU A CD  1 
ATOM   1059 O OE1 . GLU A 1 140 ? -20.115 4.327   3.508   1.00 63.74 ? 140 GLU A OE1 1 
ATOM   1060 O OE2 . GLU A 1 140 ? -18.976 4.311   1.629   1.00 63.62 ? 140 GLU A OE2 1 
ATOM   1061 N N   . GLU A 1 141 ? -15.934 4.487   7.710   1.00 54.10 ? 141 GLU A N   1 
ATOM   1062 C CA  . GLU A 1 141 ? -15.862 5.117   9.013   1.00 54.45 ? 141 GLU A CA  1 
ATOM   1063 C C   . GLU A 1 141 ? -14.455 5.318   9.571   1.00 52.33 ? 141 GLU A C   1 
ATOM   1064 O O   . GLU A 1 141 ? -14.085 6.428   9.963   1.00 52.78 ? 141 GLU A O   1 
ATOM   1065 C CB  . GLU A 1 141 ? -16.677 4.300   10.020  1.00 57.58 ? 141 GLU A CB  1 
ATOM   1066 C CG  . GLU A 1 141 ? -18.006 3.745   9.487   1.00 61.80 ? 141 GLU A CG  1 
ATOM   1067 C CD  . GLU A 1 141 ? -18.981 4.829   9.046   1.00 64.01 ? 141 GLU A CD  1 
ATOM   1068 O OE1 . GLU A 1 141 ? -19.012 5.901   9.691   1.00 64.30 ? 141 GLU A OE1 1 
ATOM   1069 O OE2 . GLU A 1 141 ? -19.730 4.599   8.065   1.00 64.70 ? 141 GLU A OE2 1 
ATOM   1070 N N   . THR A 1 142 ? -13.666 4.248   9.596   1.00 48.05 ? 142 THR A N   1 
ATOM   1071 C CA  . THR A 1 142 ? -12.335 4.317   10.183  1.00 44.19 ? 142 THR A CA  1 
ATOM   1072 C C   . THR A 1 142 ? -11.108 4.327   9.277   1.00 40.33 ? 142 THR A C   1 
ATOM   1073 O O   . THR A 1 142 ? -10.016 3.957   9.707   1.00 38.28 ? 142 THR A O   1 
ATOM   1074 C CB  . THR A 1 142 ? -12.170 3.182   11.206  1.00 45.02 ? 142 THR A CB  1 
ATOM   1075 O OG1 . THR A 1 142 ? -12.357 1.920   10.554  1.00 46.49 ? 142 THR A OG1 1 
ATOM   1076 C CG2 . THR A 1 142 ? -13.206 3.326   12.313  1.00 45.85 ? 142 THR A CG2 1 
ATOM   1077 N N   . SER A 1 143 ? -11.267 4.764   8.034   1.00 37.87 ? 143 SER A N   1 
ATOM   1078 C CA  . SER A 1 143 ? -10.127 4.810   7.125   1.00 33.84 ? 143 SER A CA  1 
ATOM   1079 C C   . SER A 1 143 ? -9.342  6.085   7.390   1.00 32.97 ? 143 SER A C   1 
ATOM   1080 O O   . SER A 1 143 ? -9.917  7.097   7.789   1.00 30.37 ? 143 SER A O   1 
ATOM   1081 C CB  . SER A 1 143 ? -10.602 4.800   5.664   1.00 35.79 ? 143 SER A CB  1 
ATOM   1082 O OG  . SER A 1 143 ? -9.495  4.747   4.774   1.00 34.05 ? 143 SER A OG  1 
ATOM   1083 N N   . ILE A 1 144 ? -8.026  6.035   7.202   1.00 31.18 ? 144 ILE A N   1 
ATOM   1084 C CA  . ILE A 1 144 ? -7.212  7.230   7.386   1.00 31.56 ? 144 ILE A CA  1 
ATOM   1085 C C   . ILE A 1 144 ? -7.116  7.979   6.056   1.00 30.97 ? 144 ILE A C   1 
ATOM   1086 O O   . ILE A 1 144 ? -6.593  9.091   6.009   1.00 32.73 ? 144 ILE A O   1 
ATOM   1087 C CB  . ILE A 1 144 ? -5.772  6.918   7.867   1.00 31.77 ? 144 ILE A CB  1 
ATOM   1088 C CG1 . ILE A 1 144 ? -5.072  6.001   6.865   1.00 30.88 ? 144 ILE A CG1 1 
ATOM   1089 C CG2 . ILE A 1 144 ? -5.800  6.311   9.270   1.00 31.32 ? 144 ILE A CG2 1 
ATOM   1090 C CD1 . ILE A 1 144 ? -3.565  5.932   7.062   1.00 32.67 ? 144 ILE A CD1 1 
ATOM   1091 N N   . PHE A 1 145 ? -7.620  7.373   4.981   1.00 29.97 ? 145 PHE A N   1 
ATOM   1092 C CA  . PHE A 1 145 ? -7.590  8.006   3.657   1.00 30.82 ? 145 PHE A CA  1 
ATOM   1093 C C   . PHE A 1 145 ? -8.995  8.291   3.126   1.00 31.41 ? 145 PHE A C   1 
ATOM   1094 O O   . PHE A 1 145 ? -9.991  7.887   3.727   1.00 33.00 ? 145 PHE A O   1 
ATOM   1095 C CB  . PHE A 1 145 ? -6.846  7.127   2.637   1.00 29.61 ? 145 PHE A CB  1 
ATOM   1096 C CG  . PHE A 1 145 ? -5.377  6.943   2.928   1.00 28.86 ? 145 PHE A CG  1 
ATOM   1097 C CD1 . PHE A 1 145 ? -4.656  7.910   3.631   1.00 28.19 ? 145 PHE A CD1 1 
ATOM   1098 C CD2 . PHE A 1 145 ? -4.708  5.800   2.481   1.00 25.42 ? 145 PHE A CD2 1 
ATOM   1099 C CE1 . PHE A 1 145 ? -3.293  7.744   3.889   1.00 28.49 ? 145 PHE A CE1 1 
ATOM   1100 C CE2 . PHE A 1 145 ? -3.352  5.621   2.729   1.00 27.28 ? 145 PHE A CE2 1 
ATOM   1101 C CZ  . PHE A 1 145 ? -2.635  6.597   3.439   1.00 29.50 ? 145 PHE A CZ  1 
ATOM   1102 N N   . SER A 1 146 ? -9.066  8.980   1.988   1.00 30.72 ? 146 SER A N   1 
ATOM   1103 C CA  . SER A 1 146 ? -10.341 9.320   1.358   1.00 30.61 ? 146 SER A CA  1 
ATOM   1104 C C   . SER A 1 146 ? -11.082 8.065   0.898   1.00 31.21 ? 146 SER A C   1 
ATOM   1105 O O   . SER A 1 146 ? -10.517 6.975   0.887   1.00 31.14 ? 146 SER A O   1 
ATOM   1106 C CB  . SER A 1 146 ? -10.111 10.281  0.175   1.00 30.44 ? 146 SER A CB  1 
ATOM   1107 O OG  . SER A 1 146 ? -9.077  9.832   -0.695  1.00 28.81 ? 146 SER A OG  1 
ATOM   1108 N N   . THR A 1 147 ? -12.351 8.215   0.530   1.00 30.38 ? 147 THR A N   1 
ATOM   1109 C CA  . THR A 1 147 ? -13.156 7.074   0.110   1.00 32.53 ? 147 THR A CA  1 
ATOM   1110 C C   . THR A 1 147 ? -12.621 6.453   -1.169  1.00 31.08 ? 147 THR A C   1 
ATOM   1111 O O   . THR A 1 147 ? -12.731 5.242   -1.387  1.00 29.59 ? 147 THR A O   1 
ATOM   1112 C CB  . THR A 1 147 ? -14.626 7.481   -0.100  1.00 33.45 ? 147 THR A CB  1 
ATOM   1113 O OG1 . THR A 1 147 ? -14.681 8.623   -0.959  1.00 39.32 ? 147 THR A OG1 1 
ATOM   1114 C CG2 . THR A 1 147 ? -15.285 7.824   1.236   1.00 35.01 ? 147 THR A CG2 1 
ATOM   1115 N N   . VAL A 1 148 ? -12.042 7.297   -2.011  1.00 31.78 ? 148 VAL A N   1 
ATOM   1116 C CA  . VAL A 1 148 ? -11.461 6.851   -3.265  1.00 31.91 ? 148 VAL A CA  1 
ATOM   1117 C C   . VAL A 1 148 ? -9.994  7.235   -3.254  1.00 31.44 ? 148 VAL A C   1 
ATOM   1118 O O   . VAL A 1 148 ? -9.649  8.381   -2.999  1.00 34.11 ? 148 VAL A O   1 
ATOM   1119 C CB  . VAL A 1 148 ? -12.142 7.521   -4.485  1.00 33.69 ? 148 VAL A CB  1 
ATOM   1120 C CG1 . VAL A 1 148 ? -11.494 7.024   -5.774  1.00 30.39 ? 148 VAL A CG1 1 
ATOM   1121 C CG2 . VAL A 1 148 ? -13.642 7.209   -4.487  1.00 31.48 ? 148 VAL A CG2 1 
ATOM   1122 N N   . VAL A 1 149 ? -9.131  6.261   -3.504  1.00 31.16 ? 149 VAL A N   1 
ATOM   1123 C CA  . VAL A 1 149 ? -7.705  6.502   -3.548  1.00 31.23 ? 149 VAL A CA  1 
ATOM   1124 C C   . VAL A 1 149 ? -7.253  6.373   -4.996  1.00 32.07 ? 149 VAL A C   1 
ATOM   1125 O O   . VAL A 1 149 ? -7.585  5.397   -5.672  1.00 30.48 ? 149 VAL A O   1 
ATOM   1126 C CB  . VAL A 1 149 ? -6.948  5.479   -2.666  1.00 31.87 ? 149 VAL A CB  1 
ATOM   1127 C CG1 . VAL A 1 149 ? -5.491  5.435   -3.045  1.00 31.45 ? 149 VAL A CG1 1 
ATOM   1128 C CG2 . VAL A 1 149 ? -7.091  5.866   -1.198  1.00 30.36 ? 149 VAL A CG2 1 
ATOM   1129 N N   . GLU A 1 150 ? -6.507  7.363   -5.475  1.00 32.39 ? 150 GLU A N   1 
ATOM   1130 C CA  . GLU A 1 150 ? -6.001  7.336   -6.846  1.00 32.70 ? 150 GLU A CA  1 
ATOM   1131 C C   . GLU A 1 150 ? -4.660  6.613   -6.900  1.00 31.00 ? 150 GLU A C   1 
ATOM   1132 O O   . GLU A 1 150 ? -3.746  6.929   -6.138  1.00 31.73 ? 150 GLU A O   1 
ATOM   1133 C CB  . GLU A 1 150 ? -5.816  8.760   -7.376  1.00 37.38 ? 150 GLU A CB  1 
ATOM   1134 C CG  . GLU A 1 150 ? -5.398  8.820   -8.835  1.00 42.90 ? 150 GLU A CG  1 
ATOM   1135 C CD  . GLU A 1 150 ? -5.225  10.243  -9.335  1.00 46.58 ? 150 GLU A CD  1 
ATOM   1136 O OE1 . GLU A 1 150 ? -4.254  10.920  -8.919  1.00 48.23 ? 150 GLU A OE1 1 
ATOM   1137 O OE2 . GLU A 1 150 ? -6.068  10.687  -10.143 1.00 48.89 ? 150 GLU A OE2 1 
ATOM   1138 N N   . ALA A 1 151 ? -4.542  5.641   -7.797  1.00 27.66 ? 151 ALA A N   1 
ATOM   1139 C CA  . ALA A 1 151 ? -3.294  4.907   -7.953  1.00 25.65 ? 151 ALA A CA  1 
ATOM   1140 C C   . ALA A 1 151 ? -2.686  5.230   -9.314  1.00 25.42 ? 151 ALA A C   1 
ATOM   1141 O O   . ALA A 1 151 ? -3.374  5.241   -10.328 1.00 24.56 ? 151 ALA A O   1 
ATOM   1142 C CB  . ALA A 1 151 ? -3.532  3.393   -7.830  1.00 22.40 ? 151 ALA A CB  1 
ATOM   1143 N N   . VAL A 1 152 ? -1.391  5.509   -9.319  1.00 23.91 ? 152 VAL A N   1 
ATOM   1144 C CA  . VAL A 1 152 ? -0.666  5.820   -10.539 1.00 24.45 ? 152 VAL A CA  1 
ATOM   1145 C C   . VAL A 1 152 ? 0.523   4.874   -10.588 1.00 25.28 ? 152 VAL A C   1 
ATOM   1146 O O   . VAL A 1 152 ? 1.250   4.741   -9.609  1.00 25.25 ? 152 VAL A O   1 
ATOM   1147 C CB  . VAL A 1 152 ? -0.126  7.271   -10.540 1.00 24.68 ? 152 VAL A CB  1 
ATOM   1148 C CG1 . VAL A 1 152 ? 0.733   7.507   -11.805 1.00 24.63 ? 152 VAL A CG1 1 
ATOM   1149 C CG2 . VAL A 1 152 ? -1.285  8.270   -10.496 1.00 22.10 ? 152 VAL A CG2 1 
ATOM   1150 N N   . THR A 1 153 ? 0.714   4.208   -11.718 1.00 25.24 ? 153 THR A N   1 
ATOM   1151 C CA  . THR A 1 153 ? 1.845   3.303   -11.860 1.00 25.90 ? 153 THR A CA  1 
ATOM   1152 C C   . THR A 1 153 ? 2.770   3.852   -12.935 1.00 25.83 ? 153 THR A C   1 
ATOM   1153 O O   . THR A 1 153 ? 2.321   4.510   -13.875 1.00 24.55 ? 153 THR A O   1 
ATOM   1154 C CB  . THR A 1 153 ? 1.405   1.864   -12.282 1.00 27.75 ? 153 THR A CB  1 
ATOM   1155 O OG1 . THR A 1 153 ? 0.851   1.896   -13.604 1.00 30.28 ? 153 THR A OG1 1 
ATOM   1156 C CG2 . THR A 1 153 ? 0.371   1.309   -11.317 1.00 25.82 ? 153 THR A CG2 1 
ATOM   1157 N N   . TYR A 1 154 ? 4.062   3.591   -12.772 1.00 26.57 ? 154 TYR A N   1 
ATOM   1158 C CA  . TYR A 1 154 ? 5.081   4.006   -13.729 1.00 26.46 ? 154 TYR A CA  1 
ATOM   1159 C C   . TYR A 1 154 ? 5.779   2.705   -14.082 1.00 28.55 ? 154 TYR A C   1 
ATOM   1160 O O   . TYR A 1 154 ? 6.579   2.176   -13.305 1.00 27.51 ? 154 TYR A O   1 
ATOM   1161 C CB  . TYR A 1 154 ? 6.065   4.983   -13.091 1.00 27.09 ? 154 TYR A CB  1 
ATOM   1162 C CG  . TYR A 1 154 ? 5.421   6.263   -12.625 1.00 24.99 ? 154 TYR A CG  1 
ATOM   1163 C CD1 . TYR A 1 154 ? 4.851   6.365   -11.350 1.00 24.39 ? 154 TYR A CD1 1 
ATOM   1164 C CD2 . TYR A 1 154 ? 5.347   7.371   -13.473 1.00 25.30 ? 154 TYR A CD2 1 
ATOM   1165 C CE1 . TYR A 1 154 ? 4.218   7.545   -10.936 1.00 27.23 ? 154 TYR A CE1 1 
ATOM   1166 C CE2 . TYR A 1 154 ? 4.725   8.545   -13.070 1.00 23.97 ? 154 TYR A CE2 1 
ATOM   1167 C CZ  . TYR A 1 154 ? 4.163   8.630   -11.808 1.00 26.83 ? 154 TYR A CZ  1 
ATOM   1168 O OH  . TYR A 1 154 ? 3.547   9.800   -11.430 1.00 25.41 ? 154 TYR A OH  1 
ATOM   1169 N N   . THR A 1 155 ? 5.463   2.181   -15.257 1.00 30.22 ? 155 THR A N   1 
ATOM   1170 C CA  . THR A 1 155 ? 6.010   0.900   -15.670 1.00 32.95 ? 155 THR A CA  1 
ATOM   1171 C C   . THR A 1 155 ? 6.957   0.901   -16.866 1.00 34.08 ? 155 THR A C   1 
ATOM   1172 O O   . THR A 1 155 ? 7.020   1.865   -17.629 1.00 34.72 ? 155 THR A O   1 
ATOM   1173 C CB  . THR A 1 155 ? 4.858   -0.077  -15.939 1.00 30.88 ? 155 THR A CB  1 
ATOM   1174 O OG1 . THR A 1 155 ? 3.899   0.551   -16.799 1.00 29.39 ? 155 THR A OG1 1 
ATOM   1175 C CG2 . THR A 1 155 ? 4.166   -0.457  -14.622 1.00 32.10 ? 155 THR A CG2 1 
ATOM   1176 N N   . GLY A 1 156 ? 7.690   -0.201  -17.006 1.00 35.89 ? 156 GLY A N   1 
ATOM   1177 C CA  . GLY A 1 156 ? 8.636   -0.356  -18.099 1.00 38.78 ? 156 GLY A CA  1 
ATOM   1178 C C   . GLY A 1 156 ? 9.817   0.570   -17.947 1.00 40.76 ? 156 GLY A C   1 
ATOM   1179 O O   . GLY A 1 156 ? 10.395  1.023   -18.939 1.00 42.13 ? 156 GLY A O   1 
ATOM   1180 N N   . LEU A 1 157 ? 10.182  0.838   -16.698 1.00 40.17 ? 157 LEU A N   1 
ATOM   1181 C CA  . LEU A 1 157 ? 11.278  1.740   -16.383 1.00 41.86 ? 157 LEU A CA  1 
ATOM   1182 C C   . LEU A 1 157 ? 12.648  1.078   -16.533 1.00 43.95 ? 157 LEU A C   1 
ATOM   1183 O O   . LEU A 1 157 ? 13.597  1.713   -16.983 1.00 44.92 ? 157 LEU A O   1 
ATOM   1184 C CB  . LEU A 1 157 ? 11.103  2.291   -14.960 1.00 38.73 ? 157 LEU A CB  1 
ATOM   1185 C CG  . LEU A 1 157 ? 9.736   2.893   -14.592 1.00 35.04 ? 157 LEU A CG  1 
ATOM   1186 C CD1 . LEU A 1 157 ? 9.805   3.508   -13.194 1.00 32.19 ? 157 LEU A CD1 1 
ATOM   1187 C CD2 . LEU A 1 157 ? 9.332   3.950   -15.612 1.00 32.57 ? 157 LEU A CD2 1 
ATOM   1188 N N   . ALA A 1 158 ? 12.750  -0.195  -16.158 1.00 46.85 ? 158 ALA A N   1 
ATOM   1189 C CA  . ALA A 1 158 ? 14.015  -0.922  -16.266 1.00 47.68 ? 158 ALA A CA  1 
ATOM   1190 C C   . ALA A 1 158 ? 14.414  -1.110  -17.730 1.00 49.04 ? 158 ALA A C   1 
ATOM   1191 O O   . ALA A 1 158 ? 15.546  -0.719  -18.083 1.00 50.61 ? 158 ALA A O   1 
ATOM   1192 C CB  . ALA A 1 158 ? 13.900  -2.279  -15.581 1.00 48.07 ? 158 ALA A CB  1 
ATOM   1193 O OXT . ALA A 1 158 ? 13.597  -1.653  -18.506 1.00 48.17 ? 158 ALA A OXT 1 
HETATM 1194 O O5  . A2G B 2 .   ? -1.888  -10.185 15.385  1.00 40.43 ? 1   A2G B O5  1 
HETATM 1195 C C1  . A2G B 2 .   ? -3.312  -10.267 15.547  1.00 39.50 ? 1   A2G B C1  1 
HETATM 1196 C C2  . A2G B 2 .   ? -3.976  -9.368  14.500  1.00 40.42 ? 1   A2G B C2  1 
HETATM 1197 N N2  . A2G B 2 .   ? -5.439  -9.397  14.647  1.00 42.16 ? 1   A2G B N2  1 
HETATM 1198 C C3  . A2G B 2 .   ? -3.601  -9.818  13.088  1.00 40.39 ? 1   A2G B C3  1 
HETATM 1199 O O3  . A2G B 2 .   ? -4.198  -8.924  12.139  1.00 39.88 ? 1   A2G B O3  1 
HETATM 1200 C C4  . A2G B 2 .   ? -2.074  -9.846  12.988  1.00 40.83 ? 1   A2G B C4  1 
HETATM 1201 O O4  . A2G B 2 .   ? -1.550  -8.520  13.101  1.00 39.88 ? 1   A2G B O4  1 
HETATM 1202 C C5  . A2G B 2 .   ? -1.495  -10.713 14.108  1.00 42.64 ? 1   A2G B C5  1 
HETATM 1203 C C6  . A2G B 2 .   ? 0.031   -10.723 14.006  1.00 44.65 ? 1   A2G B C6  1 
HETATM 1204 O O6  . A2G B 2 .   ? 0.566   -11.569 15.027  1.00 52.73 ? 1   A2G B O6  1 
HETATM 1205 C C7  . A2G B 2 .   ? -6.075  -8.560  15.462  1.00 41.98 ? 1   A2G B C7  1 
HETATM 1206 O O7  . A2G B 2 .   ? -5.365  -7.652  16.183  1.00 43.84 ? 1   A2G B O7  1 
HETATM 1207 C C8  . A2G B 2 .   ? -7.459  -8.609  15.570  1.00 43.06 ? 1   A2G B C8  1 
HETATM 1208 C C1  . GAL B 2 .   ? -4.027  -9.388  10.792  1.00 37.48 ? 2   GAL B C1  1 
HETATM 1209 C C2  . GAL B 2 .   ? -5.162  -8.778  9.966   1.00 38.13 ? 2   GAL B C2  1 
HETATM 1210 C C3  . GAL B 2 .   ? -4.995  -9.105  8.481   1.00 37.60 ? 2   GAL B C3  1 
HETATM 1211 C C4  . GAL B 2 .   ? -3.603  -8.664  8.032   1.00 38.80 ? 2   GAL B C4  1 
HETATM 1212 C C5  . GAL B 2 .   ? -2.553  -9.328  8.927   1.00 39.41 ? 2   GAL B C5  1 
HETATM 1213 C C6  . GAL B 2 .   ? -1.146  -8.938  8.467   1.00 42.48 ? 2   GAL B C6  1 
HETATM 1214 O O2  . GAL B 2 .   ? -6.420  -9.262  10.440  1.00 37.58 ? 2   GAL B O2  1 
HETATM 1215 O O3  . GAL B 2 .   ? -5.987  -8.406  7.723   1.00 35.86 ? 2   GAL B O3  1 
HETATM 1216 O O4  . GAL B 2 .   ? -3.505  -7.242  8.155   1.00 37.85 ? 2   GAL B O4  1 
HETATM 1217 O O5  . GAL B 2 .   ? -2.756  -8.937  10.294  1.00 39.22 ? 2   GAL B O5  1 
HETATM 1218 O O6  . GAL B 2 .   ? -0.169  -9.650  9.233   1.00 40.60 ? 2   GAL B O6  1 
HETATM 1219 C C1  . NPO C 3 .   ? -7.228  -12.658 17.270  1.00 44.52 ? 242 NPO A C1  1 
HETATM 1220 C C2  . NPO C 3 .   ? -6.826  -13.346 16.130  1.00 42.33 ? 242 NPO A C2  1 
HETATM 1221 C C3  . NPO C 3 .   ? -5.657  -12.977 15.473  1.00 42.66 ? 242 NPO A C3  1 
HETATM 1222 C C4  . NPO C 3 .   ? -4.889  -11.923 15.956  1.00 41.24 ? 242 NPO A C4  1 
HETATM 1223 C C5  . NPO C 3 .   ? -5.296  -11.232 17.091  1.00 40.75 ? 242 NPO A C5  1 
HETATM 1224 C C6  . NPO C 3 .   ? -6.466  -11.597 17.748  1.00 42.76 ? 242 NPO A C6  1 
HETATM 1225 O OH  . NPO C 3 .   ? -3.705  -11.633 15.352  1.00 39.39 ? 242 NPO A OH  1 
HETATM 1226 N N1  . NPO C 3 .   ? -8.342  -13.016 17.901  1.00 44.87 ? 242 NPO A N1  1 
HETATM 1227 O O2  . NPO C 3 .   ? -8.776  -12.293 19.045  1.00 44.93 ? 242 NPO A O2  1 
HETATM 1228 O O3  . NPO C 3 .   ? -9.108  -14.110 17.416  1.00 47.87 ? 242 NPO A O3  1 
HETATM 1229 C C1  . BTB D 4 .   ? -7.351  -10.028 -7.205  1.00 59.18 ? 159 BTB A C1  1 
HETATM 1230 O O1  . BTB D 4 .   ? -6.892  -10.865 -6.141  1.00 61.29 ? 159 BTB A O1  1 
HETATM 1231 C C2  . BTB D 4 .   ? -8.687  -10.557 -7.733  1.00 58.08 ? 159 BTB A C2  1 
HETATM 1232 C C3  . BTB D 4 .   ? -9.731  -10.526 -6.614  1.00 57.26 ? 159 BTB A C3  1 
HETATM 1233 O O3  . BTB D 4 .   ? -9.346  -11.403 -5.551  1.00 51.60 ? 159 BTB A O3  1 
HETATM 1234 C C4  . BTB D 4 .   ? -8.489  -12.002 -8.199  1.00 58.50 ? 159 BTB A C4  1 
HETATM 1235 O O4  . BTB D 4 .   ? -9.724  -12.530 -8.687  1.00 57.72 ? 159 BTB A O4  1 
HETATM 1236 N N   . BTB D 4 .   ? -9.152  -9.723  -8.852  1.00 58.01 ? 159 BTB A N   1 
HETATM 1237 C C5  . BTB D 4 .   ? -8.394  -10.034 -10.073 1.00 56.58 ? 159 BTB A C5  1 
HETATM 1238 C C6  . BTB D 4 .   ? -9.352  -10.418 -11.203 1.00 55.92 ? 159 BTB A C6  1 
HETATM 1239 O O6  . BTB D 4 .   ? -10.209 -9.319  -11.525 1.00 51.33 ? 159 BTB A O6  1 
HETATM 1240 C C7  . BTB D 4 .   ? -8.958  -8.303  -8.518  1.00 57.28 ? 159 BTB A C7  1 
HETATM 1241 C C8  . BTB D 4 .   ? -9.542  -7.416  -9.620  1.00 56.82 ? 159 BTB A C8  1 
HETATM 1242 O O8  . BTB D 4 .   ? -9.290  -6.042  -9.317  1.00 54.07 ? 159 BTB A O8  1 
HETATM 1243 O O   . HOH E 5 .   ? -0.550  -0.361  -14.616 1.00 29.48 ? 160 HOH A O   1 
HETATM 1244 O O   . HOH E 5 .   ? -6.468  -6.156  3.526   1.00 30.62 ? 161 HOH A O   1 
HETATM 1245 O O   . HOH E 5 .   ? 2.340   2.260   -15.982 1.00 24.21 ? 162 HOH A O   1 
HETATM 1246 O O   . HOH E 5 .   ? 5.361   8.632   -1.396  1.00 22.56 ? 163 HOH A O   1 
HETATM 1247 O O   . HOH E 5 .   ? 7.233   13.554  4.101   1.00 30.15 ? 164 HOH A O   1 
HETATM 1248 O O   . HOH E 5 .   ? 5.774   -6.785  -7.992  1.00 35.84 ? 165 HOH A O   1 
HETATM 1249 O O   . HOH E 5 .   ? 1.190   -11.706 -11.423 1.00 36.97 ? 166 HOH A O   1 
HETATM 1250 O O   . HOH E 5 .   ? -7.831  -5.448  0.058   1.00 32.41 ? 167 HOH A O   1 
HETATM 1251 O O   . HOH E 5 .   ? 0.089   13.401  4.815   1.00 27.93 ? 168 HOH A O   1 
HETATM 1252 O O   . HOH E 5 .   ? 7.596   -9.062  -6.166  1.00 38.38 ? 169 HOH A O   1 
HETATM 1253 O O   . HOH E 5 .   ? -2.735  -16.383 8.389   1.00 33.53 ? 170 HOH A O   1 
HETATM 1254 O O   . HOH E 5 .   ? 10.797  -1.971  -14.895 1.00 36.79 ? 171 HOH A O   1 
HETATM 1255 O O   . HOH E 5 .   ? 7.647   -2.868  -16.204 1.00 41.99 ? 172 HOH A O   1 
HETATM 1256 O O   . HOH E 5 .   ? -11.305 0.710   8.274   1.00 39.70 ? 173 HOH A O   1 
HETATM 1257 O O   . HOH E 5 .   ? 11.598  0.578   -8.426  1.00 30.07 ? 174 HOH A O   1 
HETATM 1258 O O   . HOH E 5 .   ? 6.976   -9.898  -1.115  1.00 32.36 ? 175 HOH A O   1 
HETATM 1259 O O   . HOH E 5 .   ? 0.241   3.529   -20.234 1.00 53.62 ? 176 HOH A O   1 
HETATM 1260 O O   . HOH E 5 .   ? 9.651   -7.787  -8.926  1.00 31.76 ? 177 HOH A O   1 
HETATM 1261 O O   . HOH E 5 .   ? -0.525  -12.113 10.660  1.00 38.67 ? 178 HOH A O   1 
HETATM 1262 O O   . HOH E 5 .   ? 9.246   -10.292 6.958   1.00 40.52 ? 179 HOH A O   1 
HETATM 1263 O O   . HOH E 5 .   ? 10.546  -9.162  4.979   1.00 39.59 ? 180 HOH A O   1 
HETATM 1264 O O   . HOH E 5 .   ? 13.289  -11.892 -5.677  1.00 42.42 ? 181 HOH A O   1 
HETATM 1265 O O   . HOH E 5 .   ? -6.334  -5.973  -17.211 1.00 64.79 ? 182 HOH A O   1 
HETATM 1266 O O   . HOH E 5 .   ? -8.580  -11.188 1.556   1.00 38.15 ? 183 HOH A O   1 
HETATM 1267 O O   . HOH E 5 .   ? -13.368 10.947  0.663   1.00 45.51 ? 184 HOH A O   1 
HETATM 1268 O O   . HOH E 5 .   ? 9.293   19.247  2.202   1.00 70.18 ? 185 HOH A O   1 
HETATM 1269 O O   . HOH E 5 .   ? -13.730 2.809   15.291  1.00 48.69 ? 186 HOH A O   1 
HETATM 1270 O O   . HOH E 5 .   ? 9.828   -10.458 -8.423  1.00 33.40 ? 187 HOH A O   1 
HETATM 1271 O O   . HOH E 5 .   ? 1.193   17.700  10.696  1.00 39.75 ? 188 HOH A O   1 
HETATM 1272 O O   . HOH E 5 .   ? 5.197   12.797  5.510   1.00 43.42 ? 189 HOH A O   1 
HETATM 1273 O O   . HOH E 5 .   ? -8.320  -7.922  8.969   1.00 48.62 ? 190 HOH A O   1 
HETATM 1274 O O   . HOH E 5 .   ? -4.871  -11.301 -7.735  1.00 61.31 ? 191 HOH A O   1 
HETATM 1275 O O   . HOH E 5 .   ? -11.155 9.974   -7.797  1.00 56.58 ? 192 HOH A O   1 
HETATM 1276 O O   . HOH E 5 .   ? 0.986   -17.941 2.729   1.00 43.19 ? 193 HOH A O   1 
HETATM 1277 O O   . HOH E 5 .   ? 17.294  2.015   -17.528 1.00 49.72 ? 194 HOH A O   1 
HETATM 1278 O O   . HOH E 5 .   ? 9.492   -13.969 -9.031  1.00 43.39 ? 195 HOH A O   1 
HETATM 1279 O O   . HOH E 5 .   ? 14.364  -7.670  6.236   1.00 41.11 ? 196 HOH A O   1 
HETATM 1280 O O   . HOH E 5 .   ? -9.189  -7.332  -15.617 1.00 37.55 ? 197 HOH A O   1 
HETATM 1281 O O   . HOH E 5 .   ? 1.601   5.779   -20.712 1.00 45.61 ? 198 HOH A O   1 
HETATM 1282 O O   . HOH E 5 .   ? -12.658 10.218  -2.313  1.00 37.52 ? 199 HOH A O   1 
HETATM 1283 O O   . HOH E 5 .   ? -11.596 13.484  0.221   1.00 44.25 ? 200 HOH A O   1 
HETATM 1284 O O   . HOH E 5 .   ? -9.206  -4.668  9.853   1.00 44.32 ? 201 HOH A O   1 
HETATM 1285 O O   . HOH E 5 .   ? 8.409   -9.225  -11.092 1.00 37.72 ? 202 HOH A O   1 
HETATM 1286 O O   . HOH E 5 .   ? -11.211 -1.858  7.632   1.00 44.98 ? 203 HOH A O   1 
HETATM 1287 O O   . HOH E 5 .   ? -2.881  -7.394  16.733  1.00 59.20 ? 204 HOH A O   1 
HETATM 1288 O O   . HOH E 5 .   ? -10.313 10.422  6.126   1.00 55.30 ? 205 HOH A O   1 
HETATM 1289 O O   . HOH E 5 .   ? -11.894 8.568   8.202   1.00 57.01 ? 206 HOH A O   1 
HETATM 1290 O O   . HOH E 5 .   ? 1.904   1.664   -20.458 1.00 64.88 ? 207 HOH A O   1 
HETATM 1291 O O   . HOH E 5 .   ? -6.888  11.085  -4.700  1.00 40.95 ? 208 HOH A O   1 
HETATM 1292 O O   . HOH E 5 .   ? -1.266  -8.312  -17.539 1.00 59.00 ? 209 HOH A O   1 
HETATM 1293 O O   . HOH E 5 .   ? -4.479  -7.329  -14.798 1.00 50.07 ? 210 HOH A O   1 
HETATM 1294 O O   . HOH E 5 .   ? 7.569   19.436  4.707   1.00 58.52 ? 211 HOH A O   1 
HETATM 1295 O O   . HOH E 5 .   ? 11.371  18.337  -1.195  1.00 40.50 ? 212 HOH A O   1 
HETATM 1296 O O   . HOH E 5 .   ? -6.362  1.097   20.747  1.00 57.06 ? 213 HOH A O   1 
HETATM 1297 O O   . HOH E 5 .   ? -7.767  -7.715  1.423   1.00 34.42 ? 214 HOH A O   1 
# 
loop_
_pdbx_poly_seq_scheme.asym_id 
_pdbx_poly_seq_scheme.entity_id 
_pdbx_poly_seq_scheme.seq_id 
_pdbx_poly_seq_scheme.mon_id 
_pdbx_poly_seq_scheme.ndb_seq_num 
_pdbx_poly_seq_scheme.pdb_seq_num 
_pdbx_poly_seq_scheme.auth_seq_num 
_pdbx_poly_seq_scheme.pdb_mon_id 
_pdbx_poly_seq_scheme.auth_mon_id 
_pdbx_poly_seq_scheme.pdb_strand_id 
_pdbx_poly_seq_scheme.pdb_ins_code 
_pdbx_poly_seq_scheme.hetero 
A 1 1   GLN 1   1   1   GLN GLN A . n 
A 1 2   GLY 2   2   2   GLY GLY A . n 
A 1 3   VAL 3   3   3   VAL VAL A . n 
A 1 4   ASN 4   4   4   ASN ASN A . n 
A 1 5   ILE 5   5   5   ILE ILE A . n 
A 1 6   TYR 6   6   6   TYR TYR A . n 
A 1 7   ASN 7   7   7   ASN ASN A . n 
A 1 8   ILE 8   8   8   ILE ILE A . n 
A 1 9   SER 9   9   9   SER SER A . n 
A 1 10  ALA 10  10  10  ALA ALA A . n 
A 1 11  GLY 11  11  11  GLY GLY A . n 
A 1 12  THR 12  12  12  THR THR A . n 
A 1 13  SER 13  13  13  SER SER A . n 
A 1 14  VAL 14  14  14  VAL VAL A . n 
A 1 15  ASP 15  15  15  ASP ASP A . n 
A 1 16  LEU 16  16  16  LEU LEU A . n 
A 1 17  ALA 17  17  17  ALA ALA A . n 
A 1 18  ALA 18  18  18  ALA ALA A . n 
A 1 19  PRO 19  19  19  PRO PRO A . n 
A 1 20  VAL 20  20  20  VAL VAL A . n 
A 1 21  THR 21  21  21  THR THR A . n 
A 1 22  THR 22  22  22  THR THR A . n 
A 1 23  GLY 23  23  23  GLY GLY A . n 
A 1 24  ASP 24  24  24  ASP ASP A . n 
A 1 25  ILE 25  25  25  ILE ILE A . n 
A 1 26  VAL 26  26  26  VAL VAL A . n 
A 1 27  THR 27  27  27  THR THR A . n 
A 1 28  PHE 28  28  28  PHE PHE A . n 
A 1 29  PHE 29  29  29  PHE PHE A . n 
A 1 30  SER 30  30  30  SER SER A . n 
A 1 31  SER 31  31  31  SER SER A . n 
A 1 32  ALA 32  32  32  ALA ALA A . n 
A 1 33  LEU 33  33  33  LEU LEU A . n 
A 1 34  ASN 34  34  34  ASN ASN A . n 
A 1 35  LEU 35  35  35  LEU LEU A . n 
A 1 36  ASN 36  36  36  ASN ASN A . n 
A 1 37  ALA 37  37  37  ALA ALA A . n 
A 1 38  GLY 38  38  38  GLY GLY A . n 
A 1 39  ALA 39  39  39  ALA ALA A . n 
A 1 40  GLY 40  40  40  GLY GLY A . n 
A 1 41  ASN 41  41  41  ASN ASN A . n 
A 1 42  PRO 42  42  42  PRO PRO A . n 
A 1 43  ASN 43  43  43  ASN ASN A . n 
A 1 44  ASN 44  44  44  ASN ASN A . n 
A 1 45  THR 45  45  45  THR THR A . n 
A 1 46  THR 46  46  46  THR THR A . n 
A 1 47  LEU 47  47  47  LEU LEU A . n 
A 1 48  ASN 48  48  48  ASN ASN A . n 
A 1 49  LEU 49  49  49  LEU LEU A . n 
A 1 50  PHE 50  50  50  PHE PHE A . n 
A 1 51  ALA 51  51  51  ALA ALA A . n 
A 1 52  GLU 52  52  52  GLU GLU A . n 
A 1 53  ASN 53  53  53  ASN ASN A . n 
A 1 54  GLY 54  54  54  GLY GLY A . n 
A 1 55  ALA 55  55  55  ALA ALA A . n 
A 1 56  TYR 56  56  56  TYR TYR A . n 
A 1 57  LEU 57  57  57  LEU LEU A . n 
A 1 58  LEU 58  58  58  LEU LEU A . n 
A 1 59  HIS 59  59  59  HIS HIS A . n 
A 1 60  ILE 60  60  60  ILE ILE A . n 
A 1 61  ALA 61  61  61  ALA ALA A . n 
A 1 62  PHE 62  62  62  PHE PHE A . n 
A 1 63  ARG 63  63  63  ARG ARG A . n 
A 1 64  LEU 64  64  64  LEU LEU A . n 
A 1 65  GLN 65  65  65  GLN GLN A . n 
A 1 66  GLU 66  66  66  GLU GLU A . n 
A 1 67  ASN 67  67  67  ASN ASN A . n 
A 1 68  VAL 68  68  68  VAL VAL A . n 
A 1 69  ILE 69  69  69  ILE ILE A . n 
A 1 70  ILE 70  70  70  ILE ILE A . n 
A 1 71  PHE 71  71  71  PHE PHE A . n 
A 1 72  ASN 72  72  72  ASN ASN A . n 
A 1 73  SER 73  73  73  SER SER A . n 
A 1 74  ARG 74  74  74  ARG ARG A . n 
A 1 75  GLN 75  75  75  GLN GLN A . n 
A 1 76  PRO 76  76  76  PRO PRO A . n 
A 1 77  ASP 77  77  77  ASP ASP A . n 
A 1 78  GLY 78  78  78  GLY GLY A . n 
A 1 79  PRO 79  79  79  PRO PRO A . n 
A 1 80  TRP 80  80  80  TRP TRP A . n 
A 1 81  LEU 81  81  81  LEU LEU A . n 
A 1 82  VAL 82  82  82  VAL VAL A . n 
A 1 83  GLU 83  83  83  GLU GLU A . n 
A 1 84  GLN 84  84  84  GLN GLN A . n 
A 1 85  ALA 85  85  85  ALA ALA A . n 
A 1 86  VAL 86  86  86  VAL VAL A . n 
A 1 87  SER 87  87  87  SER SER A . n 
A 1 88  ASP 88  88  88  ASP ASP A . n 
A 1 89  VAL 89  89  89  VAL VAL A . n 
A 1 90  ALA 90  90  90  ALA ALA A . n 
A 1 91  ASN 91  91  91  ASN ASN A . n 
A 1 92  GLN 92  92  92  GLN GLN A . n 
A 1 93  PHE 93  93  93  PHE PHE A . n 
A 1 94  ALA 94  94  94  ALA ALA A . n 
A 1 95  GLY 95  95  95  GLY GLY A . n 
A 1 96  ILE 96  96  96  ILE ILE A . n 
A 1 97  ASP 97  97  97  ASP ASP A . n 
A 1 98  GLY 98  98  98  GLY GLY A . n 
A 1 99  LYS 99  99  99  LYS LYS A . n 
A 1 100 ALA 100 100 100 ALA ALA A . n 
A 1 101 MET 101 101 101 MET MET A . n 
A 1 102 VAL 102 102 102 VAL VAL A . n 
A 1 103 THR 103 103 103 THR THR A . n 
A 1 104 VAL 104 104 104 VAL VAL A . n 
A 1 105 PHE 105 105 105 PHE PHE A . n 
A 1 106 ASP 106 106 106 ASP ASP A . n 
A 1 107 HIS 107 107 107 HIS HIS A . n 
A 1 108 GLY 108 108 108 GLY GLY A . n 
A 1 109 ASP 109 109 109 ASP ASP A . n 
A 1 110 LYS 110 110 110 LYS LYS A . n 
A 1 111 TYR 111 111 111 TYR TYR A . n 
A 1 112 GLN 112 112 112 GLN GLN A . n 
A 1 113 VAL 113 113 113 VAL VAL A . n 
A 1 114 VAL 114 114 114 VAL VAL A . n 
A 1 115 ILE 115 115 115 ILE ILE A . n 
A 1 116 ASN 116 116 116 ASN ASN A . n 
A 1 117 GLU 117 117 117 GLU GLU A . n 
A 1 118 LYS 118 118 118 LYS LYS A . n 
A 1 119 THR 119 119 119 THR THR A . n 
A 1 120 VAL 120 120 120 VAL VAL A . n 
A 1 121 ILE 121 121 121 ILE ILE A . n 
A 1 122 GLN 122 122 122 GLN GLN A . n 
A 1 123 TYR 123 123 123 TYR TYR A . n 
A 1 124 THR 124 124 124 THR THR A . n 
A 1 125 LYS 125 125 125 LYS LYS A . n 
A 1 126 GLN 126 126 126 GLN GLN A . n 
A 1 127 ILE 127 127 127 ILE ILE A . n 
A 1 128 SER 128 128 128 SER SER A . n 
A 1 129 GLY 129 129 129 GLY GLY A . n 
A 1 130 LEU 130 130 130 LEU LEU A . n 
A 1 131 THR 131 131 131 THR THR A . n 
A 1 132 SER 132 132 132 SER SER A . n 
A 1 133 SER 133 133 133 SER SER A . n 
A 1 134 LEU 134 134 134 LEU LEU A . n 
A 1 135 SER 135 135 135 SER SER A . n 
A 1 136 TYR 136 136 136 TYR TYR A . n 
A 1 137 ASN 137 137 137 ASN ASN A . n 
A 1 138 ALA 138 138 138 ALA ALA A . n 
A 1 139 THR 139 139 139 THR THR A . n 
A 1 140 GLU 140 140 140 GLU GLU A . n 
A 1 141 GLU 141 141 141 GLU GLU A . n 
A 1 142 THR 142 142 142 THR THR A . n 
A 1 143 SER 143 143 143 SER SER A . n 
A 1 144 ILE 144 144 144 ILE ILE A . n 
A 1 145 PHE 145 145 145 PHE PHE A . n 
A 1 146 SER 146 146 146 SER SER A . n 
A 1 147 THR 147 147 147 THR THR A . n 
A 1 148 VAL 148 148 148 VAL VAL A . n 
A 1 149 VAL 149 149 149 VAL VAL A . n 
A 1 150 GLU 150 150 150 GLU GLU A . n 
A 1 151 ALA 151 151 151 ALA ALA A . n 
A 1 152 VAL 152 152 152 VAL VAL A . n 
A 1 153 THR 153 153 153 THR THR A . n 
A 1 154 TYR 154 154 154 TYR TYR A . n 
A 1 155 THR 155 155 155 THR THR A . n 
A 1 156 GLY 156 156 156 GLY GLY A . n 
A 1 157 LEU 157 157 157 LEU LEU A . n 
A 1 158 ALA 158 158 158 ALA ALA A . n 
# 
loop_
_pdbx_nonpoly_scheme.asym_id 
_pdbx_nonpoly_scheme.entity_id 
_pdbx_nonpoly_scheme.mon_id 
_pdbx_nonpoly_scheme.ndb_seq_num 
_pdbx_nonpoly_scheme.pdb_seq_num 
_pdbx_nonpoly_scheme.auth_seq_num 
_pdbx_nonpoly_scheme.pdb_mon_id 
_pdbx_nonpoly_scheme.auth_mon_id 
_pdbx_nonpoly_scheme.pdb_strand_id 
_pdbx_nonpoly_scheme.pdb_ins_code 
C 3 NPO 1  242 242 NPO NPO A . 
D 4 BTB 1  159 100 BTB BTB A . 
E 5 HOH 1  160 1   HOH HOH A . 
E 5 HOH 2  161 2   HOH HOH A . 
E 5 HOH 3  162 3   HOH HOH A . 
E 5 HOH 4  163 4   HOH HOH A . 
E 5 HOH 5  164 6   HOH HOH A . 
E 5 HOH 6  165 7   HOH HOH A . 
E 5 HOH 7  166 8   HOH HOH A . 
E 5 HOH 8  167 9   HOH HOH A . 
E 5 HOH 9  168 10  HOH HOH A . 
E 5 HOH 10 169 12  HOH HOH A . 
E 5 HOH 11 170 13  HOH HOH A . 
E 5 HOH 12 171 15  HOH HOH A . 
E 5 HOH 13 172 16  HOH HOH A . 
E 5 HOH 14 173 17  HOH HOH A . 
E 5 HOH 15 174 18  HOH HOH A . 
E 5 HOH 16 175 20  HOH HOH A . 
E 5 HOH 17 176 21  HOH HOH A . 
E 5 HOH 18 177 22  HOH HOH A . 
E 5 HOH 19 178 23  HOH HOH A . 
E 5 HOH 20 179 24  HOH HOH A . 
E 5 HOH 21 180 25  HOH HOH A . 
E 5 HOH 22 181 26  HOH HOH A . 
E 5 HOH 23 182 27  HOH HOH A . 
E 5 HOH 24 183 28  HOH HOH A . 
E 5 HOH 25 184 29  HOH HOH A . 
E 5 HOH 26 185 30  HOH HOH A . 
E 5 HOH 27 186 31  HOH HOH A . 
E 5 HOH 28 187 32  HOH HOH A . 
E 5 HOH 29 188 33  HOH HOH A . 
E 5 HOH 30 189 34  HOH HOH A . 
E 5 HOH 31 190 35  HOH HOH A . 
E 5 HOH 32 191 36  HOH HOH A . 
E 5 HOH 33 192 37  HOH HOH A . 
E 5 HOH 34 193 38  HOH HOH A . 
E 5 HOH 35 194 39  HOH HOH A . 
E 5 HOH 36 195 40  HOH HOH A . 
E 5 HOH 37 196 42  HOH HOH A . 
E 5 HOH 38 197 43  HOH HOH A . 
E 5 HOH 39 198 44  HOH HOH A . 
E 5 HOH 40 199 45  HOH HOH A . 
E 5 HOH 41 200 46  HOH HOH A . 
E 5 HOH 42 201 47  HOH HOH A . 
E 5 HOH 43 202 48  HOH HOH A . 
E 5 HOH 44 203 50  HOH HOH A . 
E 5 HOH 45 204 51  HOH HOH A . 
E 5 HOH 46 205 52  HOH HOH A . 
E 5 HOH 47 206 53  HOH HOH A . 
E 5 HOH 48 207 54  HOH HOH A . 
E 5 HOH 49 208 55  HOH HOH A . 
E 5 HOH 50 209 56  HOH HOH A . 
E 5 HOH 51 210 57  HOH HOH A . 
E 5 HOH 52 211 58  HOH HOH A . 
E 5 HOH 53 212 59  HOH HOH A . 
E 5 HOH 54 213 60  HOH HOH A . 
E 5 HOH 55 214 61  HOH HOH A . 
# 
_pdbx_molecule_features.prd_id    PRD_900084 
_pdbx_molecule_features.name      'Thomsen-Friedenreich antigen' 
_pdbx_molecule_features.type      Oligosaccharide 
_pdbx_molecule_features.class     Antigen 
_pdbx_molecule_features.details   oligosaccharide 
# 
_pdbx_molecule.instance_id   1 
_pdbx_molecule.prd_id        PRD_900084 
_pdbx_molecule.asym_id       B 
# 
_pdbx_struct_assembly.id                   1 
_pdbx_struct_assembly.details              author_and_software_defined_assembly 
_pdbx_struct_assembly.method_details       PISA 
_pdbx_struct_assembly.oligomeric_details   dimeric 
_pdbx_struct_assembly.oligomeric_count     2 
# 
_pdbx_struct_assembly_gen.assembly_id       1 
_pdbx_struct_assembly_gen.oper_expression   1,2 
_pdbx_struct_assembly_gen.asym_id_list      A,B,C,D,E 
# 
loop_
_pdbx_struct_assembly_prop.biol_id 
_pdbx_struct_assembly_prop.type 
_pdbx_struct_assembly_prop.value 
_pdbx_struct_assembly_prop.details 
1 'ABSA (A^2)' 1760  ? 
1 MORE         -12   ? 
1 'SSA (A^2)'  12620 ? 
# 
loop_
_pdbx_struct_oper_list.id 
_pdbx_struct_oper_list.type 
_pdbx_struct_oper_list.name 
_pdbx_struct_oper_list.symmetry_operation 
_pdbx_struct_oper_list.matrix[1][1] 
_pdbx_struct_oper_list.matrix[1][2] 
_pdbx_struct_oper_list.matrix[1][3] 
_pdbx_struct_oper_list.vector[1] 
_pdbx_struct_oper_list.matrix[2][1] 
_pdbx_struct_oper_list.matrix[2][2] 
_pdbx_struct_oper_list.matrix[2][3] 
_pdbx_struct_oper_list.vector[2] 
_pdbx_struct_oper_list.matrix[3][1] 
_pdbx_struct_oper_list.matrix[3][2] 
_pdbx_struct_oper_list.matrix[3][3] 
_pdbx_struct_oper_list.vector[3] 
1 'identity operation'         1_555 x,y,z         1.0000000000 0.0000000000  0.0000000000  0.0000000000 0.0000000000  1.0000000000  0.0000000000 0.0000000000  0.0000000000  0.0000000000 1.0000000000  0.0000000000   
2 'crystal symmetry operation' 5_555 x-y,-y,-z+1/3 0.2861450690 -0.8126695134 -0.5076310289 5.8790817311 -0.8126695134 -0.4865029195 0.3207540667 20.6941396191 -0.5076310289 0.3207540667 -0.7996421495 -18.2340004245 
# 
loop_
_pdbx_audit_revision_history.ordinal 
_pdbx_audit_revision_history.data_content_type 
_pdbx_audit_revision_history.major_revision 
_pdbx_audit_revision_history.minor_revision 
_pdbx_audit_revision_history.revision_date 
1 'Structure model' 1 0 2010-12-01 
2 'Structure model' 1 1 2011-07-13 
3 'Structure model' 2 0 2020-07-29 
4 'Structure model' 2 1 2023-11-01 
# 
loop_
_pdbx_audit_revision_details.ordinal 
_pdbx_audit_revision_details.revision_ordinal 
_pdbx_audit_revision_details.data_content_type 
_pdbx_audit_revision_details.provider 
_pdbx_audit_revision_details.type 
_pdbx_audit_revision_details.description 
_pdbx_audit_revision_details.details 
1 1 'Structure model' repository 'Initial release' ?                          ? 
2 3 'Structure model' repository Remediation       'Carbohydrate remediation' ? 
# 
loop_
_pdbx_audit_revision_group.ordinal 
_pdbx_audit_revision_group.revision_ordinal 
_pdbx_audit_revision_group.data_content_type 
_pdbx_audit_revision_group.group 
1  2 'Structure model' 'Version format compliance' 
2  3 'Structure model' 'Atomic model'              
3  3 'Structure model' 'Data collection'           
4  3 'Structure model' 'Database references'       
5  3 'Structure model' 'Derived calculations'      
6  3 'Structure model' 'Structure summary'         
7  4 'Structure model' 'Data collection'           
8  4 'Structure model' 'Database references'       
9  4 'Structure model' 'Refinement description'    
10 4 'Structure model' 'Structure summary'         
# 
loop_
_pdbx_audit_revision_category.ordinal 
_pdbx_audit_revision_category.revision_ordinal 
_pdbx_audit_revision_category.data_content_type 
_pdbx_audit_revision_category.category 
1  3 'Structure model' atom_site                     
2  3 'Structure model' chem_comp                     
3  3 'Structure model' entity                        
4  3 'Structure model' entity_name_com               
5  3 'Structure model' pdbx_branch_scheme            
6  3 'Structure model' pdbx_chem_comp_identifier     
7  3 'Structure model' pdbx_entity_branch            
8  3 'Structure model' pdbx_entity_branch_descriptor 
9  3 'Structure model' pdbx_entity_branch_link       
10 3 'Structure model' pdbx_entity_branch_list       
11 3 'Structure model' pdbx_entity_nonpoly           
12 3 'Structure model' pdbx_molecule_features        
13 3 'Structure model' pdbx_nonpoly_scheme           
14 3 'Structure model' pdbx_struct_assembly_gen      
15 3 'Structure model' struct_asym                   
16 3 'Structure model' struct_conn                   
17 3 'Structure model' struct_ref_seq_dif            
18 3 'Structure model' struct_site                   
19 3 'Structure model' struct_site_gen               
20 4 'Structure model' chem_comp                     
21 4 'Structure model' chem_comp_atom                
22 4 'Structure model' chem_comp_bond                
23 4 'Structure model' database_2                    
24 4 'Structure model' pdbx_initial_refinement_model 
# 
loop_
_pdbx_audit_revision_item.ordinal 
_pdbx_audit_revision_item.revision_ordinal 
_pdbx_audit_revision_item.data_content_type 
_pdbx_audit_revision_item.item 
1  3 'Structure model' '_atom_site.B_iso_or_equiv'              
2  3 'Structure model' '_atom_site.Cartn_x'                     
3  3 'Structure model' '_atom_site.Cartn_y'                     
4  3 'Structure model' '_atom_site.Cartn_z'                     
5  3 'Structure model' '_atom_site.auth_asym_id'                
6  3 'Structure model' '_atom_site.auth_atom_id'                
7  3 'Structure model' '_atom_site.auth_comp_id'                
8  3 'Structure model' '_atom_site.auth_seq_id'                 
9  3 'Structure model' '_atom_site.label_asym_id'               
10 3 'Structure model' '_atom_site.label_atom_id'               
11 3 'Structure model' '_atom_site.label_comp_id'               
12 3 'Structure model' '_atom_site.label_entity_id'             
13 3 'Structure model' '_atom_site.type_symbol'                 
14 3 'Structure model' '_chem_comp.name'                        
15 3 'Structure model' '_chem_comp.type'                        
16 3 'Structure model' '_pdbx_struct_assembly_gen.asym_id_list' 
17 3 'Structure model' '_struct_conn.pdbx_leaving_atom_flag'    
18 3 'Structure model' '_struct_conn.ptnr1_auth_asym_id'        
19 3 'Structure model' '_struct_conn.ptnr1_auth_comp_id'        
20 3 'Structure model' '_struct_conn.ptnr1_auth_seq_id'         
21 3 'Structure model' '_struct_conn.ptnr1_label_asym_id'       
22 3 'Structure model' '_struct_conn.ptnr1_label_atom_id'       
23 3 'Structure model' '_struct_conn.ptnr1_label_comp_id'       
24 3 'Structure model' '_struct_conn.ptnr2_auth_asym_id'        
25 3 'Structure model' '_struct_conn.ptnr2_auth_comp_id'        
26 3 'Structure model' '_struct_conn.ptnr2_auth_seq_id'         
27 3 'Structure model' '_struct_conn.ptnr2_label_asym_id'       
28 3 'Structure model' '_struct_conn.ptnr2_label_atom_id'       
29 3 'Structure model' '_struct_conn.ptnr2_label_comp_id'       
30 3 'Structure model' '_struct_ref_seq_dif.details'            
31 4 'Structure model' '_chem_comp.pdbx_synonyms'               
32 4 'Structure model' '_database_2.pdbx_DOI'                   
33 4 'Structure model' '_database_2.pdbx_database_accession'    
# 
loop_
_software.name 
_software.version 
_software.date 
_software.type 
_software.contact_author 
_software.contact_author_email 
_software.classification 
_software.location 
_software.language 
_software.citation_id 
_software.pdbx_ordinal 
SCALA        .     ?                    other   'Phil Evans'      pre@mrc-lmb.cam.ac.uk    'data processing' 
http://www.ccp4.ac.uk/dist/html/INDEX.html Fortran_77 ? 1 
CNS          .     ?                    package 'Axel T. Brunger' axel.brunger@yale.edu    refinement        
http://cns.csb.yale.edu/v1.1/              Fortran_77 ? 2 
PDB_EXTRACT  3.004 'September 10, 2007' package PDB               sw-help@rcsb.rutgers.edu 'data extraction' 
http://pdb.rutgers.edu/software/           C++        ? 3 
CrystalClear .     ?                    ?       ?                 ?                        'data collection' ? ?          ? 4 
MOSFLM       .     ?                    ?       ?                 ?                        'data reduction'  ? ?          ? 5 
SCALA        .     ?                    ?       ?                 ?                        'data scaling'    ? ?          ? 6 
PHASER       .     ?                    ?       ?                 ?                        phasing           ? ?          ? 7 
# 
_pdbx_entry_details.entry_id                 3M3O 
_pdbx_entry_details.nonpolymer_details       ? 
_pdbx_entry_details.sequence_details         'IT IS AN ALLELE GENE OF THE GENE IN THE GENBANK DATABASE.' 
_pdbx_entry_details.compound_details         ? 
_pdbx_entry_details.source_details           ? 
_pdbx_entry_details.has_ligand_of_interest   ? 
# 
_pdbx_validate_symm_contact.id                1 
_pdbx_validate_symm_contact.PDB_model_num     1 
_pdbx_validate_symm_contact.auth_atom_id_1    O 
_pdbx_validate_symm_contact.auth_asym_id_1    A 
_pdbx_validate_symm_contact.auth_comp_id_1    HOH 
_pdbx_validate_symm_contact.auth_seq_id_1     197 
_pdbx_validate_symm_contact.PDB_ins_code_1    ? 
_pdbx_validate_symm_contact.label_alt_id_1    ? 
_pdbx_validate_symm_contact.site_symmetry_1   1_555 
_pdbx_validate_symm_contact.auth_atom_id_2    O 
_pdbx_validate_symm_contact.auth_asym_id_2    A 
_pdbx_validate_symm_contact.auth_comp_id_2    HOH 
_pdbx_validate_symm_contact.auth_seq_id_2     197 
_pdbx_validate_symm_contact.PDB_ins_code_2    ? 
_pdbx_validate_symm_contact.label_alt_id_2    ? 
_pdbx_validate_symm_contact.site_symmetry_2   4_555 
_pdbx_validate_symm_contact.dist              1.65 
# 
loop_
_pdbx_validate_torsion.id 
_pdbx_validate_torsion.PDB_model_num 
_pdbx_validate_torsion.auth_comp_id 
_pdbx_validate_torsion.auth_asym_id 
_pdbx_validate_torsion.auth_seq_id 
_pdbx_validate_torsion.PDB_ins_code 
_pdbx_validate_torsion.label_alt_id 
_pdbx_validate_torsion.phi 
_pdbx_validate_torsion.psi 
1 1 LEU A 81  ? ? -87.94  -153.79 
2 1 ASP A 88  ? ? 76.16   91.33   
3 1 ASN A 116 ? ? 59.65   -109.28 
4 1 GLN A 122 ? ? -113.00 75.09   
5 1 ALA A 138 ? ? 176.55  167.27  
# 
loop_
_chem_comp_atom.comp_id 
_chem_comp_atom.atom_id 
_chem_comp_atom.type_symbol 
_chem_comp_atom.pdbx_aromatic_flag 
_chem_comp_atom.pdbx_stereo_config 
_chem_comp_atom.pdbx_ordinal 
A2G O5   O N N 1   
A2G C1   C N S 2   
A2G O1   O N N 3   
A2G C2   C N R 4   
A2G N2   N N N 5   
A2G C3   C N R 6   
A2G O3   O N N 7   
A2G C4   C N R 8   
A2G O4   O N N 9   
A2G C5   C N R 10  
A2G C6   C N N 11  
A2G O6   O N N 12  
A2G C7   C N N 13  
A2G O7   O N N 14  
A2G C8   C N N 15  
A2G H1   H N N 16  
A2G HO1  H N N 17  
A2G H2   H N N 18  
A2G HN2  H N N 19  
A2G H3   H N N 20  
A2G HO3  H N N 21  
A2G H4   H N N 22  
A2G HO4  H N N 23  
A2G H5   H N N 24  
A2G H61  H N N 25  
A2G H81  H N N 26  
A2G H82  H N N 27  
A2G H83  H N N 28  
A2G H62  H N N 29  
A2G HO6  H N N 30  
ALA N    N N N 31  
ALA CA   C N S 32  
ALA C    C N N 33  
ALA O    O N N 34  
ALA CB   C N N 35  
ALA OXT  O N N 36  
ALA H    H N N 37  
ALA H2   H N N 38  
ALA HA   H N N 39  
ALA HB1  H N N 40  
ALA HB2  H N N 41  
ALA HB3  H N N 42  
ALA HXT  H N N 43  
ARG N    N N N 44  
ARG CA   C N S 45  
ARG C    C N N 46  
ARG O    O N N 47  
ARG CB   C N N 48  
ARG CG   C N N 49  
ARG CD   C N N 50  
ARG NE   N N N 51  
ARG CZ   C N N 52  
ARG NH1  N N N 53  
ARG NH2  N N N 54  
ARG OXT  O N N 55  
ARG H    H N N 56  
ARG H2   H N N 57  
ARG HA   H N N 58  
ARG HB2  H N N 59  
ARG HB3  H N N 60  
ARG HG2  H N N 61  
ARG HG3  H N N 62  
ARG HD2  H N N 63  
ARG HD3  H N N 64  
ARG HE   H N N 65  
ARG HH11 H N N 66  
ARG HH12 H N N 67  
ARG HH21 H N N 68  
ARG HH22 H N N 69  
ARG HXT  H N N 70  
ASN N    N N N 71  
ASN CA   C N S 72  
ASN C    C N N 73  
ASN O    O N N 74  
ASN CB   C N N 75  
ASN CG   C N N 76  
ASN OD1  O N N 77  
ASN ND2  N N N 78  
ASN OXT  O N N 79  
ASN H    H N N 80  
ASN H2   H N N 81  
ASN HA   H N N 82  
ASN HB2  H N N 83  
ASN HB3  H N N 84  
ASN HD21 H N N 85  
ASN HD22 H N N 86  
ASN HXT  H N N 87  
ASP N    N N N 88  
ASP CA   C N S 89  
ASP C    C N N 90  
ASP O    O N N 91  
ASP CB   C N N 92  
ASP CG   C N N 93  
ASP OD1  O N N 94  
ASP OD2  O N N 95  
ASP OXT  O N N 96  
ASP H    H N N 97  
ASP H2   H N N 98  
ASP HA   H N N 99  
ASP HB2  H N N 100 
ASP HB3  H N N 101 
ASP HD2  H N N 102 
ASP HXT  H N N 103 
BTB C1   C N N 104 
BTB O1   O N N 105 
BTB C2   C N N 106 
BTB C3   C N N 107 
BTB O3   O N N 108 
BTB C4   C N N 109 
BTB O4   O N N 110 
BTB N    N N N 111 
BTB C5   C N N 112 
BTB C6   C N N 113 
BTB O6   O N N 114 
BTB C7   C N N 115 
BTB C8   C N N 116 
BTB O8   O N N 117 
BTB H11  H N N 118 
BTB H12  H N N 119 
BTB HO1  H N N 120 
BTB H31  H N N 121 
BTB H32  H N N 122 
BTB HO3  H N N 123 
BTB H41  H N N 124 
BTB H42  H N N 125 
BTB HO4  H N N 126 
BTB H51  H N N 127 
BTB H52  H N N 128 
BTB H61  H N N 129 
BTB H62  H N N 130 
BTB HO6  H N N 131 
BTB H71  H N N 132 
BTB H72  H N N 133 
BTB H81  H N N 134 
BTB H82  H N N 135 
BTB HO8  H N N 136 
GAL C1   C N R 137 
GAL C2   C N R 138 
GAL C3   C N S 139 
GAL C4   C N R 140 
GAL C5   C N R 141 
GAL C6   C N N 142 
GAL O1   O N N 143 
GAL O2   O N N 144 
GAL O3   O N N 145 
GAL O4   O N N 146 
GAL O5   O N N 147 
GAL O6   O N N 148 
GAL H1   H N N 149 
GAL H2   H N N 150 
GAL H3   H N N 151 
GAL H4   H N N 152 
GAL H5   H N N 153 
GAL H61  H N N 154 
GAL H62  H N N 155 
GAL HO1  H N N 156 
GAL HO2  H N N 157 
GAL HO3  H N N 158 
GAL HO4  H N N 159 
GAL HO6  H N N 160 
GLN N    N N N 161 
GLN CA   C N S 162 
GLN C    C N N 163 
GLN O    O N N 164 
GLN CB   C N N 165 
GLN CG   C N N 166 
GLN CD   C N N 167 
GLN OE1  O N N 168 
GLN NE2  N N N 169 
GLN OXT  O N N 170 
GLN H    H N N 171 
GLN H2   H N N 172 
GLN HA   H N N 173 
GLN HB2  H N N 174 
GLN HB3  H N N 175 
GLN HG2  H N N 176 
GLN HG3  H N N 177 
GLN HE21 H N N 178 
GLN HE22 H N N 179 
GLN HXT  H N N 180 
GLU N    N N N 181 
GLU CA   C N S 182 
GLU C    C N N 183 
GLU O    O N N 184 
GLU CB   C N N 185 
GLU CG   C N N 186 
GLU CD   C N N 187 
GLU OE1  O N N 188 
GLU OE2  O N N 189 
GLU OXT  O N N 190 
GLU H    H N N 191 
GLU H2   H N N 192 
GLU HA   H N N 193 
GLU HB2  H N N 194 
GLU HB3  H N N 195 
GLU HG2  H N N 196 
GLU HG3  H N N 197 
GLU HE2  H N N 198 
GLU HXT  H N N 199 
GLY N    N N N 200 
GLY CA   C N N 201 
GLY C    C N N 202 
GLY O    O N N 203 
GLY OXT  O N N 204 
GLY H    H N N 205 
GLY H2   H N N 206 
GLY HA2  H N N 207 
GLY HA3  H N N 208 
GLY HXT  H N N 209 
HIS N    N N N 210 
HIS CA   C N S 211 
HIS C    C N N 212 
HIS O    O N N 213 
HIS CB   C N N 214 
HIS CG   C Y N 215 
HIS ND1  N Y N 216 
HIS CD2  C Y N 217 
HIS CE1  C Y N 218 
HIS NE2  N Y N 219 
HIS OXT  O N N 220 
HIS H    H N N 221 
HIS H2   H N N 222 
HIS HA   H N N 223 
HIS HB2  H N N 224 
HIS HB3  H N N 225 
HIS HD1  H N N 226 
HIS HD2  H N N 227 
HIS HE1  H N N 228 
HIS HE2  H N N 229 
HIS HXT  H N N 230 
HOH O    O N N 231 
HOH H1   H N N 232 
HOH H2   H N N 233 
ILE N    N N N 234 
ILE CA   C N S 235 
ILE C    C N N 236 
ILE O    O N N 237 
ILE CB   C N S 238 
ILE CG1  C N N 239 
ILE CG2  C N N 240 
ILE CD1  C N N 241 
ILE OXT  O N N 242 
ILE H    H N N 243 
ILE H2   H N N 244 
ILE HA   H N N 245 
ILE HB   H N N 246 
ILE HG12 H N N 247 
ILE HG13 H N N 248 
ILE HG21 H N N 249 
ILE HG22 H N N 250 
ILE HG23 H N N 251 
ILE HD11 H N N 252 
ILE HD12 H N N 253 
ILE HD13 H N N 254 
ILE HXT  H N N 255 
LEU N    N N N 256 
LEU CA   C N S 257 
LEU C    C N N 258 
LEU O    O N N 259 
LEU CB   C N N 260 
LEU CG   C N N 261 
LEU CD1  C N N 262 
LEU CD2  C N N 263 
LEU OXT  O N N 264 
LEU H    H N N 265 
LEU H2   H N N 266 
LEU HA   H N N 267 
LEU HB2  H N N 268 
LEU HB3  H N N 269 
LEU HG   H N N 270 
LEU HD11 H N N 271 
LEU HD12 H N N 272 
LEU HD13 H N N 273 
LEU HD21 H N N 274 
LEU HD22 H N N 275 
LEU HD23 H N N 276 
LEU HXT  H N N 277 
LYS N    N N N 278 
LYS CA   C N S 279 
LYS C    C N N 280 
LYS O    O N N 281 
LYS CB   C N N 282 
LYS CG   C N N 283 
LYS CD   C N N 284 
LYS CE   C N N 285 
LYS NZ   N N N 286 
LYS OXT  O N N 287 
LYS H    H N N 288 
LYS H2   H N N 289 
LYS HA   H N N 290 
LYS HB2  H N N 291 
LYS HB3  H N N 292 
LYS HG2  H N N 293 
LYS HG3  H N N 294 
LYS HD2  H N N 295 
LYS HD3  H N N 296 
LYS HE2  H N N 297 
LYS HE3  H N N 298 
LYS HZ1  H N N 299 
LYS HZ2  H N N 300 
LYS HZ3  H N N 301 
LYS HXT  H N N 302 
MET N    N N N 303 
MET CA   C N S 304 
MET C    C N N 305 
MET O    O N N 306 
MET CB   C N N 307 
MET CG   C N N 308 
MET SD   S N N 309 
MET CE   C N N 310 
MET OXT  O N N 311 
MET H    H N N 312 
MET H2   H N N 313 
MET HA   H N N 314 
MET HB2  H N N 315 
MET HB3  H N N 316 
MET HG2  H N N 317 
MET HG3  H N N 318 
MET HE1  H N N 319 
MET HE2  H N N 320 
MET HE3  H N N 321 
MET HXT  H N N 322 
NPO C1   C Y N 323 
NPO C2   C Y N 324 
NPO C3   C Y N 325 
NPO C4   C Y N 326 
NPO C5   C Y N 327 
NPO C6   C Y N 328 
NPO OH   O N N 329 
NPO N1   N N N 330 
NPO O2   O N N 331 
NPO O3   O N N 332 
NPO H2   H N N 333 
NPO H3   H N N 334 
NPO H5   H N N 335 
NPO H6   H N N 336 
NPO HO   H N N 337 
PHE N    N N N 338 
PHE CA   C N S 339 
PHE C    C N N 340 
PHE O    O N N 341 
PHE CB   C N N 342 
PHE CG   C Y N 343 
PHE CD1  C Y N 344 
PHE CD2  C Y N 345 
PHE CE1  C Y N 346 
PHE CE2  C Y N 347 
PHE CZ   C Y N 348 
PHE OXT  O N N 349 
PHE H    H N N 350 
PHE H2   H N N 351 
PHE HA   H N N 352 
PHE HB2  H N N 353 
PHE HB3  H N N 354 
PHE HD1  H N N 355 
PHE HD2  H N N 356 
PHE HE1  H N N 357 
PHE HE2  H N N 358 
PHE HZ   H N N 359 
PHE HXT  H N N 360 
PRO N    N N N 361 
PRO CA   C N S 362 
PRO C    C N N 363 
PRO O    O N N 364 
PRO CB   C N N 365 
PRO CG   C N N 366 
PRO CD   C N N 367 
PRO OXT  O N N 368 
PRO H    H N N 369 
PRO HA   H N N 370 
PRO HB2  H N N 371 
PRO HB3  H N N 372 
PRO HG2  H N N 373 
PRO HG3  H N N 374 
PRO HD2  H N N 375 
PRO HD3  H N N 376 
PRO HXT  H N N 377 
SER N    N N N 378 
SER CA   C N S 379 
SER C    C N N 380 
SER O    O N N 381 
SER CB   C N N 382 
SER OG   O N N 383 
SER OXT  O N N 384 
SER H    H N N 385 
SER H2   H N N 386 
SER HA   H N N 387 
SER HB2  H N N 388 
SER HB3  H N N 389 
SER HG   H N N 390 
SER HXT  H N N 391 
THR N    N N N 392 
THR CA   C N S 393 
THR C    C N N 394 
THR O    O N N 395 
THR CB   C N R 396 
THR OG1  O N N 397 
THR CG2  C N N 398 
THR OXT  O N N 399 
THR H    H N N 400 
THR H2   H N N 401 
THR HA   H N N 402 
THR HB   H N N 403 
THR HG1  H N N 404 
THR HG21 H N N 405 
THR HG22 H N N 406 
THR HG23 H N N 407 
THR HXT  H N N 408 
TRP N    N N N 409 
TRP CA   C N S 410 
TRP C    C N N 411 
TRP O    O N N 412 
TRP CB   C N N 413 
TRP CG   C Y N 414 
TRP CD1  C Y N 415 
TRP CD2  C Y N 416 
TRP NE1  N Y N 417 
TRP CE2  C Y N 418 
TRP CE3  C Y N 419 
TRP CZ2  C Y N 420 
TRP CZ3  C Y N 421 
TRP CH2  C Y N 422 
TRP OXT  O N N 423 
TRP H    H N N 424 
TRP H2   H N N 425 
TRP HA   H N N 426 
TRP HB2  H N N 427 
TRP HB3  H N N 428 
TRP HD1  H N N 429 
TRP HE1  H N N 430 
TRP HE3  H N N 431 
TRP HZ2  H N N 432 
TRP HZ3  H N N 433 
TRP HH2  H N N 434 
TRP HXT  H N N 435 
TYR N    N N N 436 
TYR CA   C N S 437 
TYR C    C N N 438 
TYR O    O N N 439 
TYR CB   C N N 440 
TYR CG   C Y N 441 
TYR CD1  C Y N 442 
TYR CD2  C Y N 443 
TYR CE1  C Y N 444 
TYR CE2  C Y N 445 
TYR CZ   C Y N 446 
TYR OH   O N N 447 
TYR OXT  O N N 448 
TYR H    H N N 449 
TYR H2   H N N 450 
TYR HA   H N N 451 
TYR HB2  H N N 452 
TYR HB3  H N N 453 
TYR HD1  H N N 454 
TYR HD2  H N N 455 
TYR HE1  H N N 456 
TYR HE2  H N N 457 
TYR HH   H N N 458 
TYR HXT  H N N 459 
VAL N    N N N 460 
VAL CA   C N S 461 
VAL C    C N N 462 
VAL O    O N N 463 
VAL CB   C N N 464 
VAL CG1  C N N 465 
VAL CG2  C N N 466 
VAL OXT  O N N 467 
VAL H    H N N 468 
VAL H2   H N N 469 
VAL HA   H N N 470 
VAL HB   H N N 471 
VAL HG11 H N N 472 
VAL HG12 H N N 473 
VAL HG13 H N N 474 
VAL HG21 H N N 475 
VAL HG22 H N N 476 
VAL HG23 H N N 477 
VAL HXT  H N N 478 
# 
loop_
_chem_comp_bond.comp_id 
_chem_comp_bond.atom_id_1 
_chem_comp_bond.atom_id_2 
_chem_comp_bond.value_order 
_chem_comp_bond.pdbx_aromatic_flag 
_chem_comp_bond.pdbx_stereo_config 
_chem_comp_bond.pdbx_ordinal 
A2G O5  C5   sing N N 1   
A2G C1  O5   sing N N 2   
A2G C1  C2   sing N N 3   
A2G C1  H1   sing N N 4   
A2G O1  C1   sing N N 5   
A2G O1  HO1  sing N N 6   
A2G C2  C3   sing N N 7   
A2G C2  H2   sing N N 8   
A2G N2  C2   sing N N 9   
A2G N2  HN2  sing N N 10  
A2G C3  C4   sing N N 11  
A2G C3  O3   sing N N 12  
A2G C3  H3   sing N N 13  
A2G O3  HO3  sing N N 14  
A2G C4  O4   sing N N 15  
A2G C4  H4   sing N N 16  
A2G O4  HO4  sing N N 17  
A2G C5  C4   sing N N 18  
A2G C5  C6   sing N N 19  
A2G C5  H5   sing N N 20  
A2G C6  O6   sing N N 21  
A2G C6  H61  sing N N 22  
A2G C7  N2   sing N N 23  
A2G O7  C7   doub N N 24  
A2G C8  C7   sing N N 25  
A2G C8  H81  sing N N 26  
A2G C8  H82  sing N N 27  
A2G C8  H83  sing N N 28  
A2G C6  H62  sing N N 29  
A2G O6  HO6  sing N N 30  
ALA N   CA   sing N N 31  
ALA N   H    sing N N 32  
ALA N   H2   sing N N 33  
ALA CA  C    sing N N 34  
ALA CA  CB   sing N N 35  
ALA CA  HA   sing N N 36  
ALA C   O    doub N N 37  
ALA C   OXT  sing N N 38  
ALA CB  HB1  sing N N 39  
ALA CB  HB2  sing N N 40  
ALA CB  HB3  sing N N 41  
ALA OXT HXT  sing N N 42  
ARG N   CA   sing N N 43  
ARG N   H    sing N N 44  
ARG N   H2   sing N N 45  
ARG CA  C    sing N N 46  
ARG CA  CB   sing N N 47  
ARG CA  HA   sing N N 48  
ARG C   O    doub N N 49  
ARG C   OXT  sing N N 50  
ARG CB  CG   sing N N 51  
ARG CB  HB2  sing N N 52  
ARG CB  HB3  sing N N 53  
ARG CG  CD   sing N N 54  
ARG CG  HG2  sing N N 55  
ARG CG  HG3  sing N N 56  
ARG CD  NE   sing N N 57  
ARG CD  HD2  sing N N 58  
ARG CD  HD3  sing N N 59  
ARG NE  CZ   sing N N 60  
ARG NE  HE   sing N N 61  
ARG CZ  NH1  sing N N 62  
ARG CZ  NH2  doub N N 63  
ARG NH1 HH11 sing N N 64  
ARG NH1 HH12 sing N N 65  
ARG NH2 HH21 sing N N 66  
ARG NH2 HH22 sing N N 67  
ARG OXT HXT  sing N N 68  
ASN N   CA   sing N N 69  
ASN N   H    sing N N 70  
ASN N   H2   sing N N 71  
ASN CA  C    sing N N 72  
ASN CA  CB   sing N N 73  
ASN CA  HA   sing N N 74  
ASN C   O    doub N N 75  
ASN C   OXT  sing N N 76  
ASN CB  CG   sing N N 77  
ASN CB  HB2  sing N N 78  
ASN CB  HB3  sing N N 79  
ASN CG  OD1  doub N N 80  
ASN CG  ND2  sing N N 81  
ASN ND2 HD21 sing N N 82  
ASN ND2 HD22 sing N N 83  
ASN OXT HXT  sing N N 84  
ASP N   CA   sing N N 85  
ASP N   H    sing N N 86  
ASP N   H2   sing N N 87  
ASP CA  C    sing N N 88  
ASP CA  CB   sing N N 89  
ASP CA  HA   sing N N 90  
ASP C   O    doub N N 91  
ASP C   OXT  sing N N 92  
ASP CB  CG   sing N N 93  
ASP CB  HB2  sing N N 94  
ASP CB  HB3  sing N N 95  
ASP CG  OD1  doub N N 96  
ASP CG  OD2  sing N N 97  
ASP OD2 HD2  sing N N 98  
ASP OXT HXT  sing N N 99  
BTB C1  O1   sing N N 100 
BTB C1  C2   sing N N 101 
BTB C1  H11  sing N N 102 
BTB C1  H12  sing N N 103 
BTB O1  HO1  sing N N 104 
BTB C2  C3   sing N N 105 
BTB C2  C4   sing N N 106 
BTB C2  N    sing N N 107 
BTB C3  O3   sing N N 108 
BTB C3  H31  sing N N 109 
BTB C3  H32  sing N N 110 
BTB O3  HO3  sing N N 111 
BTB C4  O4   sing N N 112 
BTB C4  H41  sing N N 113 
BTB C4  H42  sing N N 114 
BTB O4  HO4  sing N N 115 
BTB N   C5   sing N N 116 
BTB N   C7   sing N N 117 
BTB C5  C6   sing N N 118 
BTB C5  H51  sing N N 119 
BTB C5  H52  sing N N 120 
BTB C6  O6   sing N N 121 
BTB C6  H61  sing N N 122 
BTB C6  H62  sing N N 123 
BTB O6  HO6  sing N N 124 
BTB C7  C8   sing N N 125 
BTB C7  H71  sing N N 126 
BTB C7  H72  sing N N 127 
BTB C8  O8   sing N N 128 
BTB C8  H81  sing N N 129 
BTB C8  H82  sing N N 130 
BTB O8  HO8  sing N N 131 
GAL C1  C2   sing N N 132 
GAL C1  O1   sing N N 133 
GAL C1  O5   sing N N 134 
GAL C1  H1   sing N N 135 
GAL C2  C3   sing N N 136 
GAL C2  O2   sing N N 137 
GAL C2  H2   sing N N 138 
GAL C3  C4   sing N N 139 
GAL C3  O3   sing N N 140 
GAL C3  H3   sing N N 141 
GAL C4  C5   sing N N 142 
GAL C4  O4   sing N N 143 
GAL C4  H4   sing N N 144 
GAL C5  C6   sing N N 145 
GAL C5  O5   sing N N 146 
GAL C5  H5   sing N N 147 
GAL C6  O6   sing N N 148 
GAL C6  H61  sing N N 149 
GAL C6  H62  sing N N 150 
GAL O1  HO1  sing N N 151 
GAL O2  HO2  sing N N 152 
GAL O3  HO3  sing N N 153 
GAL O4  HO4  sing N N 154 
GAL O6  HO6  sing N N 155 
GLN N   CA   sing N N 156 
GLN N   H    sing N N 157 
GLN N   H2   sing N N 158 
GLN CA  C    sing N N 159 
GLN CA  CB   sing N N 160 
GLN CA  HA   sing N N 161 
GLN C   O    doub N N 162 
GLN C   OXT  sing N N 163 
GLN CB  CG   sing N N 164 
GLN CB  HB2  sing N N 165 
GLN CB  HB3  sing N N 166 
GLN CG  CD   sing N N 167 
GLN CG  HG2  sing N N 168 
GLN CG  HG3  sing N N 169 
GLN CD  OE1  doub N N 170 
GLN CD  NE2  sing N N 171 
GLN NE2 HE21 sing N N 172 
GLN NE2 HE22 sing N N 173 
GLN OXT HXT  sing N N 174 
GLU N   CA   sing N N 175 
GLU N   H    sing N N 176 
GLU N   H2   sing N N 177 
GLU CA  C    sing N N 178 
GLU CA  CB   sing N N 179 
GLU CA  HA   sing N N 180 
GLU C   O    doub N N 181 
GLU C   OXT  sing N N 182 
GLU CB  CG   sing N N 183 
GLU CB  HB2  sing N N 184 
GLU CB  HB3  sing N N 185 
GLU CG  CD   sing N N 186 
GLU CG  HG2  sing N N 187 
GLU CG  HG3  sing N N 188 
GLU CD  OE1  doub N N 189 
GLU CD  OE2  sing N N 190 
GLU OE2 HE2  sing N N 191 
GLU OXT HXT  sing N N 192 
GLY N   CA   sing N N 193 
GLY N   H    sing N N 194 
GLY N   H2   sing N N 195 
GLY CA  C    sing N N 196 
GLY CA  HA2  sing N N 197 
GLY CA  HA3  sing N N 198 
GLY C   O    doub N N 199 
GLY C   OXT  sing N N 200 
GLY OXT HXT  sing N N 201 
HIS N   CA   sing N N 202 
HIS N   H    sing N N 203 
HIS N   H2   sing N N 204 
HIS CA  C    sing N N 205 
HIS CA  CB   sing N N 206 
HIS CA  HA   sing N N 207 
HIS C   O    doub N N 208 
HIS C   OXT  sing N N 209 
HIS CB  CG   sing N N 210 
HIS CB  HB2  sing N N 211 
HIS CB  HB3  sing N N 212 
HIS CG  ND1  sing Y N 213 
HIS CG  CD2  doub Y N 214 
HIS ND1 CE1  doub Y N 215 
HIS ND1 HD1  sing N N 216 
HIS CD2 NE2  sing Y N 217 
HIS CD2 HD2  sing N N 218 
HIS CE1 NE2  sing Y N 219 
HIS CE1 HE1  sing N N 220 
HIS NE2 HE2  sing N N 221 
HIS OXT HXT  sing N N 222 
HOH O   H1   sing N N 223 
HOH O   H2   sing N N 224 
ILE N   CA   sing N N 225 
ILE N   H    sing N N 226 
ILE N   H2   sing N N 227 
ILE CA  C    sing N N 228 
ILE CA  CB   sing N N 229 
ILE CA  HA   sing N N 230 
ILE C   O    doub N N 231 
ILE C   OXT  sing N N 232 
ILE CB  CG1  sing N N 233 
ILE CB  CG2  sing N N 234 
ILE CB  HB   sing N N 235 
ILE CG1 CD1  sing N N 236 
ILE CG1 HG12 sing N N 237 
ILE CG1 HG13 sing N N 238 
ILE CG2 HG21 sing N N 239 
ILE CG2 HG22 sing N N 240 
ILE CG2 HG23 sing N N 241 
ILE CD1 HD11 sing N N 242 
ILE CD1 HD12 sing N N 243 
ILE CD1 HD13 sing N N 244 
ILE OXT HXT  sing N N 245 
LEU N   CA   sing N N 246 
LEU N   H    sing N N 247 
LEU N   H2   sing N N 248 
LEU CA  C    sing N N 249 
LEU CA  CB   sing N N 250 
LEU CA  HA   sing N N 251 
LEU C   O    doub N N 252 
LEU C   OXT  sing N N 253 
LEU CB  CG   sing N N 254 
LEU CB  HB2  sing N N 255 
LEU CB  HB3  sing N N 256 
LEU CG  CD1  sing N N 257 
LEU CG  CD2  sing N N 258 
LEU CG  HG   sing N N 259 
LEU CD1 HD11 sing N N 260 
LEU CD1 HD12 sing N N 261 
LEU CD1 HD13 sing N N 262 
LEU CD2 HD21 sing N N 263 
LEU CD2 HD22 sing N N 264 
LEU CD2 HD23 sing N N 265 
LEU OXT HXT  sing N N 266 
LYS N   CA   sing N N 267 
LYS N   H    sing N N 268 
LYS N   H2   sing N N 269 
LYS CA  C    sing N N 270 
LYS CA  CB   sing N N 271 
LYS CA  HA   sing N N 272 
LYS C   O    doub N N 273 
LYS C   OXT  sing N N 274 
LYS CB  CG   sing N N 275 
LYS CB  HB2  sing N N 276 
LYS CB  HB3  sing N N 277 
LYS CG  CD   sing N N 278 
LYS CG  HG2  sing N N 279 
LYS CG  HG3  sing N N 280 
LYS CD  CE   sing N N 281 
LYS CD  HD2  sing N N 282 
LYS CD  HD3  sing N N 283 
LYS CE  NZ   sing N N 284 
LYS CE  HE2  sing N N 285 
LYS CE  HE3  sing N N 286 
LYS NZ  HZ1  sing N N 287 
LYS NZ  HZ2  sing N N 288 
LYS NZ  HZ3  sing N N 289 
LYS OXT HXT  sing N N 290 
MET N   CA   sing N N 291 
MET N   H    sing N N 292 
MET N   H2   sing N N 293 
MET CA  C    sing N N 294 
MET CA  CB   sing N N 295 
MET CA  HA   sing N N 296 
MET C   O    doub N N 297 
MET C   OXT  sing N N 298 
MET CB  CG   sing N N 299 
MET CB  HB2  sing N N 300 
MET CB  HB3  sing N N 301 
MET CG  SD   sing N N 302 
MET CG  HG2  sing N N 303 
MET CG  HG3  sing N N 304 
MET SD  CE   sing N N 305 
MET CE  HE1  sing N N 306 
MET CE  HE2  sing N N 307 
MET CE  HE3  sing N N 308 
MET OXT HXT  sing N N 309 
NPO C1  C2   doub Y N 310 
NPO C1  C6   sing Y N 311 
NPO C1  N1   sing N N 312 
NPO C2  C3   sing Y N 313 
NPO C2  H2   sing N N 314 
NPO C3  C4   doub Y N 315 
NPO C3  H3   sing N N 316 
NPO C4  C5   sing Y N 317 
NPO C4  OH   sing N N 318 
NPO C5  C6   doub Y N 319 
NPO C5  H5   sing N N 320 
NPO C6  H6   sing N N 321 
NPO OH  HO   sing N N 322 
NPO N1  O2   sing N N 323 
NPO N1  O3   doub N N 324 
PHE N   CA   sing N N 325 
PHE N   H    sing N N 326 
PHE N   H2   sing N N 327 
PHE CA  C    sing N N 328 
PHE CA  CB   sing N N 329 
PHE CA  HA   sing N N 330 
PHE C   O    doub N N 331 
PHE C   OXT  sing N N 332 
PHE CB  CG   sing N N 333 
PHE CB  HB2  sing N N 334 
PHE CB  HB3  sing N N 335 
PHE CG  CD1  doub Y N 336 
PHE CG  CD2  sing Y N 337 
PHE CD1 CE1  sing Y N 338 
PHE CD1 HD1  sing N N 339 
PHE CD2 CE2  doub Y N 340 
PHE CD2 HD2  sing N N 341 
PHE CE1 CZ   doub Y N 342 
PHE CE1 HE1  sing N N 343 
PHE CE2 CZ   sing Y N 344 
PHE CE2 HE2  sing N N 345 
PHE CZ  HZ   sing N N 346 
PHE OXT HXT  sing N N 347 
PRO N   CA   sing N N 348 
PRO N   CD   sing N N 349 
PRO N   H    sing N N 350 
PRO CA  C    sing N N 351 
PRO CA  CB   sing N N 352 
PRO CA  HA   sing N N 353 
PRO C   O    doub N N 354 
PRO C   OXT  sing N N 355 
PRO CB  CG   sing N N 356 
PRO CB  HB2  sing N N 357 
PRO CB  HB3  sing N N 358 
PRO CG  CD   sing N N 359 
PRO CG  HG2  sing N N 360 
PRO CG  HG3  sing N N 361 
PRO CD  HD2  sing N N 362 
PRO CD  HD3  sing N N 363 
PRO OXT HXT  sing N N 364 
SER N   CA   sing N N 365 
SER N   H    sing N N 366 
SER N   H2   sing N N 367 
SER CA  C    sing N N 368 
SER CA  CB   sing N N 369 
SER CA  HA   sing N N 370 
SER C   O    doub N N 371 
SER C   OXT  sing N N 372 
SER CB  OG   sing N N 373 
SER CB  HB2  sing N N 374 
SER CB  HB3  sing N N 375 
SER OG  HG   sing N N 376 
SER OXT HXT  sing N N 377 
THR N   CA   sing N N 378 
THR N   H    sing N N 379 
THR N   H2   sing N N 380 
THR CA  C    sing N N 381 
THR CA  CB   sing N N 382 
THR CA  HA   sing N N 383 
THR C   O    doub N N 384 
THR C   OXT  sing N N 385 
THR CB  OG1  sing N N 386 
THR CB  CG2  sing N N 387 
THR CB  HB   sing N N 388 
THR OG1 HG1  sing N N 389 
THR CG2 HG21 sing N N 390 
THR CG2 HG22 sing N N 391 
THR CG2 HG23 sing N N 392 
THR OXT HXT  sing N N 393 
TRP N   CA   sing N N 394 
TRP N   H    sing N N 395 
TRP N   H2   sing N N 396 
TRP CA  C    sing N N 397 
TRP CA  CB   sing N N 398 
TRP CA  HA   sing N N 399 
TRP C   O    doub N N 400 
TRP C   OXT  sing N N 401 
TRP CB  CG   sing N N 402 
TRP CB  HB2  sing N N 403 
TRP CB  HB3  sing N N 404 
TRP CG  CD1  doub Y N 405 
TRP CG  CD2  sing Y N 406 
TRP CD1 NE1  sing Y N 407 
TRP CD1 HD1  sing N N 408 
TRP CD2 CE2  doub Y N 409 
TRP CD2 CE3  sing Y N 410 
TRP NE1 CE2  sing Y N 411 
TRP NE1 HE1  sing N N 412 
TRP CE2 CZ2  sing Y N 413 
TRP CE3 CZ3  doub Y N 414 
TRP CE3 HE3  sing N N 415 
TRP CZ2 CH2  doub Y N 416 
TRP CZ2 HZ2  sing N N 417 
TRP CZ3 CH2  sing Y N 418 
TRP CZ3 HZ3  sing N N 419 
TRP CH2 HH2  sing N N 420 
TRP OXT HXT  sing N N 421 
TYR N   CA   sing N N 422 
TYR N   H    sing N N 423 
TYR N   H2   sing N N 424 
TYR CA  C    sing N N 425 
TYR CA  CB   sing N N 426 
TYR CA  HA   sing N N 427 
TYR C   O    doub N N 428 
TYR C   OXT  sing N N 429 
TYR CB  CG   sing N N 430 
TYR CB  HB2  sing N N 431 
TYR CB  HB3  sing N N 432 
TYR CG  CD1  doub Y N 433 
TYR CG  CD2  sing Y N 434 
TYR CD1 CE1  sing Y N 435 
TYR CD1 HD1  sing N N 436 
TYR CD2 CE2  doub Y N 437 
TYR CD2 HD2  sing N N 438 
TYR CE1 CZ   doub Y N 439 
TYR CE1 HE1  sing N N 440 
TYR CE2 CZ   sing Y N 441 
TYR CE2 HE2  sing N N 442 
TYR CZ  OH   sing N N 443 
TYR OH  HH   sing N N 444 
TYR OXT HXT  sing N N 445 
VAL N   CA   sing N N 446 
VAL N   H    sing N N 447 
VAL N   H2   sing N N 448 
VAL CA  C    sing N N 449 
VAL CA  CB   sing N N 450 
VAL CA  HA   sing N N 451 
VAL C   O    doub N N 452 
VAL C   OXT  sing N N 453 
VAL CB  CG1  sing N N 454 
VAL CB  CG2  sing N N 455 
VAL CB  HB   sing N N 456 
VAL CG1 HG11 sing N N 457 
VAL CG1 HG12 sing N N 458 
VAL CG1 HG13 sing N N 459 
VAL CG2 HG21 sing N N 460 
VAL CG2 HG22 sing N N 461 
VAL CG2 HG23 sing N N 462 
VAL OXT HXT  sing N N 463 
# 
loop_
_pdbx_branch_scheme.asym_id 
_pdbx_branch_scheme.entity_id 
_pdbx_branch_scheme.mon_id 
_pdbx_branch_scheme.num 
_pdbx_branch_scheme.pdb_asym_id 
_pdbx_branch_scheme.pdb_mon_id 
_pdbx_branch_scheme.pdb_seq_num 
_pdbx_branch_scheme.auth_asym_id 
_pdbx_branch_scheme.auth_mon_id 
_pdbx_branch_scheme.auth_seq_num 
_pdbx_branch_scheme.hetero 
B 2 A2G 1 B A2G 1 C A2G 241 n 
B 2 GAL 2 B GAL 2 C GAL 240 n 
# 
loop_
_pdbx_chem_comp_identifier.comp_id 
_pdbx_chem_comp_identifier.type 
_pdbx_chem_comp_identifier.program 
_pdbx_chem_comp_identifier.program_version 
_pdbx_chem_comp_identifier.identifier 
A2G 'CONDENSED IUPAC CARBOHYDRATE SYMBOL' GMML     1.0 DGalpNAca                        
A2G 'COMMON NAME'                         GMML     1.0 N-acetyl-a-D-galactopyranosamine 
A2G 'IUPAC CARBOHYDRATE SYMBOL'           PDB-CARE 1.0 a-D-GalpNAc                      
A2G 'SNFG CARBOHYDRATE SYMBOL'            GMML     1.0 GalNAc                           
GAL 'CONDENSED IUPAC CARBOHYDRATE SYMBOL' GMML     1.0 DGalpb                           
GAL 'COMMON NAME'                         GMML     1.0 b-D-galactopyranose              
GAL 'IUPAC CARBOHYDRATE SYMBOL'           PDB-CARE 1.0 b-D-Galp                         
GAL 'SNFG CARBOHYDRATE SYMBOL'            GMML     1.0 Gal                              
# 
_pdbx_entity_branch.entity_id   2 
_pdbx_entity_branch.type        oligosaccharide 
# 
loop_
_pdbx_entity_branch_descriptor.ordinal 
_pdbx_entity_branch_descriptor.entity_id 
_pdbx_entity_branch_descriptor.descriptor 
_pdbx_entity_branch_descriptor.type 
_pdbx_entity_branch_descriptor.program 
_pdbx_entity_branch_descriptor.program_version 
1 2 DGalpb1-3DGalpNAca1-ROH                                              'Glycam Condensed Sequence' GMML       1.0   
2 2 'WURCS=2.0/2,2,1/[a2112h-1a_1-5_2*NCC/3=O][a2112h-1b_1-5]/1-2/a3-b1' WURCS                       PDB2Glycan 1.1.0 
3 2 '[][D-1-deoxy-GalpNAc]{[(3+1)][b-D-Galp]{}}'                         LINUCS                      PDB-CARE   ?     
# 
_pdbx_entity_branch_link.link_id                    1 
_pdbx_entity_branch_link.entity_id                  2 
_pdbx_entity_branch_link.entity_branch_list_num_1   2 
_pdbx_entity_branch_link.comp_id_1                  GAL 
_pdbx_entity_branch_link.atom_id_1                  C1 
_pdbx_entity_branch_link.leaving_atom_id_1          O1 
_pdbx_entity_branch_link.entity_branch_list_num_2   1 
_pdbx_entity_branch_link.comp_id_2                  A2G 
_pdbx_entity_branch_link.atom_id_2                  O3 
_pdbx_entity_branch_link.leaving_atom_id_2          HO3 
_pdbx_entity_branch_link.value_order                sing 
_pdbx_entity_branch_link.details                    ? 
# 
loop_
_pdbx_entity_branch_list.entity_id 
_pdbx_entity_branch_list.comp_id 
_pdbx_entity_branch_list.num 
_pdbx_entity_branch_list.hetero 
2 A2G 1 n 
2 GAL 2 n 
# 
loop_
_pdbx_entity_nonpoly.entity_id 
_pdbx_entity_nonpoly.name 
_pdbx_entity_nonpoly.comp_id 
3 P-NITROPHENOL                                                      NPO 
4 '2-[BIS-(2-HYDROXY-ETHYL)-AMINO]-2-HYDROXYMETHYL-PROPANE-1,3-DIOL' BTB 
5 water                                                              HOH 
# 
_pdbx_initial_refinement_model.id               1 
_pdbx_initial_refinement_model.entity_id_list   ? 
_pdbx_initial_refinement_model.type             'experimental model' 
_pdbx_initial_refinement_model.source_name      PDB 
_pdbx_initial_refinement_model.accession_code   2ZGL 
_pdbx_initial_refinement_model.details          ? 
# 
